data_2LW3
#
_entry.id   2LW3
#
_entity_poly.entity_id   1
_entity_poly.type   'polypeptide(L)'
_entity_poly.pdbx_seq_one_letter_code
;MHLTYEIFGPPGTVADISYFDVNSEPQRVDGAVLPWSLHITTNDAAVMGNIVAQGNSDSIGCRITVDGKVRAERVSNEVN
AYTYCLVKSA
;
_entity_poly.pdbx_strand_id   A
#
# COMPACT_ATOMS: atom_id res chain seq x y z
N MET A 1 5.71 14.77 11.82
CA MET A 1 4.59 15.08 10.88
C MET A 1 4.92 14.53 9.50
N HIS A 2 5.44 13.31 9.47
CA HIS A 2 5.78 12.68 8.19
C HIS A 2 4.89 11.48 7.92
N LEU A 3 4.30 11.45 6.74
CA LEU A 3 3.41 10.35 6.37
C LEU A 3 4.19 9.31 5.56
N THR A 4 4.32 8.12 6.12
CA THR A 4 5.05 7.05 5.46
C THR A 4 4.18 5.79 5.35
N TYR A 5 4.14 5.21 4.14
CA TYR A 5 3.36 3.99 3.93
C TYR A 5 4.28 2.87 3.46
N GLU A 6 3.93 1.65 3.81
CA GLU A 6 4.75 0.50 3.43
C GLU A 6 3.91 -0.77 3.40
N ILE A 7 4.23 -1.65 2.46
CA ILE A 7 3.52 -2.91 2.33
C ILE A 7 4.46 -4.08 2.60
N PHE A 8 3.90 -5.26 2.82
CA PHE A 8 4.73 -6.43 3.08
C PHE A 8 4.29 -7.62 2.24
N GLY A 9 5.12 -8.65 2.17
CA GLY A 9 4.82 -9.84 1.40
C GLY A 9 6.02 -10.78 1.38
N PRO A 10 5.84 -11.98 0.89
CA PRO A 10 6.93 -12.99 0.80
C PRO A 10 8.05 -12.55 -0.15
N PRO A 11 9.19 -13.15 -0.02
CA PRO A 11 10.37 -12.83 -0.87
C PRO A 11 10.21 -13.35 -2.30
N GLY A 12 10.23 -12.44 -3.27
CA GLY A 12 10.09 -12.82 -4.67
C GLY A 12 8.69 -12.53 -5.18
N THR A 13 7.89 -11.85 -4.35
CA THR A 13 6.52 -11.52 -4.73
C THR A 13 6.49 -10.25 -5.57
N VAL A 14 5.71 -10.28 -6.64
CA VAL A 14 5.60 -9.13 -7.53
C VAL A 14 4.19 -8.54 -7.48
N ALA A 15 4.09 -7.26 -7.13
CA ALA A 15 2.80 -6.60 -7.06
C ALA A 15 2.90 -5.17 -7.60
N ASP A 16 1.78 -4.67 -8.13
CA ASP A 16 1.75 -3.32 -8.68
C ASP A 16 1.22 -2.34 -7.64
N ILE A 17 2.07 -1.40 -7.23
CA ILE A 17 1.67 -0.40 -6.25
C ILE A 17 1.24 0.90 -6.94
N SER A 18 0.09 1.40 -6.55
CA SER A 18 -0.46 2.62 -7.13
C SER A 18 -0.98 3.54 -6.06
N TYR A 19 -0.52 4.79 -6.05
CA TYR A 19 -0.97 5.75 -5.06
C TYR A 19 -0.90 7.17 -5.63
N PHE A 20 -1.76 8.05 -5.11
CA PHE A 20 -1.79 9.44 -5.57
C PHE A 20 -0.74 10.26 -4.82
N ASP A 21 0.18 10.86 -5.57
CA ASP A 21 1.23 11.68 -4.97
C ASP A 21 0.71 13.08 -4.66
N VAL A 22 1.29 13.70 -3.64
CA VAL A 22 0.88 15.04 -3.24
C VAL A 22 1.19 16.05 -4.35
N ASN A 23 2.30 15.83 -5.05
CA ASN A 23 2.71 16.72 -6.13
C ASN A 23 2.11 16.27 -7.46
N SER A 24 1.18 15.32 -7.39
CA SER A 24 0.54 14.81 -8.59
C SER A 24 1.52 13.98 -9.42
N GLU A 25 1.73 12.73 -9.01
CA GLU A 25 2.65 11.85 -9.72
C GLU A 25 2.54 10.42 -9.18
N PRO A 26 1.59 9.67 -9.70
CA PRO A 26 1.37 8.26 -9.26
C PRO A 26 2.60 7.38 -9.49
N GLN A 27 2.87 6.50 -8.53
CA GLN A 27 4.02 5.60 -8.63
C GLN A 27 3.57 4.19 -8.96
N ARG A 28 4.23 3.58 -9.93
CA ARG A 28 3.89 2.22 -10.34
C ARG A 28 5.15 1.42 -10.64
N VAL A 29 5.29 0.26 -9.99
CA VAL A 29 6.45 -0.59 -10.19
C VAL A 29 6.04 -1.97 -10.70
N ASP A 30 6.78 -2.48 -11.68
CA ASP A 30 6.48 -3.79 -12.23
C ASP A 30 7.74 -4.64 -12.28
N GLY A 31 7.67 -5.84 -11.71
CA GLY A 31 8.82 -6.74 -11.69
C GLY A 31 9.60 -6.61 -10.38
N ALA A 32 8.93 -6.14 -9.33
CA ALA A 32 9.59 -5.97 -8.05
C ALA A 32 9.57 -7.29 -7.26
N VAL A 33 10.54 -7.46 -6.37
CA VAL A 33 10.62 -8.67 -5.56
C VAL A 33 9.90 -8.48 -4.23
N LEU A 34 10.06 -7.29 -3.64
CA LEU A 34 9.42 -7.01 -2.37
C LEU A 34 9.06 -5.53 -2.27
N PRO A 35 8.12 -5.20 -1.43
CA PRO A 35 7.65 -3.80 -1.23
C PRO A 35 8.67 -2.96 -0.45
N TRP A 36 8.52 -1.65 -0.54
CA TRP A 36 9.42 -0.74 0.17
C TRP A 36 8.62 0.33 0.90
N SER A 37 9.27 1.46 1.17
CA SER A 37 8.62 2.56 1.88
C SER A 37 8.83 3.87 1.15
N LEU A 38 7.99 4.86 1.46
CA LEU A 38 8.10 6.18 0.84
C LEU A 38 8.04 7.27 1.91
N HIS A 39 8.62 8.43 1.59
CA HIS A 39 8.63 9.54 2.53
C HIS A 39 7.84 10.72 1.97
N ILE A 40 6.80 11.14 2.69
CA ILE A 40 5.98 12.26 2.26
C ILE A 40 5.93 13.34 3.32
N THR A 41 6.19 14.58 2.93
CA THR A 41 6.16 15.70 3.86
C THR A 41 4.90 16.53 3.65
N THR A 42 4.19 16.80 4.74
CA THR A 42 2.96 17.59 4.66
C THR A 42 3.02 18.78 5.61
N ASN A 43 2.21 19.79 5.33
CA ASN A 43 2.18 20.98 6.18
C ASN A 43 2.40 20.61 7.64
N ASP A 44 1.32 20.55 8.39
CA ASP A 44 1.40 20.21 9.81
C ASP A 44 0.02 19.79 10.34
N ALA A 45 -0.42 18.60 9.94
CA ALA A 45 -1.72 18.09 10.38
C ALA A 45 -1.89 16.62 10.01
N ALA A 46 -2.88 15.98 10.60
CA ALA A 46 -3.15 14.57 10.32
C ALA A 46 -3.31 14.34 8.82
N VAL A 47 -2.57 13.38 8.28
CA VAL A 47 -2.64 13.07 6.86
C VAL A 47 -2.77 11.56 6.63
N MET A 48 -3.48 11.19 5.57
CA MET A 48 -3.66 9.78 5.25
C MET A 48 -3.79 9.61 3.74
N GLY A 49 -3.37 8.45 3.25
CA GLY A 49 -3.45 8.16 1.82
C GLY A 49 -4.07 6.81 1.55
N ASN A 50 -4.53 6.59 0.33
CA ASN A 50 -5.15 5.33 -0.05
C ASN A 50 -4.20 4.49 -0.90
N ILE A 51 -3.81 3.34 -0.38
CA ILE A 51 -2.90 2.45 -1.10
C ILE A 51 -3.43 1.02 -1.09
N VAL A 52 -3.41 0.38 -2.25
CA VAL A 52 -3.87 -1.00 -2.35
C VAL A 52 -2.85 -1.85 -3.10
N ALA A 53 -2.99 -3.17 -3.01
CA ALA A 53 -2.05 -4.08 -3.67
C ALA A 53 -2.80 -5.25 -4.29
N GLN A 54 -2.34 -5.68 -5.46
CA GLN A 54 -2.97 -6.80 -6.16
C GLN A 54 -1.89 -7.78 -6.64
N GLY A 55 -1.35 -8.57 -5.71
CA GLY A 55 -0.32 -9.54 -6.04
C GLY A 55 -0.72 -10.93 -5.57
N ASN A 56 -0.04 -11.95 -6.09
CA ASN A 56 -0.33 -13.32 -5.71
C ASN A 56 0.27 -13.64 -4.35
N SER A 57 0.03 -12.75 -3.38
CA SER A 57 0.54 -12.94 -2.04
C SER A 57 -0.49 -13.64 -1.15
N ASP A 58 -0.08 -14.00 0.06
CA ASP A 58 -0.97 -14.67 0.99
C ASP A 58 -1.51 -13.69 2.04
N SER A 59 -0.84 -12.55 2.14
CA SER A 59 -1.23 -11.51 3.10
C SER A 59 -0.94 -10.14 2.55
N ILE A 60 -1.96 -9.34 2.34
CA ILE A 60 -1.78 -7.99 1.82
C ILE A 60 -2.67 -7.00 2.55
N GLY A 61 -2.07 -5.95 3.09
CA GLY A 61 -2.82 -4.94 3.82
C GLY A 61 -2.09 -3.60 3.79
N CYS A 62 -2.73 -2.56 4.34
CA CYS A 62 -2.12 -1.24 4.37
C CYS A 62 -1.96 -0.76 5.80
N ARG A 63 -1.24 0.33 5.98
CA ARG A 63 -1.01 0.89 7.31
C ARG A 63 -0.57 2.35 7.22
N ILE A 64 -1.01 3.14 8.20
CA ILE A 64 -0.65 4.55 8.23
C ILE A 64 -0.38 5.01 9.65
N THR A 65 0.82 5.55 9.88
CA THR A 65 1.20 6.02 11.20
C THR A 65 1.60 7.49 11.14
N VAL A 66 0.91 8.31 11.93
CA VAL A 66 1.20 9.75 11.96
C VAL A 66 1.57 10.20 13.36
N ASP A 67 2.28 11.33 13.45
CA ASP A 67 2.67 11.87 14.74
C ASP A 67 3.09 10.75 15.69
N GLY A 68 3.43 9.60 15.14
CA GLY A 68 3.83 8.46 15.96
C GLY A 68 2.64 7.88 16.73
N LYS A 69 1.47 8.48 16.53
CA LYS A 69 0.27 8.04 17.21
C LYS A 69 -0.73 7.46 16.22
N VAL A 70 -1.43 6.41 16.64
CA VAL A 70 -2.42 5.77 15.78
C VAL A 70 -3.64 6.65 15.59
N ARG A 71 -3.98 6.94 14.34
CA ARG A 71 -5.13 7.79 14.05
C ARG A 71 -6.06 7.06 13.08
N ALA A 72 -5.49 6.40 12.09
CA ALA A 72 -6.27 5.66 11.11
C ALA A 72 -5.45 4.51 10.54
N GLU A 73 -6.02 3.31 10.56
CA GLU A 73 -5.31 2.14 10.05
C GLU A 73 -6.30 1.12 9.48
N ARG A 74 -6.00 0.64 8.27
CA ARG A 74 -6.86 -0.34 7.62
C ARG A 74 -6.06 -1.59 7.26
N VAL A 75 -6.46 -2.73 7.83
CA VAL A 75 -5.77 -3.98 7.56
C VAL A 75 -6.74 -5.02 6.99
N SER A 76 -6.46 -5.47 5.77
CA SER A 76 -7.31 -6.46 5.12
C SER A 76 -6.54 -7.77 4.90
N ASN A 77 -7.11 -8.86 5.37
CA ASN A 77 -6.45 -10.16 5.21
C ASN A 77 -6.99 -10.89 3.98
N GLU A 78 -6.07 -11.42 3.18
CA GLU A 78 -6.46 -12.14 1.97
C GLU A 78 -5.44 -13.25 1.66
N VAL A 79 -5.95 -14.46 1.42
CA VAL A 79 -5.08 -15.59 1.12
C VAL A 79 -4.60 -15.53 -0.33
N ASN A 80 -5.21 -14.65 -1.11
CA ASN A 80 -4.85 -14.51 -2.51
C ASN A 80 -5.40 -13.21 -3.07
N ALA A 81 -4.80 -12.09 -2.66
CA ALA A 81 -5.24 -10.78 -3.13
C ALA A 81 -4.97 -10.62 -4.62
N TYR A 82 -5.74 -11.33 -5.43
CA TYR A 82 -5.58 -11.26 -6.89
C TYR A 82 -6.86 -11.69 -7.59
N THR A 83 -7.90 -11.93 -6.80
CA THR A 83 -9.19 -12.35 -7.36
C THR A 83 -10.06 -11.14 -7.67
N TYR A 84 -9.70 -10.00 -7.10
CA TYR A 84 -10.46 -8.78 -7.33
C TYR A 84 -11.85 -8.88 -6.70
N CYS A 85 -12.40 -10.09 -6.69
CA CYS A 85 -13.72 -10.31 -6.11
C CYS A 85 -14.13 -11.77 -6.29
N LEU A 86 -13.94 -12.57 -5.24
CA LEU A 86 -14.29 -13.98 -5.29
C LEU A 86 -14.52 -14.52 -3.88
N VAL A 87 -15.77 -14.45 -3.42
CA VAL A 87 -16.11 -14.95 -2.09
C VAL A 87 -16.38 -16.46 -2.14
N LYS A 88 -15.65 -17.19 -1.31
CA LYS A 88 -15.82 -18.65 -1.26
C LYS A 88 -17.23 -19.04 -1.67
N SER A 89 -17.31 -19.98 -2.62
CA SER A 89 -18.61 -20.43 -3.11
C SER A 89 -18.46 -21.74 -3.90
N ALA A 90 -17.23 -22.04 -4.30
CA ALA A 90 -16.96 -23.25 -5.06
C ALA A 90 -15.55 -23.76 -4.79
N MET A 1 5.61 13.72 12.69
CA MET A 1 5.29 14.74 11.64
C MET A 1 5.67 14.19 10.27
N HIS A 2 6.15 12.95 10.24
CA HIS A 2 6.56 12.33 8.99
C HIS A 2 5.68 11.12 8.70
N LEU A 3 4.96 11.16 7.58
CA LEU A 3 4.10 10.04 7.20
C LEU A 3 4.78 9.14 6.19
N THR A 4 5.04 7.90 6.60
CA THR A 4 5.69 6.93 5.72
C THR A 4 4.87 5.65 5.66
N TYR A 5 4.58 5.18 4.45
CA TYR A 5 3.81 3.95 4.29
C TYR A 5 4.60 2.90 3.54
N GLU A 6 4.35 1.63 3.88
CA GLU A 6 5.06 0.53 3.23
C GLU A 6 4.24 -0.76 3.33
N ILE A 7 4.09 -1.45 2.20
CA ILE A 7 3.34 -2.70 2.18
C ILE A 7 4.29 -3.87 2.42
N PHE A 8 3.74 -5.04 2.68
CA PHE A 8 4.56 -6.22 2.94
C PHE A 8 4.08 -7.41 2.11
N GLY A 9 5.02 -8.24 1.68
CA GLY A 9 4.68 -9.42 0.89
C GLY A 9 5.83 -10.43 0.92
N PRO A 10 5.54 -11.67 0.68
CA PRO A 10 6.56 -12.76 0.67
C PRO A 10 7.76 -12.40 -0.20
N PRO A 11 8.86 -13.09 0.01
CA PRO A 11 10.11 -12.85 -0.77
C PRO A 11 10.05 -13.45 -2.17
N GLY A 12 10.47 -12.67 -3.16
CA GLY A 12 10.46 -13.14 -4.54
C GLY A 12 9.10 -12.91 -5.20
N THR A 13 8.12 -12.53 -4.38
CA THR A 13 6.78 -12.28 -4.90
C THR A 13 6.68 -10.88 -5.49
N VAL A 14 6.15 -10.80 -6.71
CA VAL A 14 6.01 -9.52 -7.39
C VAL A 14 4.58 -9.01 -7.31
N ALA A 15 4.40 -7.79 -6.85
CA ALA A 15 3.07 -7.21 -6.72
C ALA A 15 3.04 -5.79 -7.28
N ASP A 16 1.87 -5.34 -7.70
CA ASP A 16 1.72 -4.00 -8.26
C ASP A 16 1.09 -3.06 -7.23
N ILE A 17 1.73 -1.92 -7.03
CA ILE A 17 1.22 -0.94 -6.06
C ILE A 17 0.89 0.38 -6.77
N SER A 18 -0.32 0.85 -6.58
CA SER A 18 -0.79 2.09 -7.19
C SER A 18 -1.04 3.15 -6.13
N TYR A 19 -0.30 4.24 -6.19
CA TYR A 19 -0.49 5.33 -5.23
C TYR A 19 -0.37 6.69 -5.92
N PHE A 20 -1.15 7.65 -5.44
CA PHE A 20 -1.14 8.99 -6.02
C PHE A 20 0.02 9.80 -5.43
N ASP A 21 0.75 10.49 -6.31
CA ASP A 21 1.88 11.29 -5.87
C ASP A 21 1.47 12.74 -5.63
N VAL A 22 2.20 13.42 -4.75
CA VAL A 22 1.90 14.82 -4.44
C VAL A 22 1.73 15.63 -5.72
N ASN A 23 2.58 15.34 -6.71
CA ASN A 23 2.50 16.04 -7.99
C ASN A 23 1.52 15.36 -8.93
N SER A 24 0.72 14.44 -8.38
CA SER A 24 -0.26 13.72 -9.18
C SER A 24 0.41 12.57 -9.92
N GLU A 25 1.21 12.89 -10.93
CA GLU A 25 1.90 11.87 -11.71
C GLU A 25 2.11 10.61 -10.88
N PRO A 26 1.16 9.71 -10.91
CA PRO A 26 1.23 8.43 -10.14
C PRO A 26 2.36 7.53 -10.65
N GLN A 27 2.98 6.80 -9.73
CA GLN A 27 4.06 5.89 -10.10
C GLN A 27 3.60 4.44 -9.99
N ARG A 28 4.18 3.58 -10.82
CA ARG A 28 3.81 2.17 -10.81
C ARG A 28 5.05 1.29 -10.94
N VAL A 29 5.17 0.31 -10.04
CA VAL A 29 6.31 -0.60 -10.06
C VAL A 29 5.91 -1.94 -10.67
N ASP A 30 6.63 -2.34 -11.72
CA ASP A 30 6.32 -3.61 -12.39
C ASP A 30 7.54 -4.53 -12.36
N GLY A 31 7.46 -5.59 -11.55
CA GLY A 31 8.57 -6.53 -11.45
C GLY A 31 9.41 -6.25 -10.21
N ALA A 32 8.78 -5.69 -9.18
CA ALA A 32 9.49 -5.37 -7.95
C ALA A 32 9.48 -6.57 -7.00
N VAL A 33 10.64 -6.89 -6.44
CA VAL A 33 10.75 -8.00 -5.52
C VAL A 33 9.89 -7.76 -4.28
N LEU A 34 10.37 -6.90 -3.39
CA LEU A 34 9.63 -6.59 -2.17
C LEU A 34 9.25 -5.12 -2.13
N PRO A 35 8.23 -4.79 -1.38
CA PRO A 35 7.75 -3.37 -1.25
C PRO A 35 8.78 -2.46 -0.59
N TRP A 36 8.72 -1.18 -0.94
CA TRP A 36 9.67 -0.21 -0.38
C TRP A 36 8.92 0.81 0.48
N SER A 37 9.62 1.85 0.90
CA SER A 37 9.04 2.89 1.76
C SER A 37 9.21 4.25 1.14
N LEU A 38 8.29 5.16 1.45
CA LEU A 38 8.37 6.53 0.94
C LEU A 38 8.19 7.53 2.08
N HIS A 39 8.74 8.73 1.89
CA HIS A 39 8.64 9.77 2.90
C HIS A 39 8.01 11.03 2.31
N ILE A 40 6.88 11.45 2.88
CA ILE A 40 6.18 12.64 2.40
C ILE A 40 5.84 13.56 3.56
N THR A 41 6.15 14.85 3.40
CA THR A 41 5.87 15.83 4.44
C THR A 41 4.66 16.68 4.08
N THR A 42 3.68 16.72 4.98
CA THR A 42 2.47 17.50 4.73
C THR A 42 2.16 18.40 5.92
N ASN A 43 1.42 19.47 5.68
CA ASN A 43 1.07 20.40 6.74
C ASN A 43 0.95 19.67 8.07
N ASP A 44 1.77 20.08 9.04
CA ASP A 44 1.74 19.45 10.35
C ASP A 44 0.30 19.21 10.81
N ALA A 45 -0.21 18.02 10.51
CA ALA A 45 -1.58 17.67 10.89
C ALA A 45 -1.88 16.22 10.52
N ALA A 46 -3.13 15.82 10.66
CA ALA A 46 -3.52 14.45 10.34
C ALA A 46 -3.50 14.23 8.83
N VAL A 47 -2.58 13.38 8.39
CA VAL A 47 -2.46 13.08 6.96
C VAL A 47 -2.98 11.68 6.68
N MET A 48 -3.46 11.45 5.46
CA MET A 48 -3.99 10.14 5.08
C MET A 48 -3.77 9.87 3.61
N GLY A 49 -3.35 8.64 3.29
CA GLY A 49 -3.11 8.25 1.91
C GLY A 49 -3.92 7.02 1.55
N ASN A 50 -4.17 6.83 0.26
CA ASN A 50 -4.94 5.68 -0.20
C ASN A 50 -4.12 4.80 -1.12
N ILE A 51 -3.85 3.58 -0.68
CA ILE A 51 -3.07 2.63 -1.47
C ILE A 51 -3.80 1.30 -1.60
N VAL A 52 -3.73 0.70 -2.79
CA VAL A 52 -4.38 -0.58 -3.02
C VAL A 52 -3.39 -1.59 -3.59
N ALA A 53 -3.59 -2.87 -3.25
CA ALA A 53 -2.70 -3.92 -3.74
C ALA A 53 -3.51 -5.16 -4.13
N GLN A 54 -3.11 -5.79 -5.23
CA GLN A 54 -3.79 -6.99 -5.69
C GLN A 54 -2.78 -8.03 -6.18
N GLY A 55 -2.16 -8.74 -5.24
CA GLY A 55 -1.18 -9.76 -5.58
C GLY A 55 -1.46 -11.06 -4.84
N ASN A 56 -0.85 -12.14 -5.31
CA ASN A 56 -1.05 -13.44 -4.68
C ASN A 56 -0.20 -13.56 -3.42
N SER A 57 -0.33 -12.58 -2.53
CA SER A 57 0.43 -12.57 -1.29
C SER A 57 -0.43 -13.05 -0.13
N ASP A 58 0.17 -13.19 1.04
CA ASP A 58 -0.55 -13.63 2.22
C ASP A 58 -0.83 -12.46 3.15
N SER A 59 -2.09 -12.31 3.55
CA SER A 59 -2.44 -11.22 4.46
C SER A 59 -1.77 -9.92 4.04
N ILE A 60 -2.44 -9.12 3.26
CA ILE A 60 -1.87 -7.85 2.81
C ILE A 60 -2.79 -6.69 3.17
N GLY A 61 -2.23 -5.68 3.85
CA GLY A 61 -3.01 -4.53 4.26
C GLY A 61 -2.16 -3.26 4.25
N CYS A 62 -2.82 -2.12 4.45
CA CYS A 62 -2.13 -0.84 4.47
C CYS A 62 -2.29 -0.17 5.83
N ARG A 63 -1.44 0.81 6.12
CA ARG A 63 -1.51 1.51 7.39
C ARG A 63 -0.83 2.87 7.30
N ILE A 64 -1.40 3.86 8.00
CA ILE A 64 -0.84 5.20 7.99
C ILE A 64 -0.43 5.61 9.40
N THR A 65 0.83 6.01 9.57
CA THR A 65 1.33 6.41 10.87
C THR A 65 1.59 7.91 10.91
N VAL A 66 1.02 8.59 11.91
CA VAL A 66 1.19 10.02 12.05
C VAL A 66 1.34 10.40 13.52
N ASP A 67 2.29 11.28 13.81
CA ASP A 67 2.52 11.72 15.19
C ASP A 67 3.01 10.56 16.04
N GLY A 68 3.34 9.44 15.38
CA GLY A 68 3.83 8.27 16.09
C GLY A 68 2.68 7.50 16.73
N LYS A 69 1.48 8.06 16.65
CA LYS A 69 0.30 7.41 17.23
C LYS A 69 -0.52 6.73 16.15
N VAL A 70 -1.02 5.54 16.46
CA VAL A 70 -1.82 4.79 15.51
C VAL A 70 -3.24 5.34 15.44
N ARG A 71 -3.81 5.35 14.24
CA ARG A 71 -5.17 5.86 14.06
C ARG A 71 -5.69 5.50 12.67
N ALA A 72 -5.13 4.45 12.08
CA ALA A 72 -5.54 4.02 10.75
C ALA A 72 -5.99 2.56 10.77
N GLU A 73 -6.87 2.21 9.85
CA GLU A 73 -7.38 0.84 9.77
C GLU A 73 -6.60 0.06 8.71
N ARG A 74 -6.44 -1.24 8.94
CA ARG A 74 -5.71 -2.08 7.99
C ARG A 74 -6.53 -3.31 7.62
N VAL A 75 -6.56 -3.61 6.33
CA VAL A 75 -7.30 -4.77 5.84
C VAL A 75 -6.35 -5.92 5.53
N SER A 76 -6.71 -7.12 5.97
CA SER A 76 -5.88 -8.29 5.74
C SER A 76 -6.44 -9.15 4.62
N ASN A 77 -5.67 -9.27 3.54
CA ASN A 77 -6.08 -10.06 2.39
C ASN A 77 -4.99 -11.05 2.00
N GLU A 78 -5.39 -12.29 1.73
CA GLU A 78 -4.44 -13.33 1.35
C GLU A 78 -4.51 -13.61 -0.14
N VAL A 79 -3.61 -14.45 -0.62
CA VAL A 79 -3.58 -14.80 -2.04
C VAL A 79 -4.93 -15.34 -2.50
N ASN A 80 -5.88 -15.38 -1.58
CA ASN A 80 -7.22 -15.86 -1.90
C ASN A 80 -8.24 -14.74 -1.83
N ALA A 81 -7.79 -13.57 -1.38
CA ALA A 81 -8.67 -12.41 -1.27
C ALA A 81 -8.87 -11.77 -2.63
N TYR A 82 -9.67 -12.41 -3.48
CA TYR A 82 -9.94 -11.88 -4.81
C TYR A 82 -11.44 -11.84 -5.08
N THR A 83 -11.81 -11.55 -6.32
CA THR A 83 -13.22 -11.48 -6.69
C THR A 83 -13.91 -12.81 -6.42
N TYR A 84 -14.58 -12.90 -5.27
CA TYR A 84 -15.29 -14.13 -4.91
C TYR A 84 -16.09 -13.91 -3.63
N CYS A 85 -17.40 -13.76 -3.78
CA CYS A 85 -18.27 -13.55 -2.62
C CYS A 85 -19.15 -14.78 -2.40
N LEU A 86 -19.03 -15.38 -1.21
CA LEU A 86 -19.81 -16.56 -0.88
C LEU A 86 -21.24 -16.18 -0.47
N VAL A 87 -21.43 -15.97 0.83
CA VAL A 87 -22.74 -15.60 1.33
C VAL A 87 -23.49 -14.74 0.32
N LYS A 88 -24.34 -15.38 -0.48
CA LYS A 88 -25.11 -14.66 -1.49
C LYS A 88 -26.25 -13.89 -0.85
N SER A 89 -26.73 -14.40 0.28
CA SER A 89 -27.83 -13.75 1.00
C SER A 89 -27.41 -12.36 1.47
N ALA A 90 -28.37 -11.44 1.52
CA ALA A 90 -28.09 -10.07 1.94
C ALA A 90 -29.39 -9.29 2.09
N MET A 1 4.16 13.61 12.24
CA MET A 1 5.00 14.62 11.53
C MET A 1 5.28 14.13 10.11
N HIS A 2 5.95 12.99 10.01
CA HIS A 2 6.28 12.42 8.72
C HIS A 2 5.44 11.17 8.45
N LEU A 3 4.75 11.15 7.33
CA LEU A 3 3.91 10.01 6.98
C LEU A 3 4.65 9.06 6.05
N THR A 4 4.89 7.84 6.53
CA THR A 4 5.60 6.84 5.74
C THR A 4 4.78 5.55 5.65
N TYR A 5 4.60 5.04 4.45
CA TYR A 5 3.84 3.81 4.25
C TYR A 5 4.68 2.76 3.54
N GLU A 6 4.41 1.49 3.83
CA GLU A 6 5.17 0.40 3.21
C GLU A 6 4.34 -0.89 3.19
N ILE A 7 4.57 -1.70 2.16
CA ILE A 7 3.86 -2.96 2.02
C ILE A 7 4.83 -4.13 2.19
N PHE A 8 4.30 -5.32 2.43
CA PHE A 8 5.14 -6.50 2.60
C PHE A 8 4.47 -7.73 1.98
N GLY A 9 5.29 -8.72 1.65
CA GLY A 9 4.78 -9.95 1.05
C GLY A 9 5.88 -11.02 0.96
N PRO A 10 5.50 -12.22 0.63
CA PRO A 10 6.46 -13.35 0.50
C PRO A 10 7.69 -12.99 -0.31
N PRO A 11 8.79 -13.64 -0.05
CA PRO A 11 10.07 -13.38 -0.78
C PRO A 11 9.99 -13.79 -2.24
N GLY A 12 10.19 -12.82 -3.14
CA GLY A 12 10.13 -13.10 -4.57
C GLY A 12 8.75 -12.78 -5.13
N THR A 13 7.85 -12.31 -4.27
CA THR A 13 6.50 -11.98 -4.69
C THR A 13 6.50 -10.66 -5.46
N VAL A 14 5.63 -10.57 -6.46
CA VAL A 14 5.54 -9.37 -7.28
C VAL A 14 4.16 -8.73 -7.11
N ALA A 15 4.14 -7.43 -6.81
CA ALA A 15 2.88 -6.71 -6.63
C ALA A 15 2.97 -5.30 -7.19
N ASP A 16 1.84 -4.77 -7.63
CA ASP A 16 1.79 -3.42 -8.19
C ASP A 16 1.20 -2.45 -7.17
N ILE A 17 1.94 -1.39 -6.86
CA ILE A 17 1.47 -0.41 -5.89
C ILE A 17 1.15 0.93 -6.57
N SER A 18 0.01 1.48 -6.23
CA SER A 18 -0.45 2.75 -6.79
C SER A 18 -0.94 3.68 -5.70
N TYR A 19 -0.48 4.91 -5.71
CA TYR A 19 -0.89 5.87 -4.69
C TYR A 19 -0.87 7.30 -5.23
N PHE A 20 -1.66 8.17 -4.61
CA PHE A 20 -1.71 9.56 -5.03
C PHE A 20 -0.58 10.35 -4.40
N ASP A 21 0.29 10.93 -5.23
CA ASP A 21 1.42 11.71 -4.72
C ASP A 21 1.03 13.16 -4.54
N VAL A 22 1.61 13.80 -3.52
CA VAL A 22 1.32 15.20 -3.24
C VAL A 22 1.55 16.05 -4.47
N ASN A 23 2.40 15.57 -5.38
CA ASN A 23 2.70 16.30 -6.60
C ASN A 23 1.68 15.97 -7.69
N SER A 24 0.77 15.06 -7.38
CA SER A 24 -0.26 14.66 -8.34
C SER A 24 0.32 13.71 -9.38
N GLU A 25 1.25 12.87 -8.94
CA GLU A 25 1.87 11.90 -9.85
C GLU A 25 1.98 10.54 -9.17
N PRO A 26 1.14 9.61 -9.54
CA PRO A 26 1.14 8.23 -8.94
C PRO A 26 2.26 7.37 -9.50
N GLN A 27 2.89 6.59 -8.63
CA GLN A 27 3.98 5.71 -9.05
C GLN A 27 3.53 4.25 -9.05
N ARG A 28 4.09 3.46 -9.96
CA ARG A 28 3.73 2.06 -10.05
C ARG A 28 4.99 1.21 -10.31
N VAL A 29 5.13 0.14 -9.54
CA VAL A 29 6.28 -0.74 -9.69
C VAL A 29 5.84 -2.12 -10.17
N ASP A 30 6.32 -2.53 -11.34
CA ASP A 30 5.97 -3.82 -11.89
C ASP A 30 7.19 -4.73 -11.93
N GLY A 31 6.96 -6.03 -11.72
CA GLY A 31 8.04 -7.00 -11.73
C GLY A 31 8.95 -6.79 -10.53
N ALA A 32 8.56 -5.88 -9.64
CA ALA A 32 9.36 -5.61 -8.45
C ALA A 32 9.48 -6.86 -7.58
N VAL A 33 10.68 -7.08 -7.06
CA VAL A 33 10.92 -8.25 -6.22
C VAL A 33 10.24 -8.08 -4.87
N LEU A 34 10.37 -6.90 -4.28
CA LEU A 34 9.76 -6.62 -2.99
C LEU A 34 9.33 -5.16 -2.89
N PRO A 35 8.37 -4.89 -2.05
CA PRO A 35 7.84 -3.51 -1.84
C PRO A 35 8.85 -2.60 -1.16
N TRP A 36 8.64 -1.29 -1.30
CA TRP A 36 9.54 -0.31 -0.70
C TRP A 36 8.74 0.72 0.09
N SER A 37 9.42 1.68 0.68
CA SER A 37 8.77 2.72 1.49
C SER A 37 8.87 4.07 0.82
N LEU A 38 8.05 5.00 1.29
CA LEU A 38 8.07 6.37 0.77
C LEU A 38 7.83 7.37 1.90
N HIS A 39 8.47 8.53 1.81
CA HIS A 39 8.31 9.55 2.84
C HIS A 39 7.77 10.85 2.25
N ILE A 40 6.64 11.31 2.79
CA ILE A 40 6.03 12.55 2.30
C ILE A 40 5.75 13.48 3.47
N THR A 41 6.33 14.68 3.41
CA THR A 41 6.13 15.67 4.47
C THR A 41 5.16 16.76 4.01
N THR A 42 4.09 16.93 4.76
CA THR A 42 3.08 17.94 4.43
C THR A 42 2.78 18.81 5.65
N ASN A 43 2.25 20.00 5.39
CA ASN A 43 1.91 20.93 6.46
C ASN A 43 1.63 20.18 7.76
N ASP A 44 2.68 19.99 8.56
CA ASP A 44 2.53 19.28 9.83
C ASP A 44 1.14 19.51 10.41
N ALA A 45 0.44 18.42 10.70
CA ALA A 45 -0.90 18.51 11.27
C ALA A 45 -1.64 17.19 11.13
N ALA A 46 -2.02 16.86 9.90
CA ALA A 46 -2.73 15.61 9.64
C ALA A 46 -2.55 15.17 8.19
N VAL A 47 -1.99 14.00 7.99
CA VAL A 47 -1.75 13.48 6.65
C VAL A 47 -2.33 12.08 6.50
N MET A 48 -2.80 11.76 5.30
CA MET A 48 -3.38 10.44 5.03
C MET A 48 -3.20 10.07 3.56
N GLY A 49 -3.28 8.77 3.28
CA GLY A 49 -3.12 8.30 1.91
C GLY A 49 -3.87 6.97 1.71
N ASN A 50 -4.21 6.68 0.46
CA ASN A 50 -4.93 5.45 0.15
C ASN A 50 -4.11 4.59 -0.81
N ILE A 51 -3.70 3.41 -0.34
CA ILE A 51 -2.91 2.50 -1.16
C ILE A 51 -3.50 1.10 -1.13
N VAL A 52 -3.56 0.45 -2.28
CA VAL A 52 -4.09 -0.90 -2.37
C VAL A 52 -3.17 -1.79 -3.19
N ALA A 53 -3.09 -3.06 -2.81
CA ALA A 53 -2.23 -4.01 -3.53
C ALA A 53 -3.05 -5.21 -4.01
N GLN A 54 -2.52 -5.90 -5.02
CA GLN A 54 -3.20 -7.07 -5.56
C GLN A 54 -2.18 -8.14 -5.96
N GLY A 55 -1.64 -8.84 -4.97
CA GLY A 55 -0.65 -9.88 -5.23
C GLY A 55 -1.18 -11.24 -4.80
N ASN A 56 -0.55 -12.30 -5.28
CA ASN A 56 -0.96 -13.65 -4.93
C ASN A 56 -0.44 -14.03 -3.55
N SER A 57 -0.26 -13.03 -2.70
CA SER A 57 0.23 -13.27 -1.35
C SER A 57 -0.85 -13.91 -0.49
N ASP A 58 -0.57 -14.08 0.80
CA ASP A 58 -1.52 -14.68 1.71
C ASP A 58 -2.02 -13.67 2.73
N SER A 59 -1.20 -12.65 2.99
CA SER A 59 -1.53 -11.62 3.95
C SER A 59 -0.88 -10.30 3.59
N ILE A 60 -1.63 -9.39 3.01
CA ILE A 60 -1.10 -8.09 2.62
C ILE A 60 -2.09 -6.98 2.96
N GLY A 61 -1.58 -5.90 3.53
CA GLY A 61 -2.43 -4.76 3.89
C GLY A 61 -1.59 -3.49 4.02
N CYS A 62 -2.28 -2.36 4.21
CA CYS A 62 -1.58 -1.09 4.35
C CYS A 62 -1.98 -0.39 5.64
N ARG A 63 -1.17 0.58 6.06
CA ARG A 63 -1.45 1.31 7.30
C ARG A 63 -0.92 2.74 7.18
N ILE A 64 -1.47 3.63 8.00
CA ILE A 64 -1.05 5.03 7.99
C ILE A 64 -0.66 5.48 9.39
N THR A 65 0.54 6.06 9.50
CA THR A 65 1.02 6.54 10.78
C THR A 65 1.40 8.01 10.70
N VAL A 66 0.94 8.80 11.67
CA VAL A 66 1.24 10.23 11.69
C VAL A 66 1.45 10.71 13.12
N ASP A 67 2.30 11.73 13.28
CA ASP A 67 2.58 12.26 14.60
C ASP A 67 2.90 11.15 15.58
N GLY A 68 3.19 9.96 15.04
CA GLY A 68 3.53 8.81 15.86
C GLY A 68 2.27 8.20 16.48
N LYS A 69 1.12 8.77 16.14
CA LYS A 69 -0.15 8.28 16.67
C LYS A 69 -1.03 7.76 15.53
N VAL A 70 -1.50 6.53 15.66
CA VAL A 70 -2.36 5.93 14.64
C VAL A 70 -3.76 6.52 14.72
N ARG A 71 -4.33 6.83 13.57
CA ARG A 71 -5.68 7.39 13.51
C ARG A 71 -6.56 6.63 12.54
N ALA A 72 -5.95 6.14 11.46
CA ALA A 72 -6.70 5.37 10.46
C ALA A 72 -5.82 4.30 9.83
N GLU A 73 -6.32 3.07 9.80
CA GLU A 73 -5.56 1.97 9.21
C GLU A 73 -6.51 0.92 8.65
N ARG A 74 -6.30 0.56 7.38
CA ARG A 74 -7.13 -0.44 6.73
C ARG A 74 -6.31 -1.69 6.41
N VAL A 75 -6.65 -2.80 7.04
CA VAL A 75 -5.92 -4.05 6.81
C VAL A 75 -6.82 -5.09 6.16
N SER A 76 -6.30 -5.74 5.11
CA SER A 76 -7.07 -6.75 4.40
C SER A 76 -6.21 -8.00 4.19
N ASN A 77 -6.63 -9.10 4.80
CA ASN A 77 -5.90 -10.35 4.67
C ASN A 77 -6.54 -11.24 3.61
N GLU A 78 -5.72 -11.74 2.69
CA GLU A 78 -6.23 -12.59 1.63
C GLU A 78 -5.28 -13.76 1.38
N VAL A 79 -5.85 -14.98 1.33
CA VAL A 79 -5.05 -16.17 1.09
C VAL A 79 -4.62 -16.23 -0.37
N ASN A 80 -5.09 -15.27 -1.16
CA ASN A 80 -4.75 -15.21 -2.58
C ASN A 80 -5.48 -14.05 -3.24
N ALA A 81 -5.02 -12.83 -2.96
CA ALA A 81 -5.65 -11.64 -3.54
C ALA A 81 -5.30 -11.51 -5.01
N TYR A 82 -6.23 -11.89 -5.87
CA TYR A 82 -6.02 -11.81 -7.31
C TYR A 82 -7.28 -11.31 -8.00
N THR A 83 -8.12 -10.60 -7.25
CA THR A 83 -9.36 -10.06 -7.80
C THR A 83 -9.07 -9.14 -8.97
N TYR A 84 -10.12 -8.67 -9.63
CA TYR A 84 -9.96 -7.77 -10.77
C TYR A 84 -10.63 -6.44 -10.50
N CYS A 85 -10.49 -5.94 -9.28
CA CYS A 85 -11.09 -4.67 -8.89
C CYS A 85 -12.41 -4.46 -9.60
N LEU A 86 -13.51 -4.70 -8.88
CA LEU A 86 -14.84 -4.53 -9.45
C LEU A 86 -14.96 -3.18 -10.14
N VAL A 87 -15.48 -3.17 -11.36
CA VAL A 87 -15.63 -1.93 -12.11
C VAL A 87 -16.30 -2.20 -13.46
N LYS A 88 -16.13 -3.41 -13.97
CA LYS A 88 -16.72 -3.77 -15.26
C LYS A 88 -18.18 -4.19 -15.07
N SER A 89 -19.03 -3.81 -16.03
CA SER A 89 -20.44 -4.14 -15.96
C SER A 89 -20.63 -5.65 -16.07
N ALA A 90 -19.83 -6.30 -16.91
CA ALA A 90 -19.93 -7.74 -17.09
C ALA A 90 -19.52 -8.46 -15.81
N MET A 1 6.29 14.75 11.83
CA MET A 1 4.99 14.83 11.07
C MET A 1 5.20 14.32 9.65
N HIS A 2 5.74 13.10 9.53
CA HIS A 2 5.99 12.51 8.23
C HIS A 2 5.08 11.31 8.00
N LEU A 3 4.35 11.33 6.90
CA LEU A 3 3.44 10.23 6.58
C LEU A 3 4.09 9.25 5.61
N THR A 4 4.31 8.02 6.09
CA THR A 4 4.93 7.00 5.25
C THR A 4 4.06 5.74 5.23
N TYR A 5 4.01 5.08 4.08
CA TYR A 5 3.22 3.86 3.95
C TYR A 5 4.08 2.73 3.40
N GLU A 6 3.77 1.50 3.82
CA GLU A 6 4.53 0.34 3.35
C GLU A 6 3.70 -0.93 3.46
N ILE A 7 3.73 -1.74 2.41
CA ILE A 7 2.99 -2.99 2.40
C ILE A 7 3.94 -4.15 2.66
N PHE A 8 3.39 -5.35 2.88
CA PHE A 8 4.23 -6.51 3.15
C PHE A 8 3.79 -7.71 2.29
N GLY A 9 4.58 -8.77 2.36
CA GLY A 9 4.29 -9.97 1.59
C GLY A 9 5.54 -10.83 1.42
N PRO A 10 5.39 -12.11 1.29
CA PRO A 10 6.53 -13.04 1.13
C PRO A 10 7.61 -12.47 0.21
N PRO A 11 8.86 -12.65 0.55
CA PRO A 11 10.00 -12.14 -0.26
C PRO A 11 10.13 -12.85 -1.61
N GLY A 12 10.34 -12.07 -2.67
CA GLY A 12 10.46 -12.63 -4.00
C GLY A 12 9.15 -12.52 -4.77
N THR A 13 8.14 -11.96 -4.12
CA THR A 13 6.84 -11.81 -4.75
C THR A 13 6.77 -10.50 -5.54
N VAL A 14 6.16 -10.57 -6.72
CA VAL A 14 6.05 -9.38 -7.57
C VAL A 14 4.59 -8.93 -7.65
N ALA A 15 4.34 -7.68 -7.27
CA ALA A 15 2.99 -7.13 -7.30
C ALA A 15 3.00 -5.71 -7.87
N ASP A 16 1.86 -5.28 -8.38
CA ASP A 16 1.75 -3.94 -8.94
C ASP A 16 1.25 -2.96 -7.90
N ILE A 17 2.09 -2.00 -7.55
CA ILE A 17 1.73 -1.01 -6.54
C ILE A 17 1.43 0.34 -7.19
N SER A 18 0.30 0.93 -6.83
CA SER A 18 -0.13 2.21 -7.39
C SER A 18 -0.61 3.14 -6.31
N TYR A 19 -0.05 4.34 -6.23
CA TYR A 19 -0.46 5.30 -5.23
C TYR A 19 -0.38 6.73 -5.78
N PHE A 20 -1.12 7.64 -5.16
CA PHE A 20 -1.12 9.03 -5.60
C PHE A 20 -0.01 9.82 -4.90
N ASP A 21 0.69 10.66 -5.68
CA ASP A 21 1.77 11.46 -5.12
C ASP A 21 1.36 12.93 -5.06
N VAL A 22 1.29 13.46 -3.85
CA VAL A 22 0.90 14.85 -3.66
C VAL A 22 2.05 15.79 -4.04
N ASN A 23 3.21 15.21 -4.34
CA ASN A 23 4.36 16.01 -4.72
C ASN A 23 4.40 16.22 -6.23
N SER A 24 3.67 15.39 -6.96
CA SER A 24 3.62 15.50 -8.42
C SER A 24 2.64 14.49 -9.01
N GLU A 25 3.12 13.70 -9.96
CA GLU A 25 2.28 12.69 -10.61
C GLU A 25 2.47 11.34 -9.94
N PRO A 26 1.46 10.52 -9.97
CA PRO A 26 1.52 9.16 -9.35
C PRO A 26 2.63 8.30 -9.96
N GLN A 27 3.31 7.55 -9.12
CA GLN A 27 4.41 6.69 -9.59
C GLN A 27 3.98 5.23 -9.59
N ARG A 28 4.64 4.42 -10.41
CA ARG A 28 4.33 3.01 -10.50
C ARG A 28 5.60 2.18 -10.65
N VAL A 29 5.78 1.22 -9.76
CA VAL A 29 6.96 0.36 -9.80
C VAL A 29 6.57 -1.08 -10.14
N ASP A 30 7.08 -1.57 -11.27
CA ASP A 30 6.77 -2.93 -11.71
C ASP A 30 8.04 -3.79 -11.71
N GLY A 31 7.93 -4.99 -11.15
CA GLY A 31 9.08 -5.90 -11.10
C GLY A 31 9.85 -5.74 -9.79
N ALA A 32 9.13 -5.38 -8.72
CA ALA A 32 9.76 -5.19 -7.42
C ALA A 32 9.79 -6.51 -6.65
N VAL A 33 10.81 -6.67 -5.82
CA VAL A 33 10.96 -7.89 -5.04
C VAL A 33 10.08 -7.81 -3.78
N LEU A 34 10.25 -6.74 -3.02
CA LEU A 34 9.46 -6.55 -1.81
C LEU A 34 9.06 -5.09 -1.65
N PRO A 35 7.96 -4.84 -1.00
CA PRO A 35 7.44 -3.45 -0.79
C PRO A 35 8.47 -2.57 -0.07
N TRP A 36 8.31 -1.26 -0.22
CA TRP A 36 9.22 -0.32 0.40
C TRP A 36 8.44 0.76 1.16
N SER A 37 9.09 1.88 1.43
CA SER A 37 8.47 2.98 2.16
C SER A 37 8.73 4.30 1.47
N LEU A 38 7.76 5.21 1.52
CA LEU A 38 7.91 6.52 0.92
C LEU A 38 7.56 7.60 1.93
N HIS A 39 8.27 8.73 1.88
CA HIS A 39 8.03 9.82 2.80
C HIS A 39 7.37 11.00 2.08
N ILE A 40 6.23 11.43 2.60
CA ILE A 40 5.50 12.55 2.00
C ILE A 40 5.13 13.56 3.09
N THR A 41 5.46 14.83 2.86
CA THR A 41 5.16 15.87 3.83
C THR A 41 4.03 16.78 3.33
N THR A 42 2.97 16.85 4.12
CA THR A 42 1.84 17.70 3.74
C THR A 42 1.51 18.67 4.87
N ASN A 43 1.47 19.96 4.55
CA ASN A 43 1.16 20.97 5.55
C ASN A 43 1.61 20.52 6.94
N ASP A 44 0.74 20.70 7.93
CA ASP A 44 1.06 20.30 9.29
C ASP A 44 -0.15 19.67 9.96
N ALA A 45 -0.20 18.34 9.98
CA ALA A 45 -1.31 17.63 10.60
C ALA A 45 -1.26 16.15 10.24
N ALA A 46 -2.31 15.43 10.61
CA ALA A 46 -2.38 14.00 10.33
C ALA A 46 -3.06 13.76 8.98
N VAL A 47 -2.48 12.86 8.19
CA VAL A 47 -3.05 12.54 6.88
C VAL A 47 -3.03 11.04 6.64
N MET A 48 -3.86 10.58 5.71
CA MET A 48 -3.92 9.14 5.41
C MET A 48 -3.82 8.91 3.90
N GLY A 49 -3.20 7.80 3.52
CA GLY A 49 -3.04 7.47 2.11
C GLY A 49 -3.81 6.19 1.77
N ASN A 50 -4.24 6.08 0.51
CA ASN A 50 -4.97 4.91 0.07
C ASN A 50 -4.16 4.11 -0.93
N ILE A 51 -3.79 2.89 -0.54
CA ILE A 51 -3.00 2.03 -1.42
C ILE A 51 -3.59 0.61 -1.44
N VAL A 52 -3.62 0.02 -2.63
CA VAL A 52 -4.16 -1.33 -2.79
C VAL A 52 -3.20 -2.20 -3.59
N ALA A 53 -3.42 -3.51 -3.55
CA ALA A 53 -2.58 -4.44 -4.28
C ALA A 53 -3.41 -5.60 -4.82
N GLN A 54 -3.00 -6.13 -5.97
CA GLN A 54 -3.71 -7.24 -6.58
C GLN A 54 -2.74 -8.36 -6.96
N GLY A 55 -2.10 -8.95 -5.95
CA GLY A 55 -1.15 -10.03 -6.18
C GLY A 55 -1.61 -11.31 -5.51
N ASN A 56 -1.02 -12.43 -5.91
CA ASN A 56 -1.38 -13.72 -5.36
C ASN A 56 -0.60 -13.99 -4.07
N SER A 57 -0.64 -13.04 -3.15
CA SER A 57 0.07 -13.18 -1.89
C SER A 57 -0.81 -13.87 -0.85
N ASP A 58 -0.38 -13.85 0.41
CA ASP A 58 -1.15 -14.48 1.47
C ASP A 58 -1.71 -13.43 2.43
N SER A 59 -0.90 -12.44 2.77
CA SER A 59 -1.31 -11.38 3.68
C SER A 59 -1.06 -10.02 3.09
N ILE A 60 -2.08 -9.17 3.07
CA ILE A 60 -1.95 -7.82 2.54
C ILE A 60 -2.75 -6.84 3.39
N GLY A 61 -2.26 -5.60 3.48
CA GLY A 61 -2.94 -4.57 4.27
C GLY A 61 -2.15 -3.26 4.25
N CYS A 62 -2.81 -2.18 4.64
CA CYS A 62 -2.16 -0.88 4.67
C CYS A 62 -2.13 -0.33 6.09
N ARG A 63 -1.23 0.63 6.33
CA ARG A 63 -1.10 1.23 7.65
C ARG A 63 -0.60 2.67 7.54
N ILE A 64 -0.91 3.48 8.55
CA ILE A 64 -0.47 4.87 8.56
C ILE A 64 0.00 5.27 9.94
N THR A 65 1.29 5.58 10.06
CA THR A 65 1.87 5.97 11.34
C THR A 65 2.39 7.41 11.27
N VAL A 66 1.94 8.24 12.22
CA VAL A 66 2.37 9.63 12.26
C VAL A 66 2.95 9.96 13.64
N ASP A 67 4.09 10.65 13.65
CA ASP A 67 4.73 11.01 14.90
C ASP A 67 4.90 9.79 15.80
N GLY A 68 4.92 8.60 15.18
CA GLY A 68 5.07 7.37 15.93
C GLY A 68 3.75 6.97 16.60
N LYS A 69 2.69 7.69 16.27
CA LYS A 69 1.38 7.41 16.85
C LYS A 69 0.39 7.04 15.76
N VAL A 70 -0.26 5.89 15.91
CA VAL A 70 -1.23 5.43 14.93
C VAL A 70 -2.52 6.23 15.03
N ARG A 71 -3.09 6.58 13.88
CA ARG A 71 -4.33 7.34 13.84
C ARG A 71 -5.45 6.52 13.22
N ALA A 72 -5.32 6.24 11.92
CA ALA A 72 -6.32 5.46 11.21
C ALA A 72 -5.65 4.55 10.19
N GLU A 73 -5.95 3.26 10.25
CA GLU A 73 -5.37 2.30 9.31
C GLU A 73 -6.34 1.16 9.03
N ARG A 74 -6.56 0.89 7.74
CA ARG A 74 -7.45 -0.19 7.34
C ARG A 74 -6.67 -1.47 7.09
N VAL A 75 -7.09 -2.55 7.73
CA VAL A 75 -6.41 -3.84 7.55
C VAL A 75 -7.34 -4.87 6.94
N SER A 76 -6.99 -5.34 5.75
CA SER A 76 -7.81 -6.34 5.06
C SER A 76 -6.96 -7.54 4.68
N ASN A 77 -7.27 -8.70 5.24
CA ASN A 77 -6.52 -9.91 4.95
C ASN A 77 -7.23 -10.73 3.88
N GLU A 78 -6.48 -11.13 2.86
CA GLU A 78 -7.04 -11.94 1.78
C GLU A 78 -6.05 -12.98 1.32
N VAL A 79 -6.51 -14.22 1.23
CA VAL A 79 -5.64 -15.33 0.80
C VAL A 79 -5.56 -15.37 -0.73
N ASN A 80 -4.55 -14.71 -1.28
CA ASN A 80 -4.37 -14.68 -2.73
C ASN A 80 -5.25 -13.61 -3.36
N ALA A 81 -5.01 -12.36 -2.99
CA ALA A 81 -5.78 -11.25 -3.54
C ALA A 81 -5.63 -11.18 -5.05
N TYR A 82 -6.24 -12.15 -5.74
CA TYR A 82 -6.17 -12.19 -7.20
C TYR A 82 -7.58 -12.27 -7.79
N THR A 83 -8.48 -11.47 -7.24
CA THR A 83 -9.86 -11.44 -7.71
C THR A 83 -9.92 -11.54 -9.23
N TYR A 84 -11.14 -11.71 -9.76
CA TYR A 84 -11.32 -11.82 -11.20
C TYR A 84 -10.59 -13.03 -11.76
N CYS A 85 -11.18 -13.66 -12.78
CA CYS A 85 -10.57 -14.83 -13.39
C CYS A 85 -11.28 -15.17 -14.70
N LEU A 86 -10.51 -15.64 -15.68
CA LEU A 86 -11.08 -16.01 -16.97
C LEU A 86 -11.28 -17.52 -17.06
N VAL A 87 -12.52 -17.96 -16.90
CA VAL A 87 -12.83 -19.38 -16.98
C VAL A 87 -14.22 -19.60 -17.55
N LYS A 88 -14.90 -18.52 -17.89
CA LYS A 88 -16.23 -18.61 -18.46
C LYS A 88 -17.09 -19.58 -17.65
N SER A 89 -18.03 -19.03 -16.88
CA SER A 89 -18.92 -19.86 -16.07
C SER A 89 -20.01 -20.49 -16.93
N ALA A 90 -20.90 -19.66 -17.46
CA ALA A 90 -21.98 -20.15 -18.29
C ALA A 90 -22.50 -21.49 -17.77
N MET A 1 6.59 14.91 11.60
CA MET A 1 5.39 15.05 10.72
C MET A 1 5.68 14.39 9.38
N HIS A 2 6.39 13.27 9.42
CA HIS A 2 6.72 12.55 8.19
C HIS A 2 5.76 11.38 7.99
N LEU A 3 5.02 11.41 6.89
CA LEU A 3 4.06 10.36 6.60
C LEU A 3 4.67 9.35 5.60
N THR A 4 4.87 8.13 6.07
CA THR A 4 5.45 7.09 5.22
C THR A 4 4.57 5.84 5.22
N TYR A 5 4.44 5.21 4.06
CA TYR A 5 3.63 4.00 3.94
C TYR A 5 4.44 2.89 3.28
N GLU A 6 4.13 1.64 3.65
CA GLU A 6 4.85 0.51 3.10
C GLU A 6 3.99 -0.76 3.17
N ILE A 7 4.27 -1.70 2.28
CA ILE A 7 3.53 -2.96 2.24
C ILE A 7 4.47 -4.13 2.54
N PHE A 8 3.89 -5.26 2.92
CA PHE A 8 4.68 -6.45 3.24
C PHE A 8 4.07 -7.69 2.60
N GLY A 9 4.91 -8.71 2.43
CA GLY A 9 4.45 -9.96 1.83
C GLY A 9 5.60 -10.95 1.69
N PRO A 10 5.29 -12.19 1.39
CA PRO A 10 6.31 -13.25 1.23
C PRO A 10 7.49 -12.80 0.36
N PRO A 11 8.66 -13.31 0.62
CA PRO A 11 9.88 -12.95 -0.15
C PRO A 11 9.85 -13.51 -1.57
N GLY A 12 10.21 -12.68 -2.54
CA GLY A 12 10.21 -13.12 -3.94
C GLY A 12 8.88 -12.82 -4.61
N THR A 13 7.97 -12.22 -3.86
CA THR A 13 6.66 -11.87 -4.39
C THR A 13 6.72 -10.58 -5.19
N VAL A 14 6.08 -10.58 -6.36
CA VAL A 14 6.08 -9.40 -7.21
C VAL A 14 4.67 -8.82 -7.31
N ALA A 15 4.54 -7.55 -6.95
CA ALA A 15 3.24 -6.89 -7.00
C ALA A 15 3.37 -5.45 -7.47
N ASP A 16 2.31 -4.92 -8.08
CA ASP A 16 2.32 -3.54 -8.57
C ASP A 16 1.62 -2.62 -7.58
N ILE A 17 2.35 -1.62 -7.08
CA ILE A 17 1.79 -0.68 -6.12
C ILE A 17 1.35 0.61 -6.83
N SER A 18 0.14 1.04 -6.54
CA SER A 18 -0.43 2.25 -7.14
C SER A 18 -0.99 3.16 -6.07
N TYR A 19 -0.47 4.37 -5.97
CA TYR A 19 -0.95 5.33 -4.97
C TYR A 19 -0.95 6.74 -5.55
N PHE A 20 -1.53 7.68 -4.82
CA PHE A 20 -1.59 9.07 -5.28
C PHE A 20 -0.34 9.82 -4.84
N ASP A 21 0.28 10.52 -5.78
CA ASP A 21 1.49 11.28 -5.48
C ASP A 21 1.12 12.69 -5.03
N VAL A 22 1.83 13.18 -4.01
CA VAL A 22 1.59 14.51 -3.47
C VAL A 22 1.66 15.56 -4.58
N ASN A 23 2.41 15.25 -5.64
CA ASN A 23 2.56 16.19 -6.75
C ASN A 23 1.46 15.97 -7.79
N SER A 24 0.49 15.14 -7.44
CA SER A 24 -0.62 14.86 -8.34
C SER A 24 -0.14 14.03 -9.53
N GLU A 25 0.35 12.82 -9.25
CA GLU A 25 0.85 11.93 -10.28
C GLU A 25 1.12 10.54 -9.71
N PRO A 26 0.16 9.67 -9.76
CA PRO A 26 0.31 8.28 -9.24
C PRO A 26 1.45 7.52 -9.90
N GLN A 27 2.18 6.76 -9.09
CA GLN A 27 3.31 5.97 -9.60
C GLN A 27 2.98 4.49 -9.61
N ARG A 28 3.65 3.74 -10.47
CA ARG A 28 3.42 2.30 -10.58
C ARG A 28 4.75 1.57 -10.70
N VAL A 29 4.98 0.60 -9.81
CA VAL A 29 6.21 -0.17 -9.84
C VAL A 29 5.97 -1.58 -10.36
N ASP A 30 6.66 -1.93 -11.44
CA ASP A 30 6.51 -3.25 -12.04
C ASP A 30 7.85 -3.97 -12.06
N GLY A 31 7.87 -5.20 -11.56
CA GLY A 31 9.09 -5.99 -11.52
C GLY A 31 9.84 -5.78 -10.22
N ALA A 32 9.16 -5.17 -9.24
CA ALA A 32 9.77 -4.92 -7.94
C ALA A 32 9.67 -6.15 -7.05
N VAL A 33 10.80 -6.56 -6.50
CA VAL A 33 10.83 -7.72 -5.62
C VAL A 33 9.95 -7.49 -4.39
N LEU A 34 10.56 -7.07 -3.29
CA LEU A 34 9.80 -6.80 -2.07
C LEU A 34 9.34 -5.35 -2.04
N PRO A 35 8.32 -5.07 -1.28
CA PRO A 35 7.75 -3.70 -1.14
C PRO A 35 8.77 -2.69 -0.61
N TRP A 36 8.57 -1.43 -0.93
CA TRP A 36 9.48 -0.38 -0.48
C TRP A 36 8.71 0.68 0.32
N SER A 37 9.44 1.64 0.86
CA SER A 37 8.84 2.71 1.67
C SER A 37 8.98 4.04 0.97
N LEU A 38 8.05 4.95 1.26
CA LEU A 38 8.10 6.29 0.69
C LEU A 38 7.94 7.33 1.79
N HIS A 39 8.51 8.51 1.57
CA HIS A 39 8.44 9.59 2.56
C HIS A 39 7.59 10.75 2.05
N ILE A 40 6.58 11.12 2.83
CA ILE A 40 5.70 12.23 2.46
C ILE A 40 5.55 13.21 3.61
N THR A 41 5.70 14.50 3.31
CA THR A 41 5.57 15.53 4.35
C THR A 41 4.35 16.40 4.08
N THR A 42 3.52 16.57 5.11
CA THR A 42 2.32 17.37 4.98
C THR A 42 2.32 18.51 6.01
N ASN A 43 1.85 19.69 5.58
CA ASN A 43 1.81 20.85 6.47
C ASN A 43 0.67 20.72 7.47
N ASP A 44 1.02 20.48 8.73
CA ASP A 44 0.01 20.34 9.78
C ASP A 44 -1.31 19.86 9.20
N ALA A 45 -1.43 18.55 9.03
CA ALA A 45 -2.65 17.96 8.48
C ALA A 45 -2.51 16.45 8.33
N ALA A 46 -3.57 15.72 8.66
CA ALA A 46 -3.55 14.27 8.57
C ALA A 46 -4.20 13.81 7.27
N VAL A 47 -3.47 13.02 6.50
CA VAL A 47 -3.98 12.52 5.23
C VAL A 47 -3.53 11.07 5.01
N MET A 48 -4.50 10.18 4.81
CA MET A 48 -4.19 8.78 4.59
C MET A 48 -4.07 8.48 3.09
N GLY A 49 -3.05 7.72 2.72
CA GLY A 49 -2.84 7.37 1.32
C GLY A 49 -3.58 6.08 0.96
N ASN A 50 -4.01 6.00 -0.29
CA ASN A 50 -4.73 4.82 -0.76
C ASN A 50 -3.80 3.94 -1.60
N ILE A 51 -3.53 2.73 -1.10
CA ILE A 51 -2.65 1.82 -1.81
C ILE A 51 -3.28 0.44 -1.94
N VAL A 52 -3.08 -0.19 -3.09
CA VAL A 52 -3.63 -1.52 -3.33
C VAL A 52 -2.59 -2.41 -4.00
N ALA A 53 -2.81 -3.72 -3.96
CA ALA A 53 -1.87 -4.66 -4.55
C ALA A 53 -2.62 -5.82 -5.21
N GLN A 54 -2.08 -6.31 -6.31
CA GLN A 54 -2.70 -7.42 -7.03
C GLN A 54 -1.73 -8.60 -7.11
N GLY A 55 -1.05 -8.88 -6.01
CA GLY A 55 -0.10 -9.99 -5.96
C GLY A 55 -0.74 -11.24 -5.39
N ASN A 56 -0.16 -12.40 -5.70
CA ASN A 56 -0.69 -13.66 -5.21
C ASN A 56 -0.25 -13.90 -3.76
N SER A 57 0.00 -12.81 -3.04
CA SER A 57 0.43 -12.92 -1.65
C SER A 57 -0.68 -13.54 -0.81
N ASP A 58 -0.47 -13.56 0.51
CA ASP A 58 -1.45 -14.13 1.42
C ASP A 58 -1.97 -13.09 2.40
N SER A 59 -1.05 -12.51 3.17
CA SER A 59 -1.39 -11.49 4.16
C SER A 59 -1.10 -10.11 3.63
N ILE A 60 -2.12 -9.42 3.12
CA ILE A 60 -1.94 -8.07 2.60
C ILE A 60 -2.76 -7.07 3.42
N GLY A 61 -2.27 -5.85 3.51
CA GLY A 61 -2.96 -4.81 4.27
C GLY A 61 -2.18 -3.50 4.25
N CYS A 62 -2.85 -2.41 4.56
CA CYS A 62 -2.21 -1.10 4.56
C CYS A 62 -2.24 -0.47 5.95
N ARG A 63 -1.33 0.45 6.20
CA ARG A 63 -1.26 1.13 7.49
C ARG A 63 -0.69 2.54 7.33
N ILE A 64 -1.28 3.50 8.03
CA ILE A 64 -0.81 4.88 7.95
C ILE A 64 -0.50 5.42 9.35
N THR A 65 0.72 5.93 9.52
CA THR A 65 1.12 6.48 10.81
C THR A 65 1.58 7.93 10.64
N VAL A 66 1.04 8.82 11.46
CA VAL A 66 1.41 10.23 11.39
C VAL A 66 1.85 10.74 12.76
N ASP A 67 3.04 11.33 12.81
CA ASP A 67 3.57 11.85 14.06
C ASP A 67 3.83 10.71 15.05
N GLY A 68 3.78 9.48 14.55
CA GLY A 68 4.01 8.31 15.40
C GLY A 68 2.72 7.90 16.11
N LYS A 69 1.67 8.69 15.93
CA LYS A 69 0.38 8.39 16.56
C LYS A 69 -0.52 7.64 15.59
N VAL A 70 -1.13 6.56 16.06
CA VAL A 70 -2.02 5.77 15.23
C VAL A 70 -3.43 6.35 15.24
N ARG A 71 -3.95 6.63 14.05
CA ARG A 71 -5.29 7.19 13.93
C ARG A 71 -6.14 6.37 12.97
N ALA A 72 -5.64 6.16 11.76
CA ALA A 72 -6.35 5.39 10.76
C ALA A 72 -5.54 4.16 10.35
N GLU A 73 -6.17 2.99 10.38
CA GLU A 73 -5.50 1.76 10.01
C GLU A 73 -6.49 0.74 9.46
N ARG A 74 -6.24 0.29 8.23
CA ARG A 74 -7.12 -0.70 7.60
C ARG A 74 -6.33 -1.98 7.30
N VAL A 75 -6.78 -3.08 7.89
CA VAL A 75 -6.10 -4.36 7.69
C VAL A 75 -7.09 -5.43 7.25
N SER A 76 -6.88 -5.98 6.06
CA SER A 76 -7.76 -7.03 5.54
C SER A 76 -6.92 -8.17 4.97
N ASN A 77 -7.06 -9.36 5.58
CA ASN A 77 -6.31 -10.52 5.12
C ASN A 77 -7.12 -11.34 4.13
N GLU A 78 -6.53 -11.65 2.98
CA GLU A 78 -7.19 -12.43 1.96
C GLU A 78 -6.17 -13.09 1.04
N VAL A 79 -6.32 -14.38 0.82
CA VAL A 79 -5.40 -15.11 -0.05
C VAL A 79 -5.50 -14.57 -1.47
N ASN A 80 -6.26 -13.50 -1.63
CA ASN A 80 -6.44 -12.88 -2.94
C ASN A 80 -7.10 -11.51 -2.80
N ALA A 81 -6.38 -10.59 -2.17
CA ALA A 81 -6.90 -9.24 -1.96
C ALA A 81 -7.06 -8.50 -3.29
N TYR A 82 -7.51 -9.23 -4.30
CA TYR A 82 -7.71 -8.64 -5.62
C TYR A 82 -8.28 -9.67 -6.59
N THR A 83 -9.54 -9.46 -6.99
CA THR A 83 -10.20 -10.39 -7.91
C THR A 83 -10.55 -9.68 -9.21
N TYR A 84 -9.69 -9.83 -10.21
CA TYR A 84 -9.92 -9.21 -11.52
C TYR A 84 -10.86 -8.01 -11.40
N CYS A 85 -11.77 -7.90 -12.36
CA CYS A 85 -12.73 -6.80 -12.37
C CYS A 85 -13.83 -7.05 -13.39
N LEU A 86 -15.05 -7.29 -12.89
CA LEU A 86 -16.18 -7.55 -13.77
C LEU A 86 -16.36 -6.41 -14.76
N VAL A 87 -17.39 -6.51 -15.59
CA VAL A 87 -17.67 -5.48 -16.58
C VAL A 87 -19.17 -5.26 -16.73
N LYS A 88 -19.66 -4.14 -16.18
CA LYS A 88 -21.08 -3.82 -16.25
C LYS A 88 -21.28 -2.44 -16.87
N SER A 89 -20.75 -1.42 -16.20
CA SER A 89 -20.89 -0.05 -16.69
C SER A 89 -20.01 0.15 -17.94
N ALA A 90 -20.53 -0.22 -19.09
CA ALA A 90 -19.80 -0.07 -20.34
C ALA A 90 -20.72 -0.26 -21.53
N MET A 1 5.32 13.49 12.74
CA MET A 1 4.85 14.56 11.82
C MET A 1 5.15 14.16 10.37
N HIS A 2 5.76 12.99 10.21
CA HIS A 2 6.08 12.50 8.87
C HIS A 2 5.15 11.37 8.48
N LEU A 3 4.55 11.48 7.30
CA LEU A 3 3.63 10.45 6.82
C LEU A 3 4.35 9.49 5.88
N THR A 4 4.45 8.24 6.29
CA THR A 4 5.10 7.22 5.48
C THR A 4 4.19 6.01 5.28
N TYR A 5 4.19 5.47 4.07
CA TYR A 5 3.36 4.31 3.77
C TYR A 5 4.24 3.15 3.29
N GLU A 6 3.81 1.92 3.58
CA GLU A 6 4.57 0.75 3.17
C GLU A 6 3.68 -0.48 3.07
N ILE A 7 3.97 -1.34 2.10
CA ILE A 7 3.20 -2.56 1.91
C ILE A 7 4.10 -3.76 2.16
N PHE A 8 3.51 -4.95 2.28
CA PHE A 8 4.30 -6.15 2.52
C PHE A 8 3.74 -7.34 1.74
N GLY A 9 4.56 -8.38 1.64
CA GLY A 9 4.15 -9.59 0.91
C GLY A 9 5.20 -10.68 1.08
N PRO A 10 4.85 -11.90 0.75
CA PRO A 10 5.76 -13.07 0.87
C PRO A 10 7.18 -12.72 0.41
N PRO A 11 8.13 -13.57 0.71
CA PRO A 11 9.55 -13.36 0.33
C PRO A 11 9.82 -13.75 -1.12
N GLY A 12 10.20 -12.77 -1.93
CA GLY A 12 10.50 -13.03 -3.34
C GLY A 12 9.25 -12.89 -4.21
N THR A 13 8.19 -12.33 -3.63
CA THR A 13 6.95 -12.15 -4.37
C THR A 13 6.98 -10.84 -5.17
N VAL A 14 6.30 -10.84 -6.31
CA VAL A 14 6.26 -9.65 -7.15
C VAL A 14 4.86 -9.05 -7.17
N ALA A 15 4.75 -7.78 -6.78
CA ALA A 15 3.46 -7.10 -6.76
C ALA A 15 3.63 -5.65 -7.20
N ASP A 16 2.62 -5.15 -7.92
CA ASP A 16 2.66 -3.77 -8.40
C ASP A 16 1.93 -2.85 -7.44
N ILE A 17 2.60 -1.79 -7.01
CA ILE A 17 2.00 -0.83 -6.08
C ILE A 17 1.69 0.48 -6.80
N SER A 18 0.44 0.91 -6.71
CA SER A 18 0.00 2.14 -7.36
C SER A 18 -0.74 3.03 -6.38
N TYR A 19 -0.30 4.27 -6.24
CA TYR A 19 -0.96 5.22 -5.35
C TYR A 19 -0.89 6.64 -5.91
N PHE A 20 -1.63 7.56 -5.30
CA PHE A 20 -1.64 8.93 -5.75
C PHE A 20 -0.49 9.72 -5.12
N ASP A 21 0.39 10.25 -5.97
CA ASP A 21 1.54 11.01 -5.49
C ASP A 21 1.18 12.50 -5.40
N VAL A 22 0.99 12.99 -4.18
CA VAL A 22 0.65 14.39 -3.98
C VAL A 22 1.73 15.29 -4.54
N ASN A 23 2.81 14.69 -5.02
CA ASN A 23 3.92 15.45 -5.59
C ASN A 23 3.58 15.92 -7.01
N SER A 24 2.63 15.24 -7.63
CA SER A 24 2.22 15.59 -8.99
C SER A 24 1.53 14.42 -9.67
N GLU A 25 2.29 13.62 -10.41
CA GLU A 25 1.73 12.48 -11.10
C GLU A 25 2.02 11.19 -10.34
N PRO A 26 1.13 10.22 -10.44
CA PRO A 26 1.28 8.92 -9.73
C PRO A 26 2.39 8.06 -10.34
N GLN A 27 3.07 7.29 -9.49
CA GLN A 27 4.15 6.42 -9.95
C GLN A 27 3.72 4.96 -9.90
N ARG A 28 4.35 4.14 -10.73
CA ARG A 28 4.02 2.72 -10.77
C ARG A 28 5.29 1.87 -10.74
N VAL A 29 5.27 0.83 -9.91
CA VAL A 29 6.43 -0.05 -9.78
C VAL A 29 6.09 -1.46 -10.24
N ASP A 30 6.86 -1.99 -11.18
CA ASP A 30 6.63 -3.33 -11.70
C ASP A 30 7.95 -4.08 -11.83
N GLY A 31 7.97 -5.33 -11.37
CA GLY A 31 9.17 -6.15 -11.44
C GLY A 31 9.96 -6.07 -10.14
N ALA A 32 9.37 -5.44 -9.14
CA ALA A 32 10.03 -5.29 -7.84
C ALA A 32 9.96 -6.60 -7.06
N VAL A 33 10.92 -6.81 -6.18
CA VAL A 33 10.95 -8.02 -5.37
C VAL A 33 10.20 -7.80 -4.06
N LEU A 34 10.21 -6.58 -3.56
CA LEU A 34 9.51 -6.26 -2.32
C LEU A 34 9.17 -4.76 -2.26
N PRO A 35 8.16 -4.42 -1.53
CA PRO A 35 7.72 -3.00 -1.37
C PRO A 35 8.79 -2.13 -0.73
N TRP A 36 8.70 -0.82 -0.93
CA TRP A 36 9.68 0.11 -0.37
C TRP A 36 8.98 1.13 0.52
N SER A 37 9.65 2.24 0.77
CA SER A 37 9.12 3.30 1.62
C SER A 37 9.35 4.66 1.00
N LEU A 38 8.34 5.53 1.07
CA LEU A 38 8.47 6.87 0.53
C LEU A 38 8.08 7.91 1.59
N HIS A 39 8.77 9.04 1.59
CA HIS A 39 8.50 10.10 2.55
C HIS A 39 7.78 11.27 1.88
N ILE A 40 6.58 11.59 2.35
CA ILE A 40 5.80 12.68 1.80
C ILE A 40 5.49 13.72 2.87
N THR A 41 5.76 14.99 2.56
CA THR A 41 5.50 16.07 3.50
C THR A 41 4.37 16.97 3.00
N THR A 42 3.42 17.25 3.88
CA THR A 42 2.28 18.09 3.51
C THR A 42 2.34 19.41 4.27
N ASN A 43 1.67 20.43 3.73
CA ASN A 43 1.65 21.74 4.37
C ASN A 43 1.20 21.62 5.82
N ASP A 44 0.60 20.47 6.15
CA ASP A 44 0.13 20.23 7.51
C ASP A 44 1.07 19.30 8.25
N ALA A 45 0.57 18.12 8.61
CA ALA A 45 1.39 17.15 9.33
C ALA A 45 0.71 15.78 9.34
N ALA A 46 -0.53 15.74 9.84
CA ALA A 46 -1.27 14.49 9.89
C ALA A 46 -2.18 14.34 8.67
N VAL A 47 -1.98 13.27 7.91
CA VAL A 47 -2.79 13.02 6.73
C VAL A 47 -2.92 11.52 6.47
N MET A 48 -3.92 11.16 5.68
CA MET A 48 -4.13 9.75 5.36
C MET A 48 -4.09 9.54 3.85
N GLY A 49 -3.81 8.30 3.44
CA GLY A 49 -3.73 7.98 2.02
C GLY A 49 -4.30 6.59 1.74
N ASN A 50 -4.89 6.42 0.56
CA ASN A 50 -5.46 5.14 0.17
C ASN A 50 -4.54 4.41 -0.80
N ILE A 51 -4.06 3.24 -0.38
CA ILE A 51 -3.18 2.44 -1.22
C ILE A 51 -3.64 0.99 -1.25
N VAL A 52 -3.51 0.35 -2.41
CA VAL A 52 -3.91 -1.04 -2.55
C VAL A 52 -2.93 -1.79 -3.44
N ALA A 53 -2.98 -3.12 -3.38
CA ALA A 53 -2.10 -3.96 -4.18
C ALA A 53 -2.86 -5.14 -4.76
N GLN A 54 -2.33 -5.72 -5.84
CA GLN A 54 -2.98 -6.86 -6.47
C GLN A 54 -1.96 -7.95 -6.81
N GLY A 55 -1.53 -8.68 -5.78
CA GLY A 55 -0.56 -9.75 -5.99
C GLY A 55 -1.07 -11.06 -5.40
N ASN A 56 -0.57 -12.18 -5.94
CA ASN A 56 -1.00 -13.49 -5.47
C ASN A 56 -0.30 -13.83 -4.16
N SER A 57 -0.42 -12.95 -3.17
CA SER A 57 0.21 -13.17 -1.87
C SER A 57 -0.68 -14.02 -0.98
N ASP A 58 -0.34 -14.08 0.30
CA ASP A 58 -1.12 -14.87 1.25
C ASP A 58 -1.67 -13.98 2.36
N SER A 59 -1.14 -12.76 2.45
CA SER A 59 -1.56 -11.81 3.49
C SER A 59 -1.22 -10.39 3.09
N ILE A 60 -2.20 -9.51 3.08
CA ILE A 60 -1.96 -8.12 2.73
C ILE A 60 -2.73 -7.19 3.67
N GLY A 61 -2.28 -5.94 3.78
CA GLY A 61 -2.94 -4.98 4.64
C GLY A 61 -2.28 -3.61 4.54
N CYS A 62 -3.03 -2.56 4.88
CA CYS A 62 -2.51 -1.20 4.82
C CYS A 62 -2.63 -0.54 6.18
N ARG A 63 -1.74 0.41 6.46
CA ARG A 63 -1.75 1.11 7.74
C ARG A 63 -1.00 2.44 7.64
N ILE A 64 -1.44 3.43 8.41
CA ILE A 64 -0.80 4.73 8.39
C ILE A 64 -0.48 5.20 9.81
N THR A 65 0.79 5.49 10.07
CA THR A 65 1.22 5.95 11.38
C THR A 65 1.83 7.34 11.28
N VAL A 66 1.46 8.20 12.23
CA VAL A 66 1.98 9.57 12.23
C VAL A 66 2.47 9.96 13.62
N ASP A 67 3.48 10.82 13.67
CA ASP A 67 4.03 11.27 14.95
C ASP A 67 4.47 10.07 15.79
N GLY A 68 4.45 8.89 15.19
CA GLY A 68 4.84 7.67 15.89
C GLY A 68 3.71 7.17 16.77
N LYS A 69 2.53 7.74 16.59
CA LYS A 69 1.36 7.35 17.38
C LYS A 69 0.28 6.75 16.48
N VAL A 70 -0.30 5.64 16.91
CA VAL A 70 -1.34 4.97 16.13
C VAL A 70 -2.62 5.81 16.13
N ARG A 71 -3.06 6.20 14.95
CA ARG A 71 -4.29 6.99 14.83
C ARG A 71 -5.35 6.23 14.07
N ALA A 72 -5.16 6.09 12.75
CA ALA A 72 -6.11 5.38 11.92
C ALA A 72 -5.41 4.36 11.03
N GLU A 73 -5.97 3.16 10.96
CA GLU A 73 -5.38 2.10 10.14
C GLU A 73 -6.46 1.17 9.61
N ARG A 74 -6.16 0.47 8.52
CA ARG A 74 -7.13 -0.45 7.93
C ARG A 74 -6.53 -1.85 7.82
N VAL A 75 -7.27 -2.84 8.30
CA VAL A 75 -6.81 -4.22 8.25
C VAL A 75 -7.68 -5.05 7.32
N SER A 76 -7.08 -5.59 6.27
CA SER A 76 -7.82 -6.40 5.31
C SER A 76 -7.06 -7.70 5.00
N ASN A 77 -7.71 -8.83 5.25
CA ASN A 77 -7.08 -10.12 5.01
C ASN A 77 -7.68 -10.78 3.77
N GLU A 78 -6.82 -11.22 2.86
CA GLU A 78 -7.27 -11.88 1.64
C GLU A 78 -6.16 -12.76 1.06
N VAL A 79 -6.54 -13.98 0.68
CA VAL A 79 -5.57 -14.91 0.11
C VAL A 79 -5.36 -14.63 -1.38
N ASN A 80 -4.10 -14.63 -1.81
CA ASN A 80 -3.79 -14.38 -3.21
C ASN A 80 -4.73 -13.33 -3.78
N ALA A 81 -4.82 -12.19 -3.11
CA ALA A 81 -5.69 -11.12 -3.57
C ALA A 81 -5.25 -10.59 -4.92
N TYR A 82 -5.86 -11.11 -5.98
CA TYR A 82 -5.52 -10.70 -7.34
C TYR A 82 -6.79 -10.38 -8.14
N THR A 83 -7.87 -10.10 -7.41
CA THR A 83 -9.14 -9.78 -8.06
C THR A 83 -9.05 -8.47 -8.82
N TYR A 84 -9.23 -8.54 -10.13
CA TYR A 84 -9.17 -7.34 -10.97
C TYR A 84 -10.58 -6.85 -11.30
N CYS A 85 -11.29 -6.39 -10.28
CA CYS A 85 -12.65 -5.89 -10.47
C CYS A 85 -13.63 -7.05 -10.63
N LEU A 86 -13.28 -8.20 -10.06
CA LEU A 86 -14.13 -9.37 -10.14
C LEU A 86 -15.35 -9.22 -9.24
N VAL A 87 -16.53 -9.44 -9.80
CA VAL A 87 -17.77 -9.31 -9.03
C VAL A 87 -18.66 -10.53 -9.23
N LYS A 88 -19.12 -10.74 -10.45
CA LYS A 88 -19.98 -11.87 -10.76
C LYS A 88 -19.33 -13.17 -10.32
N SER A 89 -18.16 -13.46 -10.89
CA SER A 89 -17.44 -14.68 -10.54
C SER A 89 -18.15 -15.90 -11.08
N ALA A 90 -19.25 -16.29 -10.42
CA ALA A 90 -20.02 -17.45 -10.85
C ALA A 90 -21.41 -17.43 -10.21
N MET A 1 7.30 14.76 12.03
CA MET A 1 5.98 14.63 11.38
C MET A 1 6.15 14.10 9.97
N HIS A 2 6.66 12.88 9.86
CA HIS A 2 6.87 12.26 8.55
C HIS A 2 5.91 11.11 8.35
N LEU A 3 5.13 11.17 7.27
CA LEU A 3 4.17 10.11 6.98
C LEU A 3 4.77 9.10 6.00
N THR A 4 4.97 7.88 6.47
CA THR A 4 5.54 6.83 5.64
C THR A 4 4.66 5.58 5.65
N TYR A 5 4.40 5.04 4.47
CA TYR A 5 3.57 3.84 4.36
C TYR A 5 4.33 2.74 3.64
N GLU A 6 4.06 1.50 4.00
CA GLU A 6 4.73 0.36 3.36
C GLU A 6 3.88 -0.90 3.51
N ILE A 7 3.99 -1.79 2.52
CA ILE A 7 3.24 -3.03 2.55
C ILE A 7 4.18 -4.21 2.81
N PHE A 8 3.62 -5.40 2.95
CA PHE A 8 4.42 -6.59 3.20
C PHE A 8 3.88 -7.78 2.41
N GLY A 9 4.79 -8.67 2.00
CA GLY A 9 4.39 -9.85 1.24
C GLY A 9 5.48 -10.91 1.29
N PRO A 10 5.12 -12.15 1.05
CA PRO A 10 6.09 -13.28 1.06
C PRO A 10 7.40 -12.94 0.37
N PRO A 11 8.44 -13.68 0.64
CA PRO A 11 9.78 -13.46 0.04
C PRO A 11 9.86 -13.91 -1.41
N GLY A 12 10.21 -12.99 -2.29
CA GLY A 12 10.33 -13.31 -3.71
C GLY A 12 9.02 -13.01 -4.44
N THR A 13 8.11 -12.32 -3.75
CA THR A 13 6.82 -11.98 -4.35
C THR A 13 6.94 -10.72 -5.20
N VAL A 14 6.43 -10.79 -6.42
CA VAL A 14 6.48 -9.64 -7.32
C VAL A 14 5.08 -9.11 -7.60
N ALA A 15 4.85 -7.84 -7.28
CA ALA A 15 3.55 -7.22 -7.51
C ALA A 15 3.71 -5.76 -7.93
N ASP A 16 2.71 -5.24 -8.62
CA ASP A 16 2.75 -3.85 -9.08
C ASP A 16 2.02 -2.95 -8.09
N ILE A 17 2.76 -2.05 -7.47
CA ILE A 17 2.18 -1.13 -6.49
C ILE A 17 1.91 0.23 -7.12
N SER A 18 0.72 0.77 -6.86
CA SER A 18 0.32 2.06 -7.41
C SER A 18 -0.34 2.91 -6.34
N TYR A 19 0.08 4.17 -6.22
CA TYR A 19 -0.51 5.06 -5.24
C TYR A 19 -0.57 6.49 -5.79
N PHE A 20 -1.36 7.34 -5.13
CA PHE A 20 -1.49 8.72 -5.56
C PHE A 20 -0.37 9.58 -4.98
N ASP A 21 0.21 10.43 -5.82
CA ASP A 21 1.30 11.30 -5.37
C ASP A 21 0.77 12.70 -5.05
N VAL A 22 1.45 13.39 -4.15
CA VAL A 22 1.05 14.73 -3.75
C VAL A 22 1.15 15.68 -4.94
N ASN A 23 2.09 15.42 -5.83
CA ASN A 23 2.29 16.25 -7.00
C ASN A 23 1.21 15.98 -8.04
N SER A 24 0.28 15.09 -7.70
CA SER A 24 -0.80 14.75 -8.61
C SER A 24 -0.41 13.54 -9.46
N GLU A 25 0.75 13.62 -10.10
CA GLU A 25 1.23 12.54 -10.94
C GLU A 25 1.40 11.27 -10.10
N PRO A 26 0.63 10.25 -10.36
CA PRO A 26 0.72 8.97 -9.59
C PRO A 26 1.94 8.15 -9.97
N GLN A 27 2.56 7.52 -8.98
CA GLN A 27 3.75 6.71 -9.23
C GLN A 27 3.42 5.22 -9.10
N ARG A 28 4.07 4.40 -9.91
CA ARG A 28 3.83 2.96 -9.88
C ARG A 28 5.15 2.19 -10.02
N VAL A 29 5.38 1.23 -9.13
CA VAL A 29 6.60 0.44 -9.16
C VAL A 29 6.32 -0.94 -9.71
N ASP A 30 7.03 -1.32 -10.77
CA ASP A 30 6.85 -2.63 -11.38
C ASP A 30 8.16 -3.40 -11.40
N GLY A 31 8.09 -4.68 -11.02
CA GLY A 31 9.29 -5.52 -10.99
C GLY A 31 9.93 -5.52 -9.61
N ALA A 32 9.15 -5.11 -8.61
CA ALA A 32 9.65 -5.08 -7.23
C ALA A 32 9.43 -6.42 -6.55
N VAL A 33 10.50 -6.96 -5.96
CA VAL A 33 10.40 -8.25 -5.28
C VAL A 33 9.74 -8.08 -3.92
N LEU A 34 9.64 -6.83 -3.46
CA LEU A 34 9.01 -6.55 -2.18
C LEU A 34 8.57 -5.08 -2.11
N PRO A 35 7.60 -4.80 -1.28
CA PRO A 35 7.07 -3.42 -1.10
C PRO A 35 8.15 -2.42 -0.70
N TRP A 36 7.94 -1.16 -1.05
CA TRP A 36 8.89 -0.12 -0.72
C TRP A 36 8.26 0.93 0.18
N SER A 37 9.08 1.72 0.85
CA SER A 37 8.60 2.77 1.74
C SER A 37 8.88 4.15 1.17
N LEU A 38 7.92 5.05 1.31
CA LEU A 38 8.09 6.41 0.80
C LEU A 38 7.73 7.43 1.88
N HIS A 39 8.51 8.51 1.95
CA HIS A 39 8.26 9.54 2.94
C HIS A 39 7.77 10.82 2.28
N ILE A 40 6.55 11.24 2.63
CA ILE A 40 5.98 12.46 2.07
C ILE A 40 5.48 13.37 3.17
N THR A 41 5.87 14.64 3.11
CA THR A 41 5.46 15.60 4.13
C THR A 41 4.37 16.52 3.58
N THR A 42 3.24 16.57 4.28
CA THR A 42 2.14 17.42 3.86
C THR A 42 2.12 18.71 4.68
N ASN A 43 1.57 19.77 4.10
CA ASN A 43 1.51 21.05 4.80
C ASN A 43 0.70 20.93 6.09
N ASP A 44 0.35 19.69 6.45
CA ASP A 44 -0.41 19.45 7.66
C ASP A 44 0.32 18.48 8.58
N ALA A 45 -0.12 17.24 8.61
CA ALA A 45 0.51 16.23 9.44
C ALA A 45 -0.34 14.96 9.51
N ALA A 46 -1.59 15.12 9.93
CA ALA A 46 -2.50 13.98 10.04
C ALA A 46 -3.24 13.76 8.72
N VAL A 47 -2.97 12.64 8.08
CA VAL A 47 -3.62 12.33 6.80
C VAL A 47 -3.38 10.88 6.40
N MET A 48 -4.37 10.26 5.78
CA MET A 48 -4.27 8.88 5.34
C MET A 48 -4.47 8.78 3.83
N GLY A 49 -3.72 7.88 3.20
CA GLY A 49 -3.83 7.70 1.76
C GLY A 49 -4.45 6.35 1.43
N ASN A 50 -4.92 6.22 0.18
CA ASN A 50 -5.54 4.98 -0.26
C ASN A 50 -4.60 4.20 -1.17
N ILE A 51 -4.21 3.00 -0.74
CA ILE A 51 -3.31 2.18 -1.53
C ILE A 51 -3.86 0.75 -1.66
N VAL A 52 -3.86 0.24 -2.88
CA VAL A 52 -4.36 -1.11 -3.12
C VAL A 52 -3.29 -1.96 -3.80
N ALA A 53 -3.28 -3.25 -3.50
CA ALA A 53 -2.31 -4.16 -4.08
C ALA A 53 -3.00 -5.38 -4.69
N GLN A 54 -2.53 -5.79 -5.87
CA GLN A 54 -3.11 -6.93 -6.55
C GLN A 54 -2.05 -8.00 -6.81
N GLY A 55 -1.63 -8.69 -5.76
CA GLY A 55 -0.62 -9.73 -5.88
C GLY A 55 -1.10 -11.03 -5.28
N ASN A 56 -0.43 -12.13 -5.61
CA ASN A 56 -0.81 -13.44 -5.10
C ASN A 56 -0.19 -13.68 -3.72
N SER A 57 -0.13 -12.62 -2.91
CA SER A 57 0.44 -12.74 -1.57
C SER A 57 -0.46 -13.56 -0.68
N ASP A 58 -0.06 -13.69 0.59
CA ASP A 58 -0.86 -14.46 1.54
C ASP A 58 -1.59 -13.53 2.51
N SER A 59 -0.91 -12.47 2.94
CA SER A 59 -1.48 -11.51 3.87
C SER A 59 -1.17 -10.09 3.46
N ILE A 60 -2.18 -9.31 3.11
CA ILE A 60 -1.98 -7.93 2.72
C ILE A 60 -2.68 -6.98 3.69
N GLY A 61 -2.25 -5.73 3.70
CA GLY A 61 -2.84 -4.73 4.59
C GLY A 61 -2.09 -3.40 4.50
N CYS A 62 -2.81 -2.31 4.70
CA CYS A 62 -2.21 -0.98 4.65
C CYS A 62 -2.32 -0.29 6.01
N ARG A 63 -1.38 0.61 6.29
CA ARG A 63 -1.38 1.34 7.55
C ARG A 63 -0.65 2.66 7.40
N ILE A 64 -1.00 3.63 8.25
CA ILE A 64 -0.37 4.94 8.20
C ILE A 64 -0.07 5.44 9.61
N THR A 65 1.20 5.77 9.86
CA THR A 65 1.62 6.25 11.18
C THR A 65 2.26 7.63 11.06
N VAL A 66 1.97 8.49 12.03
CA VAL A 66 2.53 9.84 12.03
C VAL A 66 2.79 10.31 13.46
N ASP A 67 3.79 11.15 13.62
CA ASP A 67 4.14 11.67 14.94
C ASP A 67 4.24 10.53 15.96
N GLY A 68 4.36 9.32 15.46
CA GLY A 68 4.46 8.14 16.33
C GLY A 68 3.09 7.65 16.75
N LYS A 69 2.06 8.45 16.44
CA LYS A 69 0.69 8.08 16.79
C LYS A 69 -0.12 7.77 15.52
N VAL A 70 -0.71 6.58 15.48
CA VAL A 70 -1.50 6.18 14.33
C VAL A 70 -2.91 6.76 14.42
N ARG A 71 -3.33 7.49 13.39
CA ARG A 71 -4.65 8.09 13.37
C ARG A 71 -5.64 7.17 12.65
N ALA A 72 -5.16 6.48 11.62
CA ALA A 72 -6.01 5.59 10.85
C ALA A 72 -5.25 4.32 10.47
N GLU A 73 -5.93 3.18 10.52
CA GLU A 73 -5.30 1.91 10.18
C GLU A 73 -6.31 0.94 9.57
N ARG A 74 -6.03 0.48 8.36
CA ARG A 74 -6.92 -0.45 7.68
C ARG A 74 -6.14 -1.67 7.21
N VAL A 75 -6.48 -2.83 7.77
CA VAL A 75 -5.80 -4.06 7.39
C VAL A 75 -6.79 -5.11 6.88
N SER A 76 -6.61 -5.51 5.63
CA SER A 76 -7.49 -6.51 5.03
C SER A 76 -6.67 -7.72 4.59
N ASN A 77 -6.98 -8.88 5.17
CA ASN A 77 -6.27 -10.10 4.84
C ASN A 77 -6.99 -10.88 3.75
N GLU A 78 -6.25 -11.27 2.71
CA GLU A 78 -6.84 -12.01 1.61
C GLU A 78 -5.78 -12.91 0.96
N VAL A 79 -6.17 -14.15 0.66
CA VAL A 79 -5.24 -15.10 0.04
C VAL A 79 -5.42 -15.11 -1.47
N ASN A 80 -4.31 -14.95 -2.19
CA ASN A 80 -4.35 -14.95 -3.65
C ASN A 80 -5.22 -13.82 -4.17
N ALA A 81 -5.18 -12.69 -3.48
CA ALA A 81 -5.98 -11.53 -3.90
C ALA A 81 -5.54 -11.06 -5.28
N TYR A 82 -6.50 -10.99 -6.20
CA TYR A 82 -6.19 -10.54 -7.57
C TYR A 82 -7.43 -9.97 -8.24
N THR A 83 -8.38 -9.51 -7.42
CA THR A 83 -9.61 -8.94 -7.95
C THR A 83 -10.60 -10.04 -8.34
N TYR A 84 -11.73 -10.09 -7.65
CA TYR A 84 -12.75 -11.09 -7.93
C TYR A 84 -13.46 -10.79 -9.24
N CYS A 85 -14.78 -10.88 -9.22
CA CYS A 85 -15.58 -10.61 -10.41
C CYS A 85 -16.94 -10.02 -10.03
N LEU A 86 -17.86 -10.88 -9.64
CA LEU A 86 -19.19 -10.44 -9.24
C LEU A 86 -19.61 -9.21 -10.06
N VAL A 87 -19.36 -8.03 -9.51
CA VAL A 87 -19.72 -6.79 -10.21
C VAL A 87 -18.93 -6.67 -11.51
N LYS A 88 -19.57 -6.08 -12.52
CA LYS A 88 -18.92 -5.89 -13.81
C LYS A 88 -17.88 -6.99 -14.05
N SER A 89 -16.64 -6.57 -14.33
CA SER A 89 -15.56 -7.53 -14.57
C SER A 89 -16.02 -8.62 -15.54
N ALA A 90 -15.09 -9.46 -15.95
CA ALA A 90 -15.41 -10.55 -16.87
C ALA A 90 -15.99 -9.99 -18.18
N MET A 1 6.49 14.39 12.12
CA MET A 1 5.23 14.67 11.38
C MET A 1 5.36 14.15 9.95
N HIS A 2 6.14 13.09 9.78
CA HIS A 2 6.34 12.50 8.46
C HIS A 2 5.50 11.23 8.32
N LEU A 3 4.61 11.23 7.33
CA LEU A 3 3.75 10.07 7.10
C LEU A 3 4.34 9.18 6.01
N THR A 4 4.71 7.96 6.39
CA THR A 4 5.26 7.01 5.43
C THR A 4 4.49 5.70 5.48
N TYR A 5 4.13 5.18 4.30
CA TYR A 5 3.39 3.94 4.22
C TYR A 5 4.16 2.89 3.42
N GLU A 6 3.96 1.63 3.77
CA GLU A 6 4.64 0.54 3.08
C GLU A 6 3.86 -0.76 3.20
N ILE A 7 3.84 -1.54 2.13
CA ILE A 7 3.12 -2.82 2.12
C ILE A 7 4.11 -3.97 2.05
N PHE A 8 3.68 -5.15 2.48
CA PHE A 8 4.56 -6.32 2.46
C PHE A 8 3.84 -7.53 1.88
N GLY A 9 4.59 -8.59 1.64
CA GLY A 9 4.03 -9.82 1.08
C GLY A 9 5.01 -10.97 1.22
N PRO A 10 4.63 -12.13 0.76
CA PRO A 10 5.51 -13.35 0.83
C PRO A 10 6.93 -13.06 0.34
N PRO A 11 7.86 -13.87 0.75
CA PRO A 11 9.29 -13.71 0.36
C PRO A 11 9.54 -14.07 -1.11
N GLY A 12 9.85 -13.05 -1.91
CA GLY A 12 10.10 -13.27 -3.33
C GLY A 12 8.85 -12.99 -4.16
N THR A 13 7.83 -12.43 -3.51
CA THR A 13 6.59 -12.12 -4.20
C THR A 13 6.67 -10.76 -4.87
N VAL A 14 6.09 -10.66 -6.07
CA VAL A 14 6.11 -9.40 -6.80
C VAL A 14 4.72 -8.76 -6.79
N ALA A 15 4.66 -7.48 -6.45
CA ALA A 15 3.39 -6.78 -6.40
C ALA A 15 3.52 -5.39 -7.06
N ASP A 16 2.39 -4.87 -7.52
CA ASP A 16 2.39 -3.55 -8.17
C ASP A 16 1.95 -2.48 -7.18
N ILE A 17 2.77 -1.44 -7.06
CA ILE A 17 2.46 -0.34 -6.14
C ILE A 17 1.84 0.83 -6.89
N SER A 18 0.63 1.19 -6.50
CA SER A 18 -0.10 2.29 -7.13
C SER A 18 -0.75 3.19 -6.09
N TYR A 19 -0.33 4.43 -6.04
CA TYR A 19 -0.90 5.38 -5.09
C TYR A 19 -1.00 6.77 -5.71
N PHE A 20 -1.67 7.68 -5.00
CA PHE A 20 -1.84 9.05 -5.50
C PHE A 20 -0.62 9.89 -5.14
N ASP A 21 -0.05 10.56 -6.14
CA ASP A 21 1.12 11.40 -5.92
C ASP A 21 0.70 12.84 -5.61
N VAL A 22 1.43 13.48 -4.70
CA VAL A 22 1.12 14.85 -4.33
C VAL A 22 1.29 15.79 -5.52
N ASN A 23 2.13 15.38 -6.47
CA ASN A 23 2.37 16.19 -7.66
C ASN A 23 1.48 15.72 -8.81
N SER A 24 0.52 14.87 -8.49
CA SER A 24 -0.38 14.35 -9.51
C SER A 24 0.35 13.38 -10.44
N GLU A 25 1.53 12.95 -10.00
CA GLU A 25 2.34 12.02 -10.80
C GLU A 25 2.53 10.71 -10.05
N PRO A 26 1.67 9.75 -10.29
CA PRO A 26 1.76 8.42 -9.61
C PRO A 26 2.85 7.54 -10.20
N GLN A 27 3.57 6.82 -9.33
CA GLN A 27 4.63 5.94 -9.78
C GLN A 27 4.22 4.48 -9.63
N ARG A 28 4.64 3.65 -10.58
CA ARG A 28 4.32 2.23 -10.54
C ARG A 28 5.52 1.40 -10.97
N VAL A 29 5.90 0.45 -10.11
CA VAL A 29 7.04 -0.42 -10.41
C VAL A 29 6.56 -1.83 -10.74
N ASP A 30 7.12 -2.40 -11.81
CA ASP A 30 6.75 -3.74 -12.23
C ASP A 30 7.84 -4.74 -11.86
N GLY A 31 7.43 -5.93 -11.45
CA GLY A 31 8.38 -6.97 -11.06
C GLY A 31 9.21 -6.53 -9.86
N ALA A 32 8.60 -5.73 -8.99
CA ALA A 32 9.28 -5.25 -7.80
C ALA A 32 9.18 -6.27 -6.67
N VAL A 33 10.30 -6.58 -6.05
CA VAL A 33 10.32 -7.53 -4.94
C VAL A 33 10.04 -6.84 -3.62
N LEU A 34 8.89 -7.16 -3.02
CA LEU A 34 8.52 -6.56 -1.75
C LEU A 34 8.39 -5.04 -1.89
N PRO A 35 7.22 -4.49 -1.67
CA PRO A 35 7.01 -3.01 -1.77
C PRO A 35 7.98 -2.23 -0.89
N TRP A 36 8.16 -0.95 -1.20
CA TRP A 36 9.07 -0.10 -0.43
C TRP A 36 8.29 0.95 0.36
N SER A 37 9.01 1.86 0.98
CA SER A 37 8.41 2.93 1.77
C SER A 37 8.59 4.27 1.10
N LEU A 38 7.71 5.22 1.41
CA LEU A 38 7.81 6.56 0.84
C LEU A 38 7.46 7.61 1.89
N HIS A 39 8.17 8.75 1.85
CA HIS A 39 7.92 9.82 2.81
C HIS A 39 7.21 10.99 2.14
N ILE A 40 6.11 11.42 2.74
CA ILE A 40 5.33 12.54 2.20
C ILE A 40 5.16 13.62 3.26
N THR A 41 5.45 14.86 2.89
CA THR A 41 5.31 15.98 3.82
C THR A 41 4.37 17.04 3.26
N THR A 42 3.31 17.35 4.00
CA THR A 42 2.35 18.36 3.56
C THR A 42 2.33 19.53 4.54
N ASN A 43 1.87 20.69 4.05
CA ASN A 43 1.80 21.87 4.88
C ASN A 43 1.70 21.51 6.35
N ASP A 44 0.64 20.78 6.70
CA ASP A 44 0.44 20.37 8.09
C ASP A 44 -0.99 19.86 8.29
N ALA A 45 -1.18 18.56 8.13
CA ALA A 45 -2.50 17.96 8.29
C ALA A 45 -2.42 16.45 8.17
N ALA A 46 -3.07 15.74 9.09
CA ALA A 46 -3.07 14.28 9.07
C ALA A 46 -3.98 13.76 7.98
N VAL A 47 -3.40 13.07 7.00
CA VAL A 47 -4.18 12.52 5.91
C VAL A 47 -3.68 11.12 5.55
N MET A 48 -4.61 10.20 5.29
CA MET A 48 -4.25 8.83 4.94
C MET A 48 -4.25 8.65 3.43
N GLY A 49 -3.65 7.55 2.98
CA GLY A 49 -3.58 7.26 1.55
C GLY A 49 -4.11 5.86 1.25
N ASN A 50 -4.78 5.71 0.12
CA ASN A 50 -5.33 4.41 -0.27
C ASN A 50 -4.48 3.76 -1.35
N ILE A 51 -3.94 2.59 -1.05
CA ILE A 51 -3.10 1.86 -2.00
C ILE A 51 -3.51 0.40 -2.09
N VAL A 52 -3.58 -0.12 -3.31
CA VAL A 52 -3.96 -1.51 -3.53
C VAL A 52 -2.93 -2.22 -4.40
N ALA A 53 -2.77 -3.52 -4.18
CA ALA A 53 -1.80 -4.29 -4.95
C ALA A 53 -2.49 -5.43 -5.70
N GLN A 54 -1.94 -5.78 -6.86
CA GLN A 54 -2.51 -6.86 -7.67
C GLN A 54 -1.49 -7.98 -7.86
N GLY A 55 -0.93 -8.44 -6.74
CA GLY A 55 0.06 -9.51 -6.80
C GLY A 55 -0.49 -10.79 -6.17
N ASN A 56 0.11 -11.93 -6.51
CA ASN A 56 -0.32 -13.21 -5.97
C ASN A 56 0.28 -13.44 -4.60
N SER A 57 -0.06 -12.57 -3.64
CA SER A 57 0.46 -12.70 -2.29
C SER A 57 -0.52 -13.48 -1.41
N ASP A 58 -0.23 -13.53 -0.12
CA ASP A 58 -1.09 -14.25 0.81
C ASP A 58 -1.40 -13.38 2.04
N SER A 59 -1.23 -12.07 1.88
CA SER A 59 -1.47 -11.15 2.99
C SER A 59 -1.16 -9.73 2.58
N ILE A 60 -2.15 -9.01 2.10
CA ILE A 60 -1.95 -7.62 1.69
C ILE A 60 -2.78 -6.68 2.57
N GLY A 61 -2.14 -5.67 3.13
CA GLY A 61 -2.84 -4.72 3.99
C GLY A 61 -2.15 -3.36 3.97
N CYS A 62 -2.79 -2.38 4.61
CA CYS A 62 -2.24 -1.03 4.66
C CYS A 62 -1.98 -0.60 6.11
N ARG A 63 -1.22 0.46 6.28
CA ARG A 63 -0.90 0.95 7.61
C ARG A 63 -0.58 2.44 7.58
N ILE A 64 -1.08 3.18 8.58
CA ILE A 64 -0.83 4.61 8.64
C ILE A 64 -0.42 5.02 10.06
N THR A 65 0.82 5.48 10.20
CA THR A 65 1.32 5.89 11.51
C THR A 65 1.70 7.36 11.49
N VAL A 66 1.34 8.07 12.57
CA VAL A 66 1.65 9.50 12.67
C VAL A 66 2.08 9.86 14.10
N ASP A 67 2.95 10.85 14.21
CA ASP A 67 3.43 11.29 15.51
C ASP A 67 3.80 10.09 16.39
N GLY A 68 4.16 8.99 15.74
CA GLY A 68 4.52 7.77 16.48
C GLY A 68 3.29 7.13 17.10
N LYS A 69 2.17 7.83 17.06
CA LYS A 69 0.93 7.32 17.63
C LYS A 69 -0.03 6.91 16.51
N VAL A 70 -0.52 5.68 16.59
CA VAL A 70 -1.45 5.17 15.58
C VAL A 70 -2.77 5.91 15.63
N ARG A 71 -3.23 6.37 14.46
CA ARG A 71 -4.50 7.09 14.38
C ARG A 71 -5.57 6.20 13.76
N ALA A 72 -5.41 5.89 12.48
CA ALA A 72 -6.38 5.05 11.79
C ALA A 72 -5.69 4.25 10.68
N GLU A 73 -5.95 2.96 10.63
CA GLU A 73 -5.35 2.10 9.61
C GLU A 73 -6.28 0.93 9.27
N ARG A 74 -6.25 0.51 8.02
CA ARG A 74 -7.09 -0.60 7.58
C ARG A 74 -6.25 -1.84 7.29
N VAL A 75 -6.55 -2.93 7.98
CA VAL A 75 -5.80 -4.17 7.79
C VAL A 75 -6.71 -5.25 7.21
N SER A 76 -6.36 -5.72 6.01
CA SER A 76 -7.15 -6.75 5.35
C SER A 76 -6.28 -7.96 5.01
N ASN A 77 -6.60 -9.11 5.59
CA ASN A 77 -5.84 -10.32 5.33
C ASN A 77 -6.56 -11.19 4.32
N GLU A 78 -5.83 -11.63 3.30
CA GLU A 78 -6.42 -12.46 2.26
C GLU A 78 -5.35 -13.31 1.58
N VAL A 79 -5.72 -14.53 1.19
CA VAL A 79 -4.78 -15.44 0.54
C VAL A 79 -4.46 -14.94 -0.86
N ASN A 80 -5.31 -14.06 -1.39
CA ASN A 80 -5.09 -13.52 -2.73
C ASN A 80 -6.01 -12.33 -2.97
N ALA A 81 -5.45 -11.12 -2.81
CA ALA A 81 -6.22 -9.90 -3.01
C ALA A 81 -6.43 -9.64 -4.49
N TYR A 82 -7.34 -8.72 -4.81
CA TYR A 82 -7.61 -8.38 -6.20
C TYR A 82 -8.25 -9.56 -6.92
N THR A 83 -9.48 -9.89 -6.55
CA THR A 83 -10.20 -11.00 -7.16
C THR A 83 -11.69 -10.87 -6.93
N TYR A 84 -12.07 -10.09 -5.93
CA TYR A 84 -13.49 -9.89 -5.61
C TYR A 84 -14.27 -9.50 -6.87
N CYS A 85 -15.12 -10.41 -7.33
CA CYS A 85 -15.92 -10.15 -8.53
C CYS A 85 -17.36 -10.62 -8.31
N LEU A 86 -18.28 -10.06 -9.09
CA LEU A 86 -19.68 -10.43 -8.97
C LEU A 86 -20.06 -11.44 -10.05
N VAL A 87 -21.07 -11.09 -10.86
CA VAL A 87 -21.52 -11.96 -11.92
C VAL A 87 -21.41 -11.26 -13.28
N LYS A 88 -20.39 -10.42 -13.42
CA LYS A 88 -20.20 -9.69 -14.68
C LYS A 88 -18.71 -9.53 -14.96
N SER A 89 -18.40 -8.97 -16.12
CA SER A 89 -17.01 -8.75 -16.52
C SER A 89 -16.61 -7.29 -16.31
N ALA A 90 -17.60 -6.45 -16.02
CA ALA A 90 -17.34 -5.03 -15.81
C ALA A 90 -17.04 -4.77 -14.33
N MET A 1 6.08 13.26 12.10
CA MET A 1 5.98 14.43 11.19
C MET A 1 5.98 13.94 9.74
N HIS A 2 6.58 12.78 9.51
CA HIS A 2 6.65 12.21 8.17
C HIS A 2 5.75 10.98 8.07
N LEU A 3 4.81 11.01 7.13
CA LEU A 3 3.91 9.88 6.94
C LEU A 3 4.44 8.97 5.83
N THR A 4 4.78 7.74 6.21
CA THR A 4 5.29 6.78 5.24
C THR A 4 4.49 5.49 5.28
N TYR A 5 4.23 4.93 4.11
CA TYR A 5 3.47 3.68 4.02
C TYR A 5 4.32 2.61 3.36
N GLU A 6 4.08 1.36 3.74
CA GLU A 6 4.83 0.25 3.16
C GLU A 6 4.04 -1.05 3.23
N ILE A 7 4.03 -1.78 2.13
CA ILE A 7 3.32 -3.05 2.06
C ILE A 7 4.29 -4.19 2.32
N PHE A 8 3.76 -5.40 2.48
CA PHE A 8 4.60 -6.56 2.73
C PHE A 8 4.06 -7.80 2.03
N GLY A 9 4.94 -8.73 1.73
CA GLY A 9 4.55 -9.97 1.05
C GLY A 9 5.69 -10.98 1.07
N PRO A 10 5.43 -12.17 0.61
CA PRO A 10 6.45 -13.25 0.57
C PRO A 10 7.78 -12.77 0.01
N PRO A 11 8.80 -13.56 0.15
CA PRO A 11 10.17 -13.22 -0.35
C PRO A 11 10.24 -13.23 -1.88
N GLY A 12 10.54 -12.06 -2.46
CA GLY A 12 10.64 -11.95 -3.91
C GLY A 12 9.26 -11.78 -4.54
N THR A 13 8.28 -11.39 -3.73
CA THR A 13 6.93 -11.20 -4.22
C THR A 13 6.84 -9.93 -5.07
N VAL A 14 6.22 -10.06 -6.24
CA VAL A 14 6.08 -8.93 -7.15
C VAL A 14 4.63 -8.44 -7.18
N ALA A 15 4.43 -7.17 -6.86
CA ALA A 15 3.09 -6.59 -6.85
C ALA A 15 3.12 -5.17 -7.40
N ASP A 16 1.99 -4.71 -7.91
CA ASP A 16 1.91 -3.36 -8.45
C ASP A 16 1.34 -2.39 -7.41
N ILE A 17 2.07 -1.31 -7.17
CA ILE A 17 1.64 -0.31 -6.20
C ILE A 17 1.16 0.96 -6.90
N SER A 18 0.05 1.51 -6.44
CA SER A 18 -0.52 2.72 -7.02
C SER A 18 -0.93 3.70 -5.94
N TYR A 19 -0.31 4.87 -5.91
CA TYR A 19 -0.64 5.87 -4.92
C TYR A 19 -0.54 7.27 -5.51
N PHE A 20 -1.11 8.26 -4.82
CA PHE A 20 -1.09 9.63 -5.30
C PHE A 20 0.20 10.32 -4.88
N ASP A 21 0.98 10.78 -5.87
CA ASP A 21 2.23 11.45 -5.60
C ASP A 21 2.00 12.93 -5.31
N VAL A 22 2.66 13.45 -4.29
CA VAL A 22 2.51 14.84 -3.91
C VAL A 22 3.16 15.75 -4.96
N ASN A 23 3.99 15.16 -5.81
CA ASN A 23 4.67 15.93 -6.85
C ASN A 23 3.74 16.21 -8.02
N SER A 24 2.70 15.39 -8.15
CA SER A 24 1.73 15.54 -9.22
C SER A 24 1.14 14.21 -9.62
N GLU A 25 1.59 13.68 -10.76
CA GLU A 25 1.10 12.39 -11.24
C GLU A 25 1.43 11.28 -10.25
N PRO A 26 0.64 10.23 -10.24
CA PRO A 26 0.85 9.07 -9.34
C PRO A 26 2.04 8.22 -9.74
N GLN A 27 2.73 7.66 -8.76
CA GLN A 27 3.89 6.82 -9.04
C GLN A 27 3.53 5.34 -8.88
N ARG A 28 4.12 4.50 -9.71
CA ARG A 28 3.85 3.07 -9.65
C ARG A 28 5.10 2.25 -9.97
N VAL A 29 5.31 1.18 -9.21
CA VAL A 29 6.46 0.32 -9.44
C VAL A 29 6.00 -1.07 -9.87
N ASP A 30 6.62 -1.59 -10.93
CA ASP A 30 6.25 -2.91 -11.43
C ASP A 30 7.46 -3.85 -11.43
N GLY A 31 7.20 -5.14 -11.25
CA GLY A 31 8.26 -6.13 -11.23
C GLY A 31 9.24 -5.87 -10.08
N ALA A 32 9.06 -4.75 -9.40
CA ALA A 32 9.94 -4.39 -8.30
C ALA A 32 9.81 -5.41 -7.16
N VAL A 33 10.95 -5.83 -6.63
CA VAL A 33 10.96 -6.81 -5.55
C VAL A 33 9.96 -6.41 -4.46
N LEU A 34 9.93 -7.18 -3.38
CA LEU A 34 9.02 -6.90 -2.27
C LEU A 34 8.71 -5.41 -2.20
N PRO A 35 7.52 -5.06 -1.76
CA PRO A 35 7.09 -3.64 -1.64
C PRO A 35 8.03 -2.82 -0.75
N TRP A 36 8.20 -1.55 -1.10
CA TRP A 36 9.07 -0.66 -0.33
C TRP A 36 8.26 0.40 0.39
N SER A 37 8.94 1.42 0.90
CA SER A 37 8.30 2.51 1.62
C SER A 37 8.49 3.83 0.90
N LEU A 38 7.71 4.84 1.30
CA LEU A 38 7.83 6.15 0.69
C LEU A 38 7.80 7.24 1.76
N HIS A 39 8.38 8.39 1.46
CA HIS A 39 8.41 9.51 2.40
C HIS A 39 7.59 10.67 1.87
N ILE A 40 6.63 11.12 2.66
CA ILE A 40 5.78 12.25 2.25
C ILE A 40 5.72 13.28 3.36
N THR A 41 6.07 14.53 3.02
CA THR A 41 6.05 15.61 4.00
C THR A 41 5.08 16.71 3.55
N THR A 42 4.19 17.10 4.46
CA THR A 42 3.22 18.14 4.16
C THR A 42 3.23 19.22 5.24
N ASN A 43 3.24 20.47 4.81
CA ASN A 43 3.25 21.59 5.75
C ASN A 43 2.01 21.58 6.62
N ASP A 44 1.08 20.68 6.30
CA ASP A 44 -0.16 20.57 7.07
C ASP A 44 0.10 19.91 8.41
N ALA A 45 -0.13 18.61 8.49
CA ALA A 45 0.08 17.87 9.73
C ALA A 45 -0.31 16.40 9.54
N ALA A 46 -1.56 16.09 9.87
CA ALA A 46 -2.05 14.72 9.73
C ALA A 46 -2.61 14.50 8.32
N VAL A 47 -2.03 13.53 7.62
CA VAL A 47 -2.48 13.23 6.26
C VAL A 47 -2.82 11.75 6.12
N MET A 48 -3.67 11.45 5.14
CA MET A 48 -4.07 10.07 4.90
C MET A 48 -3.97 9.75 3.42
N GLY A 49 -3.63 8.49 3.12
CA GLY A 49 -3.48 8.07 1.73
C GLY A 49 -4.23 6.77 1.47
N ASN A 50 -4.49 6.48 0.20
CA ASN A 50 -5.21 5.27 -0.17
C ASN A 50 -4.33 4.38 -1.05
N ILE A 51 -3.97 3.21 -0.54
CA ILE A 51 -3.13 2.28 -1.29
C ILE A 51 -3.70 0.87 -1.23
N VAL A 52 -3.64 0.16 -2.35
CA VAL A 52 -4.15 -1.21 -2.41
C VAL A 52 -3.25 -2.07 -3.28
N ALA A 53 -3.15 -3.35 -2.92
CA ALA A 53 -2.31 -4.29 -3.68
C ALA A 53 -3.09 -5.55 -4.02
N GLN A 54 -2.84 -6.10 -5.20
CA GLN A 54 -3.52 -7.31 -5.63
C GLN A 54 -2.51 -8.39 -6.02
N GLY A 55 -1.91 -9.03 -5.02
CA GLY A 55 -0.93 -10.08 -5.27
C GLY A 55 -1.41 -11.41 -4.72
N ASN A 56 -0.82 -12.50 -5.22
CA ASN A 56 -1.20 -13.83 -4.77
C ASN A 56 -0.55 -14.15 -3.43
N SER A 57 -0.01 -13.12 -2.78
CA SER A 57 0.64 -13.31 -1.49
C SER A 57 -0.24 -14.12 -0.55
N ASP A 58 0.16 -14.20 0.72
CA ASP A 58 -0.62 -14.95 1.70
C ASP A 58 -1.38 -14.00 2.62
N SER A 59 -1.02 -12.73 2.58
CA SER A 59 -1.67 -11.72 3.42
C SER A 59 -1.27 -10.32 3.00
N ILE A 60 -2.24 -9.49 2.66
CA ILE A 60 -1.95 -8.12 2.25
C ILE A 60 -2.76 -7.14 3.10
N GLY A 61 -2.13 -6.05 3.50
CA GLY A 61 -2.80 -5.04 4.31
C GLY A 61 -2.09 -3.69 4.21
N CYS A 62 -2.80 -2.62 4.55
CA CYS A 62 -2.23 -1.28 4.49
C CYS A 62 -2.21 -0.65 5.88
N ARG A 63 -1.29 0.30 6.08
CA ARG A 63 -1.18 0.98 7.36
C ARG A 63 -0.57 2.36 7.18
N ILE A 64 -1.03 3.32 7.99
CA ILE A 64 -0.53 4.69 7.91
C ILE A 64 -0.34 5.26 9.31
N THR A 65 0.91 5.53 9.66
CA THR A 65 1.23 6.08 10.98
C THR A 65 1.83 7.47 10.86
N VAL A 66 1.44 8.36 11.76
CA VAL A 66 1.96 9.72 11.76
C VAL A 66 2.09 10.25 13.18
N ASP A 67 3.05 11.14 13.39
CA ASP A 67 3.27 11.72 14.71
C ASP A 67 3.62 10.63 15.71
N GLY A 68 3.89 9.42 15.21
CA GLY A 68 4.24 8.31 16.07
C GLY A 68 2.98 7.64 16.62
N LYS A 69 1.82 8.20 16.30
CA LYS A 69 0.55 7.66 16.76
C LYS A 69 -0.34 7.30 15.57
N VAL A 70 -1.00 6.14 15.66
CA VAL A 70 -1.86 5.69 14.59
C VAL A 70 -3.18 6.48 14.57
N ARG A 71 -3.68 6.73 13.37
CA ARG A 71 -4.93 7.48 13.23
C ARG A 71 -6.03 6.58 12.70
N ALA A 72 -5.80 6.02 11.51
CA ALA A 72 -6.79 5.13 10.90
C ALA A 72 -6.12 4.24 9.86
N GLU A 73 -6.31 2.93 9.99
CA GLU A 73 -5.72 1.98 9.07
C GLU A 73 -6.57 0.72 8.95
N ARG A 74 -6.88 0.33 7.72
CA ARG A 74 -7.69 -0.86 7.48
C ARG A 74 -6.79 -2.05 7.14
N VAL A 75 -6.80 -3.05 8.02
CA VAL A 75 -5.98 -4.24 7.81
C VAL A 75 -6.86 -5.47 7.58
N SER A 76 -6.73 -6.07 6.40
CA SER A 76 -7.52 -7.26 6.07
C SER A 76 -6.63 -8.35 5.48
N ASN A 77 -6.78 -9.57 5.99
CA ASN A 77 -5.99 -10.69 5.50
C ASN A 77 -6.75 -11.44 4.41
N GLU A 78 -6.04 -11.83 3.35
CA GLU A 78 -6.66 -12.55 2.26
C GLU A 78 -5.67 -13.49 1.58
N VAL A 79 -6.07 -14.74 1.39
CA VAL A 79 -5.22 -15.73 0.76
C VAL A 79 -5.49 -15.79 -0.73
N ASN A 80 -4.46 -15.55 -1.54
CA ASN A 80 -4.60 -15.59 -2.98
C ASN A 80 -5.41 -14.40 -3.48
N ALA A 81 -5.17 -13.23 -2.88
CA ALA A 81 -5.89 -12.03 -3.27
C ALA A 81 -5.53 -11.64 -4.71
N TYR A 82 -5.95 -12.47 -5.66
CA TYR A 82 -5.67 -12.22 -7.07
C TYR A 82 -6.88 -12.58 -7.93
N THR A 83 -8.05 -12.61 -7.31
CA THR A 83 -9.28 -12.93 -8.02
C THR A 83 -10.49 -12.28 -7.36
N TYR A 84 -11.47 -13.10 -7.00
CA TYR A 84 -12.68 -12.59 -6.35
C TYR A 84 -12.74 -13.06 -4.91
N CYS A 85 -12.01 -12.36 -4.03
CA CYS A 85 -12.00 -12.70 -2.62
C CYS A 85 -13.42 -12.81 -2.09
N LEU A 86 -13.88 -14.04 -1.88
CA LEU A 86 -15.23 -14.26 -1.37
C LEU A 86 -15.29 -13.99 0.13
N VAL A 87 -15.80 -12.81 0.49
CA VAL A 87 -15.91 -12.43 1.89
C VAL A 87 -17.38 -12.33 2.30
N LYS A 88 -18.23 -13.03 1.56
CA LYS A 88 -19.66 -13.02 1.85
C LYS A 88 -19.98 -13.93 3.04
N SER A 89 -19.67 -13.45 4.24
CA SER A 89 -19.92 -14.22 5.45
C SER A 89 -21.41 -14.46 5.64
N ALA A 90 -21.82 -15.72 5.51
CA ALA A 90 -23.24 -16.07 5.67
C ALA A 90 -23.84 -15.35 6.88
N MET A 1 4.57 13.21 12.10
CA MET A 1 4.32 14.32 11.12
C MET A 1 4.63 13.82 9.71
N HIS A 2 5.53 12.85 9.61
CA HIS A 2 5.91 12.30 8.32
C HIS A 2 5.02 11.09 7.99
N LEU A 3 4.42 11.11 6.81
CA LEU A 3 3.55 10.02 6.39
C LEU A 3 4.31 9.03 5.50
N THR A 4 4.47 7.81 6.00
CA THR A 4 5.17 6.77 5.24
C THR A 4 4.32 5.51 5.16
N TYR A 5 4.22 4.94 3.96
CA TYR A 5 3.43 3.72 3.78
C TYR A 5 4.30 2.61 3.20
N GLU A 6 3.97 1.37 3.55
CA GLU A 6 4.74 0.22 3.07
C GLU A 6 3.88 -1.03 3.06
N ILE A 7 4.10 -1.88 2.06
CA ILE A 7 3.35 -3.13 1.95
C ILE A 7 4.27 -4.32 2.20
N PHE A 8 3.69 -5.50 2.38
CA PHE A 8 4.50 -6.70 2.64
C PHE A 8 4.10 -7.82 1.70
N GLY A 9 4.85 -8.92 1.75
CA GLY A 9 4.58 -10.08 0.91
C GLY A 9 5.76 -11.04 0.92
N PRO A 10 5.53 -12.28 0.62
CA PRO A 10 6.61 -13.32 0.59
C PRO A 10 7.87 -12.81 -0.09
N PRO A 11 9.00 -13.39 0.25
CA PRO A 11 10.31 -12.99 -0.33
C PRO A 11 10.42 -13.31 -1.82
N GLY A 12 10.59 -12.27 -2.64
CA GLY A 12 10.70 -12.46 -4.07
C GLY A 12 9.36 -12.20 -4.77
N THR A 13 8.36 -11.80 -3.99
CA THR A 13 7.04 -11.53 -4.54
C THR A 13 6.95 -10.10 -5.04
N VAL A 14 6.29 -9.92 -6.19
CA VAL A 14 6.12 -8.60 -6.77
C VAL A 14 4.69 -8.11 -6.60
N ALA A 15 4.55 -6.88 -6.12
CA ALA A 15 3.21 -6.31 -5.91
C ALA A 15 3.10 -4.94 -6.57
N ASP A 16 1.90 -4.59 -7.00
CA ASP A 16 1.68 -3.31 -7.66
C ASP A 16 1.08 -2.31 -6.66
N ILE A 17 1.76 -1.20 -6.47
CA ILE A 17 1.29 -0.17 -5.55
C ILE A 17 0.79 1.05 -6.31
N SER A 18 -0.44 1.44 -6.03
CA SER A 18 -1.06 2.60 -6.69
C SER A 18 -1.61 3.57 -5.67
N TYR A 19 -1.07 4.78 -5.62
CA TYR A 19 -1.54 5.78 -4.69
C TYR A 19 -1.33 7.19 -5.24
N PHE A 20 -1.89 8.18 -4.57
CA PHE A 20 -1.74 9.56 -5.00
C PHE A 20 -0.44 10.16 -4.50
N ASP A 21 0.28 10.83 -5.39
CA ASP A 21 1.56 11.45 -5.02
C ASP A 21 1.40 12.96 -4.89
N VAL A 22 2.19 13.56 -4.00
CA VAL A 22 2.13 15.00 -3.79
C VAL A 22 2.36 15.75 -5.10
N ASN A 23 3.20 15.19 -5.96
CA ASN A 23 3.51 15.81 -7.24
C ASN A 23 2.40 15.53 -8.25
N SER A 24 1.28 14.99 -7.76
CA SER A 24 0.16 14.67 -8.63
C SER A 24 0.58 13.67 -9.71
N GLU A 25 1.26 12.62 -9.28
CA GLU A 25 1.72 11.59 -10.21
C GLU A 25 1.78 10.23 -9.53
N PRO A 26 0.75 9.43 -9.69
CA PRO A 26 0.69 8.08 -9.06
C PRO A 26 1.85 7.18 -9.51
N GLN A 27 2.39 6.42 -8.58
CA GLN A 27 3.51 5.53 -8.89
C GLN A 27 3.06 4.08 -8.89
N ARG A 28 3.44 3.35 -9.92
CA ARG A 28 3.07 1.94 -10.04
C ARG A 28 4.29 1.10 -10.39
N VAL A 29 4.52 0.03 -9.63
CA VAL A 29 5.65 -0.84 -9.87
C VAL A 29 5.19 -2.27 -10.16
N ASP A 30 5.79 -2.89 -11.16
CA ASP A 30 5.44 -4.26 -11.54
C ASP A 30 6.70 -5.14 -11.57
N GLY A 31 6.55 -6.39 -11.16
CA GLY A 31 7.67 -7.32 -11.15
C GLY A 31 8.81 -6.79 -10.27
N ALA A 32 8.49 -5.78 -9.46
CA ALA A 32 9.50 -5.19 -8.57
C ALA A 32 9.67 -6.04 -7.32
N VAL A 33 10.89 -6.06 -6.79
CA VAL A 33 11.18 -6.84 -5.59
C VAL A 33 10.18 -6.50 -4.49
N LEU A 34 10.13 -7.34 -3.46
CA LEU A 34 9.22 -7.12 -2.34
C LEU A 34 8.91 -5.64 -2.18
N PRO A 35 7.73 -5.32 -1.71
CA PRO A 35 7.31 -3.90 -1.50
C PRO A 35 8.20 -3.17 -0.50
N TRP A 36 8.48 -1.90 -0.79
CA TRP A 36 9.31 -1.09 0.08
C TRP A 36 8.51 0.02 0.73
N SER A 37 9.19 0.97 1.36
CA SER A 37 8.54 2.09 2.04
C SER A 37 8.90 3.40 1.37
N LEU A 38 8.03 4.39 1.53
CA LEU A 38 8.28 5.72 0.97
C LEU A 38 7.96 6.80 2.00
N HIS A 39 8.64 7.93 1.90
CA HIS A 39 8.42 9.03 2.84
C HIS A 39 8.09 10.32 2.10
N ILE A 40 6.99 10.95 2.47
CA ILE A 40 6.57 12.20 1.85
C ILE A 40 6.24 13.24 2.91
N THR A 41 6.74 14.46 2.72
CA THR A 41 6.48 15.54 3.68
C THR A 41 5.78 16.71 2.99
N THR A 42 4.70 17.19 3.61
CA THR A 42 3.95 18.30 3.04
C THR A 42 3.99 19.50 3.97
N ASN A 43 4.23 20.68 3.40
CA ASN A 43 4.29 21.90 4.19
C ASN A 43 4.75 21.60 5.61
N ASP A 44 3.78 21.41 6.51
CA ASP A 44 4.10 21.11 7.90
C ASP A 44 2.84 20.75 8.68
N ALA A 45 2.36 19.53 8.48
CA ALA A 45 1.16 19.07 9.16
C ALA A 45 0.93 17.58 8.91
N ALA A 46 0.04 16.99 9.69
CA ALA A 46 -0.27 15.57 9.53
C ALA A 46 -1.01 15.32 8.23
N VAL A 47 -0.84 14.13 7.67
CA VAL A 47 -1.50 13.80 6.42
C VAL A 47 -1.73 12.29 6.30
N MET A 48 -2.78 11.91 5.58
CA MET A 48 -3.09 10.50 5.39
C MET A 48 -3.06 10.17 3.90
N GLY A 49 -3.19 8.88 3.57
CA GLY A 49 -3.17 8.47 2.17
C GLY A 49 -3.83 7.10 1.98
N ASN A 50 -4.54 6.96 0.87
CA ASN A 50 -5.20 5.69 0.56
C ASN A 50 -4.43 4.94 -0.52
N ILE A 51 -3.90 3.78 -0.18
CA ILE A 51 -3.13 2.99 -1.13
C ILE A 51 -3.61 1.54 -1.15
N VAL A 52 -3.66 0.96 -2.35
CA VAL A 52 -4.09 -0.42 -2.50
C VAL A 52 -3.04 -1.22 -3.26
N ALA A 53 -2.94 -2.51 -2.97
CA ALA A 53 -1.97 -3.36 -3.64
C ALA A 53 -2.59 -4.69 -4.03
N GLN A 54 -2.33 -5.12 -5.26
CA GLN A 54 -2.88 -6.38 -5.75
C GLN A 54 -1.77 -7.27 -6.31
N GLY A 55 -1.10 -8.01 -5.43
CA GLY A 55 -0.02 -8.89 -5.84
C GLY A 55 -0.32 -10.33 -5.43
N ASN A 56 0.41 -11.28 -6.02
CA ASN A 56 0.21 -12.68 -5.71
C ASN A 56 0.89 -13.04 -4.40
N SER A 57 0.63 -12.24 -3.36
CA SER A 57 1.22 -12.47 -2.06
C SER A 57 0.29 -13.31 -1.19
N ASP A 58 0.64 -13.46 0.08
CA ASP A 58 -0.16 -14.25 1.00
C ASP A 58 -1.08 -13.35 1.82
N SER A 59 -0.56 -12.19 2.21
CA SER A 59 -1.32 -11.24 3.02
C SER A 59 -1.05 -9.81 2.58
N ILE A 60 -2.03 -9.15 2.01
CA ILE A 60 -1.87 -7.77 1.55
C ILE A 60 -2.71 -6.83 2.39
N GLY A 61 -2.06 -5.85 3.01
CA GLY A 61 -2.77 -4.88 3.84
C GLY A 61 -2.06 -3.54 3.83
N CYS A 62 -2.68 -2.54 4.45
CA CYS A 62 -2.09 -1.20 4.50
C CYS A 62 -2.05 -0.70 5.93
N ARG A 63 -1.29 0.37 6.17
CA ARG A 63 -1.18 0.94 7.51
C ARG A 63 -0.88 2.44 7.42
N ILE A 64 -1.44 3.20 8.35
CA ILE A 64 -1.23 4.64 8.38
C ILE A 64 -0.76 5.10 9.75
N THR A 65 0.47 5.62 9.81
CA THR A 65 1.03 6.09 11.07
C THR A 65 1.40 7.57 10.96
N VAL A 66 0.82 8.38 11.84
CA VAL A 66 1.10 9.82 11.83
C VAL A 66 1.08 10.37 13.25
N ASP A 67 1.86 11.43 13.47
CA ASP A 67 1.92 12.06 14.79
C ASP A 67 2.36 11.05 15.85
N GLY A 68 2.94 9.94 15.40
CA GLY A 68 3.40 8.90 16.32
C GLY A 68 2.22 8.21 17.00
N LYS A 69 1.01 8.66 16.68
CA LYS A 69 -0.19 8.07 17.27
C LYS A 69 -1.07 7.45 16.19
N VAL A 70 -1.60 6.27 16.48
CA VAL A 70 -2.46 5.57 15.53
C VAL A 70 -3.87 6.17 15.53
N ARG A 71 -4.39 6.44 14.34
CA ARG A 71 -5.73 7.02 14.23
C ARG A 71 -6.62 6.14 13.36
N ALA A 72 -6.11 5.72 12.21
CA ALA A 72 -6.87 4.88 11.30
C ALA A 72 -5.96 3.88 10.59
N GLU A 73 -6.34 2.61 10.64
CA GLU A 73 -5.56 1.56 9.99
C GLU A 73 -6.47 0.42 9.53
N ARG A 74 -6.34 0.04 8.26
CA ARG A 74 -7.16 -1.02 7.70
C ARG A 74 -6.29 -2.21 7.29
N VAL A 75 -6.50 -3.35 7.95
CA VAL A 75 -5.73 -4.55 7.64
C VAL A 75 -6.65 -5.62 7.07
N SER A 76 -6.34 -6.09 5.86
CA SER A 76 -7.14 -7.11 5.22
C SER A 76 -6.27 -8.30 4.79
N ASN A 77 -6.64 -9.50 5.24
CA ASN A 77 -5.89 -10.69 4.90
C ASN A 77 -6.52 -11.39 3.70
N GLU A 78 -5.69 -11.75 2.72
CA GLU A 78 -6.18 -12.42 1.53
C GLU A 78 -5.07 -13.27 0.91
N VAL A 79 -5.42 -14.50 0.54
CA VAL A 79 -4.45 -15.41 -0.07
C VAL A 79 -4.51 -15.30 -1.59
N ASN A 80 -3.38 -14.99 -2.21
CA ASN A 80 -3.32 -14.87 -3.66
C ASN A 80 -4.27 -13.77 -4.14
N ALA A 81 -4.25 -12.63 -3.45
CA ALA A 81 -5.10 -11.51 -3.81
C ALA A 81 -4.80 -11.04 -5.23
N TYR A 82 -5.18 -11.85 -6.21
CA TYR A 82 -4.95 -11.52 -7.61
C TYR A 82 -6.12 -10.70 -8.16
N THR A 83 -5.80 -9.55 -8.74
CA THR A 83 -6.84 -8.68 -9.30
C THR A 83 -8.06 -9.49 -9.72
N TYR A 84 -9.16 -9.29 -8.99
CA TYR A 84 -10.40 -10.01 -9.29
C TYR A 84 -11.21 -9.28 -10.36
N CYS A 85 -12.27 -9.90 -10.82
CA CYS A 85 -13.12 -9.30 -11.85
C CYS A 85 -13.67 -7.96 -11.36
N LEU A 86 -14.24 -7.19 -12.27
CA LEU A 86 -14.79 -5.88 -11.93
C LEU A 86 -16.28 -5.83 -12.24
N VAL A 87 -16.80 -6.91 -12.81
CA VAL A 87 -18.22 -6.96 -13.16
C VAL A 87 -18.58 -5.83 -14.11
N LYS A 88 -19.50 -6.10 -15.03
CA LYS A 88 -19.92 -5.09 -15.99
C LYS A 88 -21.13 -4.32 -15.47
N SER A 89 -22.28 -4.57 -16.06
CA SER A 89 -23.51 -3.89 -15.64
C SER A 89 -24.70 -4.35 -16.48
N ALA A 90 -24.79 -3.83 -17.71
CA ALA A 90 -25.88 -4.19 -18.61
C ALA A 90 -25.82 -5.68 -18.93
N MET A 1 7.16 16.32 11.16
CA MET A 1 6.12 15.26 10.92
C MET A 1 6.32 14.66 9.53
N HIS A 2 6.66 13.38 9.48
CA HIS A 2 6.88 12.70 8.21
C HIS A 2 5.83 11.61 8.00
N LEU A 3 5.12 11.68 6.88
CA LEU A 3 4.10 10.69 6.57
C LEU A 3 4.64 9.66 5.58
N THR A 4 4.70 8.41 6.01
CA THR A 4 5.20 7.33 5.16
C THR A 4 4.19 6.19 5.07
N TYR A 5 4.09 5.60 3.88
CA TYR A 5 3.16 4.49 3.67
C TYR A 5 3.93 3.25 3.21
N GLU A 6 3.43 2.08 3.58
CA GLU A 6 4.09 0.83 3.19
C GLU A 6 3.11 -0.33 3.20
N ILE A 7 3.15 -1.15 2.14
CA ILE A 7 2.26 -2.30 2.04
C ILE A 7 3.09 -3.58 2.03
N PHE A 8 2.62 -4.60 2.74
CA PHE A 8 3.33 -5.88 2.80
C PHE A 8 2.42 -7.03 2.40
N GLY A 9 3.00 -8.22 2.26
CA GLY A 9 2.23 -9.39 1.88
C GLY A 9 3.06 -10.34 1.05
N PRO A 10 3.18 -10.08 -0.23
CA PRO A 10 3.96 -10.93 -1.17
C PRO A 10 5.42 -11.08 -0.72
N PRO A 11 5.81 -12.25 -0.27
CA PRO A 11 7.19 -12.51 0.20
C PRO A 11 8.15 -12.73 -0.98
N GLY A 12 8.85 -11.67 -1.37
CA GLY A 12 9.79 -11.75 -2.48
C GLY A 12 9.05 -11.65 -3.81
N THR A 13 7.74 -11.85 -3.76
CA THR A 13 6.92 -11.76 -4.97
C THR A 13 6.88 -10.32 -5.48
N VAL A 14 6.69 -10.18 -6.78
CA VAL A 14 6.64 -8.85 -7.38
C VAL A 14 5.20 -8.44 -7.66
N ALA A 15 4.80 -7.29 -7.11
CA ALA A 15 3.45 -6.79 -7.29
C ALA A 15 3.49 -5.32 -7.73
N ASP A 16 2.43 -4.88 -8.40
CA ASP A 16 2.35 -3.51 -8.88
C ASP A 16 1.58 -2.64 -7.88
N ILE A 17 2.24 -1.60 -7.39
CA ILE A 17 1.60 -0.69 -6.44
C ILE A 17 1.44 0.69 -7.05
N SER A 18 0.29 1.31 -6.82
CA SER A 18 -0.01 2.63 -7.36
C SER A 18 -0.61 3.52 -6.31
N TYR A 19 -0.02 4.69 -6.09
CA TYR A 19 -0.54 5.64 -5.10
C TYR A 19 -0.52 7.05 -5.65
N PHE A 20 -1.42 7.89 -5.14
CA PHE A 20 -1.51 9.28 -5.59
C PHE A 20 -0.49 10.14 -4.85
N ASP A 21 0.32 10.87 -5.61
CA ASP A 21 1.33 11.74 -5.01
C ASP A 21 0.73 13.10 -4.67
N VAL A 22 1.32 13.77 -3.67
CA VAL A 22 0.83 15.07 -3.26
C VAL A 22 1.16 16.14 -4.30
N ASN A 23 2.29 15.96 -4.99
CA ASN A 23 2.71 16.91 -6.01
C ASN A 23 2.00 16.66 -7.32
N SER A 24 1.24 15.57 -7.39
CA SER A 24 0.51 15.22 -8.60
C SER A 24 1.39 14.43 -9.56
N GLU A 25 1.43 13.12 -9.36
CA GLU A 25 2.24 12.25 -10.21
C GLU A 25 2.28 10.83 -9.63
N PRO A 26 1.38 9.99 -10.09
CA PRO A 26 1.29 8.58 -9.61
C PRO A 26 2.58 7.81 -9.87
N GLN A 27 2.96 6.98 -8.91
CA GLN A 27 4.17 6.18 -9.05
C GLN A 27 3.83 4.72 -9.32
N ARG A 28 4.60 4.09 -10.19
CA ARG A 28 4.36 2.69 -10.53
C ARG A 28 5.67 1.94 -10.70
N VAL A 29 5.77 0.77 -10.08
CA VAL A 29 6.98 -0.05 -10.17
C VAL A 29 6.65 -1.43 -10.70
N ASP A 30 7.39 -1.85 -11.73
CA ASP A 30 7.17 -3.16 -12.33
C ASP A 30 8.42 -4.02 -12.22
N GLY A 31 8.25 -5.23 -11.68
CA GLY A 31 9.38 -6.16 -11.52
C GLY A 31 10.17 -5.83 -10.25
N ALA A 32 9.59 -5.01 -9.39
CA ALA A 32 10.24 -4.63 -8.15
C ALA A 32 9.98 -5.68 -7.06
N VAL A 33 11.03 -6.01 -6.31
CA VAL A 33 10.92 -7.00 -5.25
C VAL A 33 9.89 -6.55 -4.22
N LEU A 34 9.87 -7.22 -3.07
CA LEU A 34 8.93 -6.87 -2.02
C LEU A 34 8.64 -5.38 -2.02
N PRO A 35 7.52 -4.98 -1.48
CA PRO A 35 7.11 -3.55 -1.42
C PRO A 35 8.15 -2.68 -0.71
N TRP A 36 8.09 -1.38 -0.96
CA TRP A 36 9.02 -0.44 -0.35
C TRP A 36 8.27 0.66 0.38
N SER A 37 8.97 1.74 0.70
CA SER A 37 8.39 2.87 1.41
C SER A 37 8.81 4.18 0.79
N LEU A 38 7.98 5.22 0.95
CA LEU A 38 8.31 6.53 0.42
C LEU A 38 8.15 7.60 1.50
N HIS A 39 8.85 8.71 1.33
CA HIS A 39 8.78 9.80 2.30
C HIS A 39 8.06 11.01 1.71
N ILE A 40 6.97 11.40 2.34
CA ILE A 40 6.19 12.54 1.86
C ILE A 40 5.94 13.52 2.99
N THR A 41 6.16 14.81 2.72
CA THR A 41 5.95 15.84 3.72
C THR A 41 4.86 16.82 3.28
N THR A 42 3.84 16.98 4.10
CA THR A 42 2.74 17.88 3.77
C THR A 42 2.68 19.04 4.77
N ASN A 43 2.51 20.25 4.26
CA ASN A 43 2.43 21.43 5.12
C ASN A 43 1.11 21.46 5.88
N ASP A 44 0.66 20.29 6.33
CA ASP A 44 -0.59 20.21 7.07
C ASP A 44 -0.36 19.60 8.46
N ALA A 45 -0.60 18.30 8.58
CA ALA A 45 -0.41 17.62 9.86
C ALA A 45 -0.83 16.16 9.76
N ALA A 46 -2.15 15.92 9.80
CA ALA A 46 -2.67 14.56 9.72
C ALA A 46 -3.21 14.29 8.31
N VAL A 47 -2.72 13.22 7.70
CA VAL A 47 -3.15 12.86 6.35
C VAL A 47 -3.12 11.36 6.15
N MET A 48 -3.93 10.86 5.22
CA MET A 48 -3.98 9.43 4.92
C MET A 48 -3.80 9.19 3.44
N GLY A 49 -3.80 7.93 3.04
CA GLY A 49 -3.64 7.58 1.64
C GLY A 49 -4.19 6.19 1.34
N ASN A 50 -4.58 5.96 0.09
CA ASN A 50 -5.13 4.67 -0.31
C ASN A 50 -4.19 3.98 -1.29
N ILE A 51 -3.74 2.78 -0.93
CA ILE A 51 -2.84 2.02 -1.79
C ILE A 51 -3.30 0.58 -1.92
N VAL A 52 -3.40 0.11 -3.16
CA VAL A 52 -3.83 -1.26 -3.40
C VAL A 52 -2.83 -1.98 -4.30
N ALA A 53 -2.65 -3.28 -4.07
CA ALA A 53 -1.72 -4.06 -4.86
C ALA A 53 -2.40 -5.31 -5.41
N GLN A 54 -1.85 -5.85 -6.49
CA GLN A 54 -2.41 -7.05 -7.11
C GLN A 54 -1.40 -8.18 -7.10
N GLY A 55 -1.06 -8.66 -5.92
CA GLY A 55 -0.09 -9.75 -5.79
C GLY A 55 -0.73 -10.96 -5.12
N ASN A 56 -0.14 -12.14 -5.36
CA ASN A 56 -0.67 -13.37 -4.76
C ASN A 56 0.02 -13.67 -3.45
N SER A 57 -0.45 -13.05 -2.38
CA SER A 57 0.13 -13.26 -1.06
C SER A 57 -0.88 -13.91 -0.12
N ASP A 58 -0.58 -13.91 1.17
CA ASP A 58 -1.47 -14.50 2.16
C ASP A 58 -1.83 -13.50 3.24
N SER A 59 -1.46 -12.23 3.01
CA SER A 59 -1.72 -11.19 3.98
C SER A 59 -1.43 -9.82 3.40
N ILE A 60 -2.46 -9.06 3.07
CA ILE A 60 -2.26 -7.73 2.51
C ILE A 60 -3.17 -6.73 3.22
N GLY A 61 -2.62 -5.56 3.54
CA GLY A 61 -3.40 -4.52 4.22
C GLY A 61 -2.69 -3.18 4.16
N CYS A 62 -3.34 -2.15 4.70
CA CYS A 62 -2.77 -0.82 4.71
C CYS A 62 -2.62 -0.31 6.14
N ARG A 63 -1.62 0.53 6.36
CA ARG A 63 -1.37 1.07 7.69
C ARG A 63 -0.88 2.51 7.60
N ILE A 64 -1.25 3.33 8.58
CA ILE A 64 -0.84 4.73 8.61
C ILE A 64 -0.23 5.06 9.97
N THR A 65 1.01 5.54 9.96
CA THR A 65 1.69 5.89 11.20
C THR A 65 2.04 7.38 11.22
N VAL A 66 1.61 8.07 12.28
CA VAL A 66 1.88 9.49 12.42
C VAL A 66 2.31 9.80 13.85
N ASP A 67 3.31 10.67 13.98
CA ASP A 67 3.80 11.05 15.31
C ASP A 67 4.03 9.81 16.16
N GLY A 68 4.24 8.68 15.49
CA GLY A 68 4.47 7.42 16.20
C GLY A 68 3.18 6.91 16.85
N LYS A 69 2.15 7.74 16.80
CA LYS A 69 0.86 7.37 17.39
C LYS A 69 -0.09 6.87 16.31
N VAL A 70 -0.74 5.75 16.58
CA VAL A 70 -1.69 5.18 15.62
C VAL A 70 -2.91 6.08 15.48
N ARG A 71 -3.41 6.20 14.25
CA ARG A 71 -4.58 7.05 13.99
C ARG A 71 -5.74 6.20 13.46
N ALA A 72 -5.64 5.81 12.19
CA ALA A 72 -6.69 5.01 11.58
C ALA A 72 -6.11 4.12 10.48
N GLU A 73 -6.41 2.84 10.54
CA GLU A 73 -5.91 1.88 9.56
C GLU A 73 -6.87 0.72 9.39
N ARG A 74 -6.76 0.02 8.27
CA ARG A 74 -7.63 -1.12 7.99
C ARG A 74 -6.82 -2.39 7.79
N VAL A 75 -7.13 -3.42 8.58
CA VAL A 75 -6.42 -4.68 8.48
C VAL A 75 -7.30 -5.75 7.83
N SER A 76 -6.85 -6.24 6.67
CA SER A 76 -7.62 -7.25 5.95
C SER A 76 -6.71 -8.39 5.52
N ASN A 77 -7.01 -9.60 5.97
CA ASN A 77 -6.21 -10.76 5.62
C ASN A 77 -6.89 -11.56 4.51
N GLU A 78 -6.12 -11.87 3.47
CA GLU A 78 -6.65 -12.63 2.35
C GLU A 78 -5.71 -13.77 1.98
N VAL A 79 -6.22 -14.74 1.23
CA VAL A 79 -5.41 -15.89 0.82
C VAL A 79 -4.99 -15.73 -0.64
N ASN A 80 -5.54 -14.73 -1.31
CA ASN A 80 -5.20 -14.49 -2.71
C ASN A 80 -5.66 -13.11 -3.14
N ALA A 81 -5.09 -12.08 -2.51
CA ALA A 81 -5.45 -10.70 -2.83
C ALA A 81 -5.13 -10.40 -4.29
N TYR A 82 -6.14 -10.47 -5.14
CA TYR A 82 -5.96 -10.19 -6.56
C TYR A 82 -7.31 -9.89 -7.22
N THR A 83 -8.39 -10.32 -6.57
CA THR A 83 -9.73 -10.10 -7.11
C THR A 83 -10.12 -8.63 -6.94
N TYR A 84 -9.61 -7.78 -7.82
CA TYR A 84 -9.92 -6.36 -7.76
C TYR A 84 -11.41 -6.14 -7.51
N CYS A 85 -12.22 -6.45 -8.52
CA CYS A 85 -13.67 -6.29 -8.39
C CYS A 85 -14.33 -7.58 -7.93
N LEU A 86 -15.17 -7.47 -6.90
CA LEU A 86 -15.86 -8.64 -6.37
C LEU A 86 -16.61 -9.35 -7.47
N VAL A 87 -16.00 -10.39 -8.03
CA VAL A 87 -16.64 -11.15 -9.10
C VAL A 87 -15.83 -12.40 -9.43
N LYS A 88 -16.51 -13.45 -9.87
CA LYS A 88 -15.84 -14.69 -10.22
C LYS A 88 -16.63 -15.44 -11.29
N SER A 89 -16.18 -16.65 -11.62
CA SER A 89 -16.86 -17.45 -12.63
C SER A 89 -17.46 -16.56 -13.72
N ALA A 90 -16.59 -15.85 -14.43
CA ALA A 90 -17.05 -14.95 -15.50
C ALA A 90 -18.46 -14.44 -15.19
N MET A 1 4.26 13.78 12.08
CA MET A 1 4.65 14.94 11.22
C MET A 1 5.02 14.43 9.82
N HIS A 2 5.51 13.20 9.77
CA HIS A 2 5.90 12.60 8.49
C HIS A 2 5.00 11.41 8.17
N LEU A 3 4.44 11.40 6.97
CA LEU A 3 3.57 10.30 6.56
C LEU A 3 4.36 9.28 5.76
N THR A 4 4.48 8.06 6.32
CA THR A 4 5.21 7.00 5.66
C THR A 4 4.35 5.75 5.56
N TYR A 5 4.31 5.15 4.36
CA TYR A 5 3.53 3.95 4.15
C TYR A 5 4.41 2.85 3.55
N GLU A 6 4.08 1.60 3.87
CA GLU A 6 4.86 0.48 3.36
C GLU A 6 4.02 -0.79 3.32
N ILE A 7 4.22 -1.59 2.28
CA ILE A 7 3.49 -2.84 2.13
C ILE A 7 4.42 -4.04 2.37
N PHE A 8 3.83 -5.22 2.55
CA PHE A 8 4.62 -6.42 2.78
C PHE A 8 3.97 -7.62 2.11
N GLY A 9 4.80 -8.57 1.69
CA GLY A 9 4.28 -9.77 1.04
C GLY A 9 5.32 -10.89 1.08
N PRO A 10 4.90 -12.11 0.84
CA PRO A 10 5.80 -13.28 0.86
C PRO A 10 7.14 -12.98 0.17
N PRO A 11 8.20 -13.56 0.66
CA PRO A 11 9.57 -13.34 0.09
C PRO A 11 9.71 -13.93 -1.32
N GLY A 12 9.93 -13.05 -2.29
CA GLY A 12 10.08 -13.50 -3.67
C GLY A 12 8.83 -13.24 -4.48
N THR A 13 7.83 -12.63 -3.84
CA THR A 13 6.57 -12.35 -4.52
C THR A 13 6.64 -11.01 -5.26
N VAL A 14 6.03 -10.96 -6.44
CA VAL A 14 6.02 -9.74 -7.23
C VAL A 14 4.66 -9.07 -7.16
N ALA A 15 4.65 -7.79 -6.80
CA ALA A 15 3.40 -7.05 -6.69
C ALA A 15 3.54 -5.64 -7.27
N ASP A 16 2.41 -5.07 -7.70
CA ASP A 16 2.42 -3.74 -8.28
C ASP A 16 1.78 -2.74 -7.31
N ILE A 17 2.54 -1.72 -6.92
CA ILE A 17 2.03 -0.72 -6.00
C ILE A 17 1.79 0.61 -6.73
N SER A 18 0.62 1.19 -6.51
CA SER A 18 0.24 2.44 -7.14
C SER A 18 -0.38 3.39 -6.14
N TYR A 19 0.22 4.55 -5.94
CA TYR A 19 -0.31 5.53 -4.99
C TYR A 19 -0.37 6.91 -5.62
N PHE A 20 -1.15 7.80 -5.02
CA PHE A 20 -1.29 9.16 -5.52
C PHE A 20 -0.23 10.07 -4.90
N ASP A 21 0.53 10.75 -5.76
CA ASP A 21 1.57 11.65 -5.28
C ASP A 21 0.98 13.02 -4.94
N VAL A 22 1.46 13.62 -3.86
CA VAL A 22 0.97 14.93 -3.44
C VAL A 22 1.21 15.97 -4.53
N ASN A 23 2.19 15.71 -5.39
CA ASN A 23 2.50 16.64 -6.47
C ASN A 23 1.61 16.39 -7.68
N SER A 24 0.91 15.26 -7.68
CA SER A 24 0.02 14.91 -8.78
C SER A 24 0.75 14.08 -9.83
N GLU A 25 1.92 13.55 -9.45
CA GLU A 25 2.71 12.74 -10.36
C GLU A 25 3.01 11.38 -9.74
N PRO A 26 2.05 10.49 -9.77
CA PRO A 26 2.22 9.12 -9.19
C PRO A 26 3.06 8.21 -10.08
N GLN A 27 3.93 7.43 -9.45
CA GLN A 27 4.78 6.50 -10.17
C GLN A 27 4.33 5.07 -9.94
N ARG A 28 4.70 4.18 -10.84
CA ARG A 28 4.31 2.77 -10.71
C ARG A 28 5.53 1.85 -10.88
N VAL A 29 5.62 0.85 -10.01
CA VAL A 29 6.72 -0.10 -10.07
C VAL A 29 6.20 -1.51 -10.32
N ASP A 30 6.61 -2.09 -11.44
CA ASP A 30 6.17 -3.44 -11.79
C ASP A 30 7.36 -4.38 -11.90
N GLY A 31 7.22 -5.58 -11.34
CA GLY A 31 8.29 -6.56 -11.38
C GLY A 31 9.16 -6.47 -10.14
N ALA A 32 8.73 -5.67 -9.17
CA ALA A 32 9.49 -5.50 -7.94
C ALA A 32 9.44 -6.79 -7.11
N VAL A 33 10.58 -7.13 -6.52
CA VAL A 33 10.66 -8.33 -5.70
C VAL A 33 9.89 -8.14 -4.39
N LEU A 34 10.21 -7.06 -3.68
CA LEU A 34 9.54 -6.76 -2.42
C LEU A 34 9.14 -5.29 -2.36
N PRO A 35 8.13 -5.00 -1.60
CA PRO A 35 7.62 -3.60 -1.44
C PRO A 35 8.63 -2.70 -0.73
N TRP A 36 8.52 -1.40 -0.98
CA TRP A 36 9.43 -0.43 -0.37
C TRP A 36 8.64 0.62 0.40
N SER A 37 9.27 1.76 0.69
CA SER A 37 8.62 2.83 1.43
C SER A 37 8.99 4.18 0.86
N LEU A 38 8.09 5.14 1.00
CA LEU A 38 8.34 6.50 0.51
C LEU A 38 8.08 7.51 1.63
N HIS A 39 8.85 8.60 1.63
CA HIS A 39 8.69 9.63 2.65
C HIS A 39 8.06 10.89 2.05
N ILE A 40 6.91 11.28 2.58
CA ILE A 40 6.23 12.47 2.08
C ILE A 40 5.83 13.37 3.25
N THR A 41 6.19 14.65 3.15
CA THR A 41 5.87 15.62 4.20
C THR A 41 4.83 16.61 3.70
N THR A 42 3.70 16.70 4.40
CA THR A 42 2.63 17.61 4.01
C THR A 42 2.27 18.54 5.17
N ASN A 43 2.21 19.84 4.87
CA ASN A 43 1.87 20.84 5.88
C ASN A 43 2.20 20.32 7.28
N ASP A 44 1.18 20.25 8.13
CA ASP A 44 1.37 19.78 9.50
C ASP A 44 0.03 19.41 10.12
N ALA A 45 -0.38 18.16 9.93
CA ALA A 45 -1.64 17.68 10.48
C ALA A 45 -1.80 16.18 10.24
N ALA A 46 -3.03 15.70 10.30
CA ALA A 46 -3.31 14.29 10.08
C ALA A 46 -3.41 13.99 8.59
N VAL A 47 -2.52 13.11 8.10
CA VAL A 47 -2.53 12.75 6.70
C VAL A 47 -2.90 11.29 6.52
N MET A 48 -3.66 11.00 5.46
CA MET A 48 -4.08 9.64 5.17
C MET A 48 -3.74 9.29 3.73
N GLY A 49 -3.79 8.01 3.40
CA GLY A 49 -3.49 7.56 2.04
C GLY A 49 -4.14 6.22 1.74
N ASN A 50 -4.55 6.04 0.48
CA ASN A 50 -5.19 4.79 0.07
C ASN A 50 -4.32 4.08 -0.98
N ILE A 51 -3.81 2.92 -0.62
CA ILE A 51 -2.97 2.14 -1.53
C ILE A 51 -3.42 0.69 -1.58
N VAL A 52 -3.50 0.14 -2.78
CA VAL A 52 -3.91 -1.25 -2.95
C VAL A 52 -2.90 -2.01 -3.81
N ALA A 53 -2.78 -3.31 -3.56
CA ALA A 53 -1.85 -4.14 -4.31
C ALA A 53 -2.59 -5.30 -4.98
N GLN A 54 -2.18 -5.61 -6.21
CA GLN A 54 -2.81 -6.70 -6.95
C GLN A 54 -1.79 -7.79 -7.28
N GLY A 55 -1.48 -8.60 -6.28
CA GLY A 55 -0.52 -9.69 -6.47
C GLY A 55 -1.08 -11.00 -5.93
N ASN A 56 -0.51 -12.12 -6.40
CA ASN A 56 -0.97 -13.43 -5.97
C ASN A 56 -0.32 -13.79 -4.63
N SER A 57 -0.34 -12.85 -3.69
CA SER A 57 0.24 -13.08 -2.38
C SER A 57 -0.71 -13.88 -1.49
N ASP A 58 -0.34 -14.06 -0.24
CA ASP A 58 -1.17 -14.80 0.70
C ASP A 58 -1.47 -13.96 1.93
N SER A 59 -1.13 -12.68 1.87
CA SER A 59 -1.34 -11.77 2.99
C SER A 59 -1.07 -10.34 2.59
N ILE A 60 -2.06 -9.47 2.75
CA ILE A 60 -1.88 -8.07 2.41
C ILE A 60 -2.61 -7.19 3.42
N GLY A 61 -2.12 -5.96 3.59
CA GLY A 61 -2.73 -5.02 4.52
C GLY A 61 -2.03 -3.66 4.47
N CYS A 62 -2.73 -2.63 4.92
CA CYS A 62 -2.16 -1.29 4.92
C CYS A 62 -2.06 -0.74 6.34
N ARG A 63 -1.33 0.35 6.49
CA ARG A 63 -1.16 0.98 7.81
C ARG A 63 -0.75 2.44 7.64
N ILE A 64 -1.52 3.33 8.25
CA ILE A 64 -1.22 4.76 8.16
C ILE A 64 -1.11 5.37 9.55
N THR A 65 0.11 5.79 9.91
CA THR A 65 0.33 6.40 11.21
C THR A 65 0.88 7.81 11.05
N VAL A 66 0.34 8.75 11.83
CA VAL A 66 0.78 10.14 11.76
C VAL A 66 1.36 10.58 13.10
N ASP A 67 2.31 11.52 13.05
CA ASP A 67 2.93 12.02 14.27
C ASP A 67 3.45 10.87 15.13
N GLY A 68 3.72 9.74 14.48
CA GLY A 68 4.22 8.57 15.20
C GLY A 68 3.15 7.99 16.12
N LYS A 69 1.94 8.56 16.05
CA LYS A 69 0.84 8.09 16.88
C LYS A 69 -0.22 7.39 16.03
N VAL A 70 -0.74 6.29 16.53
CA VAL A 70 -1.77 5.55 15.81
C VAL A 70 -3.15 6.11 16.10
N ARG A 71 -3.83 6.59 15.06
CA ARG A 71 -5.16 7.15 15.22
C ARG A 71 -6.15 6.44 14.30
N ALA A 72 -5.68 6.05 13.13
CA ALA A 72 -6.53 5.35 12.17
C ALA A 72 -5.68 4.56 11.18
N GLU A 73 -5.99 3.28 11.05
CA GLU A 73 -5.25 2.41 10.14
C GLU A 73 -6.14 1.28 9.64
N ARG A 74 -5.94 0.88 8.39
CA ARG A 74 -6.73 -0.20 7.80
C ARG A 74 -5.85 -1.40 7.46
N VAL A 75 -6.20 -2.55 8.01
CA VAL A 75 -5.44 -3.77 7.75
C VAL A 75 -6.37 -4.97 7.55
N SER A 76 -6.34 -5.53 6.35
CA SER A 76 -7.19 -6.67 6.04
C SER A 76 -6.37 -7.75 5.33
N ASN A 77 -6.34 -8.94 5.90
CA ASN A 77 -5.58 -10.05 5.31
C ASN A 77 -6.51 -10.95 4.49
N GLU A 78 -6.04 -11.34 3.31
CA GLU A 78 -6.82 -12.22 2.44
C GLU A 78 -5.91 -13.01 1.51
N VAL A 79 -6.16 -14.30 1.39
CA VAL A 79 -5.34 -15.16 0.54
C VAL A 79 -5.55 -14.81 -0.92
N ASN A 80 -4.45 -14.61 -1.65
CA ASN A 80 -4.53 -14.26 -3.06
C ASN A 80 -5.66 -13.27 -3.30
N ALA A 81 -5.48 -12.04 -2.82
CA ALA A 81 -6.50 -11.01 -2.98
C ALA A 81 -6.75 -10.75 -4.47
N TYR A 82 -7.69 -11.49 -5.03
CA TYR A 82 -8.03 -11.33 -6.45
C TYR A 82 -9.44 -11.80 -6.73
N THR A 83 -10.38 -10.86 -6.69
CA THR A 83 -11.78 -11.18 -6.96
C THR A 83 -12.29 -12.23 -5.97
N TYR A 84 -12.11 -11.98 -4.69
CA TYR A 84 -12.56 -12.91 -3.65
C TYR A 84 -11.65 -14.13 -3.59
N CYS A 85 -12.09 -15.15 -2.87
CA CYS A 85 -11.30 -16.37 -2.74
C CYS A 85 -12.22 -17.58 -2.59
N LEU A 86 -13.08 -17.56 -1.57
CA LEU A 86 -14.00 -18.66 -1.34
C LEU A 86 -13.25 -19.98 -1.24
N VAL A 87 -12.79 -20.48 -2.38
CA VAL A 87 -12.05 -21.73 -2.41
C VAL A 87 -12.69 -22.76 -1.48
N LYS A 88 -13.94 -23.10 -1.75
CA LYS A 88 -14.66 -24.07 -0.93
C LYS A 88 -15.17 -25.21 -1.79
N SER A 89 -15.08 -25.04 -3.11
CA SER A 89 -15.54 -26.07 -4.03
C SER A 89 -15.02 -27.44 -3.61
N ALA A 90 -15.85 -28.20 -2.90
CA ALA A 90 -15.47 -29.52 -2.44
C ALA A 90 -16.57 -30.53 -2.76
N MET A 1 7.20 13.20 12.20
CA MET A 1 6.31 14.13 11.44
C MET A 1 6.23 13.67 10.00
N HIS A 2 6.98 12.62 9.67
CA HIS A 2 6.97 12.09 8.30
C HIS A 2 6.00 10.91 8.19
N LEU A 3 5.11 10.97 7.22
CA LEU A 3 4.14 9.90 7.03
C LEU A 3 4.61 8.94 5.95
N THR A 4 4.87 7.69 6.34
CA THR A 4 5.33 6.68 5.40
C THR A 4 4.45 5.44 5.47
N TYR A 5 4.11 4.89 4.30
CA TYR A 5 3.27 3.69 4.24
C TYR A 5 4.03 2.57 3.55
N GLU A 6 3.74 1.33 3.93
CA GLU A 6 4.41 0.18 3.32
C GLU A 6 3.56 -1.08 3.44
N ILE A 7 3.82 -2.02 2.54
CA ILE A 7 3.08 -3.28 2.53
C ILE A 7 4.06 -4.43 2.81
N PHE A 8 3.51 -5.64 2.92
CA PHE A 8 4.35 -6.81 3.20
C PHE A 8 3.88 -8.02 2.41
N GLY A 9 4.83 -8.85 1.99
CA GLY A 9 4.50 -10.04 1.22
C GLY A 9 5.72 -10.96 1.11
N PRO A 10 5.52 -12.21 0.80
CA PRO A 10 6.62 -13.20 0.67
C PRO A 10 7.81 -12.64 -0.11
N PRO A 11 8.98 -13.18 0.13
CA PRO A 11 10.22 -12.73 -0.56
C PRO A 11 10.20 -13.06 -2.05
N GLY A 12 10.18 -12.03 -2.88
CA GLY A 12 10.16 -12.22 -4.32
C GLY A 12 8.75 -12.06 -4.87
N THR A 13 7.87 -11.47 -4.06
CA THR A 13 6.49 -11.25 -4.47
C THR A 13 6.38 -10.03 -5.38
N VAL A 14 5.57 -10.15 -6.43
CA VAL A 14 5.37 -9.05 -7.37
C VAL A 14 3.98 -8.46 -7.22
N ALA A 15 3.92 -7.16 -6.96
CA ALA A 15 2.64 -6.49 -6.79
C ALA A 15 2.68 -5.09 -7.38
N ASP A 16 1.52 -4.58 -7.78
CA ASP A 16 1.43 -3.25 -8.38
C ASP A 16 1.07 -2.22 -7.31
N ILE A 17 1.99 -1.30 -7.07
CA ILE A 17 1.76 -0.26 -6.06
C ILE A 17 1.38 1.06 -6.73
N SER A 18 0.21 1.57 -6.39
CA SER A 18 -0.28 2.83 -6.96
C SER A 18 -0.86 3.71 -5.89
N TYR A 19 -0.32 4.90 -5.72
CA TYR A 19 -0.83 5.84 -4.71
C TYR A 19 -0.81 7.26 -5.24
N PHE A 20 -1.64 8.11 -4.64
CA PHE A 20 -1.70 9.51 -5.05
C PHE A 20 -0.60 10.32 -4.38
N ASP A 21 0.05 11.18 -5.15
CA ASP A 21 1.13 12.00 -4.62
C ASP A 21 0.66 13.43 -4.40
N VAL A 22 1.05 14.02 -3.28
CA VAL A 22 0.67 15.39 -2.96
C VAL A 22 1.23 16.35 -4.00
N ASN A 23 2.24 15.89 -4.73
CA ASN A 23 2.86 16.73 -5.74
C ASN A 23 2.15 16.57 -7.09
N SER A 24 1.13 15.71 -7.11
CA SER A 24 0.37 15.48 -8.33
C SER A 24 1.19 14.63 -9.31
N GLU A 25 1.88 13.62 -8.77
CA GLU A 25 2.69 12.74 -9.60
C GLU A 25 2.85 11.38 -8.94
N PRO A 26 1.97 10.47 -9.24
CA PRO A 26 1.99 9.10 -8.66
C PRO A 26 3.01 8.19 -9.35
N GLN A 27 3.68 7.36 -8.56
CA GLN A 27 4.69 6.45 -9.10
C GLN A 27 4.16 5.02 -9.08
N ARG A 28 4.60 4.22 -10.06
CA ARG A 28 4.16 2.84 -10.16
C ARG A 28 5.34 1.92 -10.47
N VAL A 29 5.45 0.82 -9.73
CA VAL A 29 6.54 -0.12 -9.93
C VAL A 29 6.01 -1.45 -10.47
N ASP A 30 6.46 -1.82 -11.67
CA ASP A 30 6.02 -3.06 -12.29
C ASP A 30 7.14 -4.09 -12.25
N GLY A 31 6.90 -5.19 -11.54
CA GLY A 31 7.90 -6.25 -11.43
C GLY A 31 8.65 -6.13 -10.11
N ALA A 32 8.05 -5.44 -9.14
CA ALA A 32 8.68 -5.25 -7.84
C ALA A 32 8.91 -6.59 -7.15
N VAL A 33 9.90 -6.64 -6.27
CA VAL A 33 10.21 -7.87 -5.56
C VAL A 33 9.58 -7.85 -4.17
N LEU A 34 9.60 -6.69 -3.52
CA LEU A 34 9.03 -6.55 -2.20
C LEU A 34 8.58 -5.12 -1.96
N PRO A 35 7.59 -4.94 -1.12
CA PRO A 35 7.04 -3.59 -0.79
C PRO A 35 8.08 -2.67 -0.15
N TRP A 36 7.92 -1.37 -0.38
CA TRP A 36 8.85 -0.39 0.17
C TRP A 36 8.10 0.71 0.90
N SER A 37 8.81 1.75 1.30
CA SER A 37 8.23 2.87 2.02
C SER A 37 8.59 4.19 1.37
N LEU A 38 7.77 5.21 1.55
CA LEU A 38 8.05 6.51 0.98
C LEU A 38 7.92 7.62 2.02
N HIS A 39 8.73 8.67 1.86
CA HIS A 39 8.70 9.79 2.79
C HIS A 39 8.11 11.02 2.10
N ILE A 40 7.06 11.58 2.68
CA ILE A 40 6.42 12.76 2.10
C ILE A 40 6.27 13.86 3.14
N THR A 41 6.60 15.09 2.74
CA THR A 41 6.51 16.23 3.63
C THR A 41 5.48 17.23 3.11
N THR A 42 4.48 17.53 3.94
CA THR A 42 3.43 18.47 3.53
C THR A 42 3.27 19.58 4.56
N ASN A 43 3.32 20.82 4.10
CA ASN A 43 3.17 21.97 5.00
C ASN A 43 2.31 21.60 6.20
N ASP A 44 1.28 20.78 5.96
CA ASP A 44 0.39 20.36 7.03
C ASP A 44 1.12 19.48 8.03
N ALA A 45 0.50 18.39 8.43
CA ALA A 45 1.10 17.47 9.39
C ALA A 45 0.58 16.05 9.19
N ALA A 46 -0.69 15.95 8.81
CA ALA A 46 -1.30 14.64 8.59
C ALA A 46 -1.74 14.50 7.13
N VAL A 47 -1.49 13.34 6.54
CA VAL A 47 -1.88 13.09 5.16
C VAL A 47 -2.17 11.61 4.95
N MET A 48 -3.37 11.32 4.45
CA MET A 48 -3.77 9.95 4.19
C MET A 48 -3.54 9.58 2.73
N GLY A 49 -2.91 8.43 2.52
CA GLY A 49 -2.63 7.97 1.17
C GLY A 49 -3.38 6.67 0.87
N ASN A 50 -3.79 6.51 -0.39
CA ASN A 50 -4.52 5.31 -0.79
C ASN A 50 -3.60 4.36 -1.54
N ILE A 51 -3.39 3.17 -0.96
CA ILE A 51 -2.53 2.17 -1.57
C ILE A 51 -3.20 0.81 -1.57
N VAL A 52 -3.09 0.09 -2.69
CA VAL A 52 -3.70 -1.23 -2.80
C VAL A 52 -2.78 -2.18 -3.54
N ALA A 53 -2.85 -3.46 -3.20
CA ALA A 53 -2.00 -4.46 -3.84
C ALA A 53 -2.85 -5.61 -4.38
N GLN A 54 -2.40 -6.20 -5.49
CA GLN A 54 -3.11 -7.31 -6.10
C GLN A 54 -2.16 -8.45 -6.44
N GLY A 55 -1.29 -8.79 -5.49
CA GLY A 55 -0.33 -9.87 -5.70
C GLY A 55 -0.80 -11.16 -5.06
N ASN A 56 -0.20 -12.27 -5.46
CA ASN A 56 -0.56 -13.57 -4.91
C ASN A 56 0.05 -13.77 -3.53
N SER A 57 0.12 -12.69 -2.76
CA SER A 57 0.69 -12.75 -1.41
C SER A 57 -0.16 -13.63 -0.51
N ASP A 58 0.10 -13.57 0.79
CA ASP A 58 -0.65 -14.37 1.75
C ASP A 58 -1.30 -13.46 2.80
N SER A 59 -0.70 -12.29 3.01
CA SER A 59 -1.20 -11.34 4.00
C SER A 59 -1.00 -9.92 3.52
N ILE A 60 -1.97 -9.39 2.80
CA ILE A 60 -1.87 -8.02 2.29
C ILE A 60 -2.68 -7.07 3.16
N GLY A 61 -2.23 -5.83 3.26
CA GLY A 61 -2.93 -4.83 4.06
C GLY A 61 -2.16 -3.52 4.08
N CYS A 62 -2.82 -2.45 4.50
CA CYS A 62 -2.19 -1.14 4.56
C CYS A 62 -2.34 -0.54 5.95
N ARG A 63 -1.39 0.32 6.32
CA ARG A 63 -1.43 0.96 7.63
C ARG A 63 -0.82 2.35 7.57
N ILE A 64 -1.42 3.29 8.29
CA ILE A 64 -0.93 4.67 8.30
C ILE A 64 -0.44 5.06 9.69
N THR A 65 0.74 5.67 9.75
CA THR A 65 1.31 6.08 11.03
C THR A 65 1.59 7.58 11.03
N VAL A 66 0.97 8.30 11.96
CA VAL A 66 1.16 9.74 12.04
C VAL A 66 1.70 10.13 13.42
N ASP A 67 2.78 10.90 13.44
CA ASP A 67 3.38 11.34 14.69
C ASP A 67 3.69 10.13 15.58
N GLY A 68 3.72 8.94 14.97
CA GLY A 68 4.00 7.73 15.72
C GLY A 68 2.72 7.13 16.29
N LYS A 69 1.63 7.88 16.19
CA LYS A 69 0.35 7.42 16.71
C LYS A 69 -0.54 6.91 15.58
N VAL A 70 -1.36 5.91 15.88
CA VAL A 70 -2.25 5.33 14.88
C VAL A 70 -3.45 6.23 14.64
N ARG A 71 -3.70 6.55 13.38
CA ARG A 71 -4.83 7.41 13.02
C ARG A 71 -5.94 6.59 12.37
N ALA A 72 -5.64 6.06 11.19
CA ALA A 72 -6.61 5.25 10.46
C ALA A 72 -5.89 4.19 9.63
N GLU A 73 -6.30 2.93 9.80
CA GLU A 73 -5.67 1.85 9.07
C GLU A 73 -6.64 0.70 8.84
N ARG A 74 -6.74 0.24 7.60
CA ARG A 74 -7.63 -0.86 7.27
C ARG A 74 -6.81 -2.09 6.88
N VAL A 75 -6.93 -3.15 7.68
CA VAL A 75 -6.19 -4.37 7.41
C VAL A 75 -7.13 -5.53 7.09
N SER A 76 -6.91 -6.15 5.94
CA SER A 76 -7.74 -7.27 5.52
C SER A 76 -6.85 -8.47 5.16
N ASN A 77 -7.12 -9.61 5.78
CA ASN A 77 -6.33 -10.81 5.51
C ASN A 77 -6.99 -11.66 4.42
N GLU A 78 -6.20 -12.02 3.42
CA GLU A 78 -6.68 -12.84 2.32
C GLU A 78 -5.53 -13.56 1.64
N VAL A 79 -5.68 -14.87 1.45
CA VAL A 79 -4.64 -15.66 0.81
C VAL A 79 -4.71 -15.51 -0.71
N ASN A 80 -3.65 -14.94 -1.29
CA ASN A 80 -3.61 -14.73 -2.73
C ASN A 80 -4.76 -13.84 -3.17
N ALA A 81 -4.69 -12.57 -2.80
CA ALA A 81 -5.73 -11.61 -3.15
C ALA A 81 -5.71 -11.34 -4.66
N TYR A 82 -5.66 -12.40 -5.45
CA TYR A 82 -5.64 -12.27 -6.90
C TYR A 82 -6.50 -13.34 -7.55
N THR A 83 -7.26 -14.06 -6.73
CA THR A 83 -8.14 -15.12 -7.23
C THR A 83 -7.49 -15.83 -8.41
N TYR A 84 -8.21 -15.89 -9.53
CA TYR A 84 -7.70 -16.55 -10.72
C TYR A 84 -7.81 -15.63 -11.94
N CYS A 85 -7.61 -16.19 -13.11
CA CYS A 85 -7.68 -15.42 -14.36
C CYS A 85 -7.93 -16.34 -15.54
N LEU A 86 -8.15 -15.74 -16.71
CA LEU A 86 -8.40 -16.52 -17.92
C LEU A 86 -9.81 -17.10 -17.90
N VAL A 87 -9.99 -18.18 -17.14
CA VAL A 87 -11.30 -18.82 -17.04
C VAL A 87 -11.72 -19.39 -18.39
N LYS A 88 -11.89 -20.70 -18.44
CA LYS A 88 -12.30 -21.36 -19.68
C LYS A 88 -13.58 -20.75 -20.23
N SER A 89 -13.51 -20.28 -21.47
CA SER A 89 -14.68 -19.67 -22.11
C SER A 89 -15.14 -18.44 -21.32
N ALA A 90 -15.50 -17.39 -22.04
CA ALA A 90 -15.96 -16.15 -21.39
C ALA A 90 -17.33 -15.76 -21.91
N MET A 1 5.80 13.75 13.00
CA MET A 1 4.83 14.54 12.19
C MET A 1 4.98 14.16 10.72
N HIS A 2 5.59 13.01 10.48
CA HIS A 2 5.78 12.53 9.11
C HIS A 2 5.01 11.24 8.88
N LEU A 3 4.22 11.22 7.80
CA LEU A 3 3.43 10.03 7.48
C LEU A 3 4.14 9.16 6.46
N THR A 4 4.41 7.92 6.84
CA THR A 4 5.09 6.98 5.96
C THR A 4 4.29 5.69 5.81
N TYR A 5 4.13 5.22 4.58
CA TYR A 5 3.38 3.99 4.33
C TYR A 5 4.28 2.97 3.63
N GLU A 6 4.01 1.69 3.88
CA GLU A 6 4.80 0.63 3.26
C GLU A 6 3.99 -0.67 3.18
N ILE A 7 4.22 -1.42 2.11
CA ILE A 7 3.53 -2.69 1.91
C ILE A 7 4.52 -3.84 1.93
N PHE A 8 4.06 -5.03 2.30
CA PHE A 8 4.95 -6.19 2.34
C PHE A 8 4.23 -7.43 1.83
N GLY A 9 5.01 -8.46 1.51
CA GLY A 9 4.46 -9.72 1.01
C GLY A 9 5.54 -10.79 0.96
N PRO A 10 5.16 -12.01 0.70
CA PRO A 10 6.11 -13.15 0.61
C PRO A 10 7.33 -12.82 -0.25
N PRO A 11 8.44 -13.46 0.02
CA PRO A 11 9.70 -13.23 -0.74
C PRO A 11 9.57 -13.63 -2.20
N GLY A 12 9.77 -12.66 -3.10
CA GLY A 12 9.67 -12.93 -4.52
C GLY A 12 8.27 -12.62 -5.04
N THR A 13 7.43 -12.07 -4.17
CA THR A 13 6.07 -11.71 -4.54
C THR A 13 6.06 -10.54 -5.52
N VAL A 14 5.12 -10.57 -6.46
CA VAL A 14 5.01 -9.50 -7.44
C VAL A 14 3.65 -8.82 -7.34
N ALA A 15 3.67 -7.51 -7.11
CA ALA A 15 2.43 -6.75 -6.99
C ALA A 15 2.60 -5.36 -7.61
N ASP A 16 1.47 -4.77 -8.02
CA ASP A 16 1.49 -3.45 -8.63
C ASP A 16 1.03 -2.40 -7.62
N ILE A 17 1.92 -1.51 -7.24
CA ILE A 17 1.60 -0.46 -6.27
C ILE A 17 1.07 0.79 -6.98
N SER A 18 -0.08 1.25 -6.54
CA SER A 18 -0.72 2.44 -7.10
C SER A 18 -1.08 3.42 -6.03
N TYR A 19 -0.47 4.60 -6.05
CA TYR A 19 -0.76 5.61 -5.04
C TYR A 19 -0.66 7.01 -5.66
N PHE A 20 -1.47 7.93 -5.15
CA PHE A 20 -1.45 9.30 -5.66
C PHE A 20 -0.41 10.13 -4.92
N ASP A 21 0.55 10.68 -5.66
CA ASP A 21 1.60 11.49 -5.07
C ASP A 21 1.11 12.92 -4.85
N VAL A 22 1.57 13.54 -3.77
CA VAL A 22 1.17 14.91 -3.47
C VAL A 22 1.49 15.82 -4.65
N ASN A 23 2.25 15.29 -5.61
CA ASN A 23 2.63 16.06 -6.79
C ASN A 23 1.63 15.83 -7.91
N SER A 24 0.74 14.86 -7.72
CA SER A 24 -0.27 14.54 -8.71
C SER A 24 0.29 13.57 -9.74
N GLU A 25 1.52 13.13 -9.51
CA GLU A 25 2.17 12.19 -10.42
C GLU A 25 2.41 10.84 -9.73
N PRO A 26 1.52 9.90 -9.91
CA PRO A 26 1.62 8.55 -9.29
C PRO A 26 2.60 7.65 -10.05
N GLN A 27 3.39 6.89 -9.30
CA GLN A 27 4.35 5.99 -9.92
C GLN A 27 3.93 4.54 -9.77
N ARG A 28 4.34 3.71 -10.72
CA ARG A 28 3.98 2.29 -10.69
C ARG A 28 5.24 1.43 -10.86
N VAL A 29 5.36 0.40 -10.02
CA VAL A 29 6.51 -0.48 -10.09
C VAL A 29 6.12 -1.82 -10.70
N ASP A 30 6.89 -2.26 -11.69
CA ASP A 30 6.60 -3.53 -12.36
C ASP A 30 7.70 -4.54 -12.06
N GLY A 31 7.30 -5.76 -11.68
CA GLY A 31 8.26 -6.81 -11.37
C GLY A 31 8.91 -6.56 -10.02
N ALA A 32 8.19 -5.89 -9.13
CA ALA A 32 8.71 -5.60 -7.79
C ALA A 32 8.87 -6.89 -6.99
N VAL A 33 9.88 -6.91 -6.12
CA VAL A 33 10.13 -8.08 -5.29
C VAL A 33 9.57 -7.87 -3.88
N LEU A 34 9.56 -6.61 -3.44
CA LEU A 34 9.05 -6.29 -2.10
C LEU A 34 8.94 -4.77 -1.94
N PRO A 35 7.74 -4.25 -1.78
CA PRO A 35 7.53 -2.79 -1.61
C PRO A 35 8.33 -2.24 -0.43
N TRP A 36 8.50 -0.92 -0.40
CA TRP A 36 9.25 -0.27 0.68
C TRP A 36 8.41 0.82 1.33
N SER A 37 9.08 1.83 1.85
CA SER A 37 8.42 2.97 2.50
C SER A 37 8.79 4.27 1.83
N LEU A 38 8.04 5.32 2.12
CA LEU A 38 8.32 6.64 1.54
C LEU A 38 7.99 7.75 2.53
N HIS A 39 8.72 8.86 2.43
CA HIS A 39 8.49 9.99 3.32
C HIS A 39 7.89 11.16 2.53
N ILE A 40 6.69 11.58 2.95
CA ILE A 40 6.01 12.68 2.28
C ILE A 40 5.60 13.75 3.29
N THR A 41 5.84 15.01 2.93
CA THR A 41 5.51 16.12 3.82
C THR A 41 4.30 16.88 3.29
N THR A 42 3.26 16.98 4.11
CA THR A 42 2.05 17.69 3.71
C THR A 42 1.61 18.65 4.81
N ASN A 43 0.87 19.68 4.43
CA ASN A 43 0.39 20.68 5.39
C ASN A 43 0.26 20.06 6.77
N ASP A 44 0.94 20.66 7.76
CA ASP A 44 0.89 20.17 9.12
C ASP A 44 -0.46 19.53 9.42
N ALA A 45 -0.53 18.20 9.32
CA ALA A 45 -1.76 17.48 9.58
C ALA A 45 -1.64 16.03 9.11
N ALA A 46 -2.25 15.12 9.85
CA ALA A 46 -2.21 13.70 9.49
C ALA A 46 -2.99 13.44 8.22
N VAL A 47 -2.34 12.80 7.25
CA VAL A 47 -3.00 12.49 5.98
C VAL A 47 -2.75 11.04 5.60
N MET A 48 -3.81 10.35 5.22
CA MET A 48 -3.70 8.94 4.84
C MET A 48 -3.60 8.81 3.32
N GLY A 49 -2.71 7.94 2.87
CA GLY A 49 -2.52 7.72 1.45
C GLY A 49 -3.25 6.46 0.99
N ASN A 50 -3.47 6.35 -0.31
CA ASN A 50 -4.18 5.19 -0.87
C ASN A 50 -3.22 4.33 -1.68
N ILE A 51 -3.00 3.10 -1.22
CA ILE A 51 -2.11 2.18 -1.92
C ILE A 51 -2.76 0.81 -2.05
N VAL A 52 -2.56 0.17 -3.20
CA VAL A 52 -3.14 -1.15 -3.44
C VAL A 52 -2.12 -2.08 -4.08
N ALA A 53 -2.33 -3.37 -3.90
CA ALA A 53 -1.43 -4.37 -4.46
C ALA A 53 -2.22 -5.52 -5.09
N GLN A 54 -1.69 -6.09 -6.16
CA GLN A 54 -2.36 -7.19 -6.83
C GLN A 54 -1.48 -8.44 -6.85
N GLY A 55 -0.67 -8.60 -5.81
CA GLY A 55 0.21 -9.75 -5.71
C GLY A 55 -0.49 -10.92 -5.02
N ASN A 56 -0.01 -12.13 -5.28
CA ASN A 56 -0.61 -13.32 -4.68
C ASN A 56 0.01 -13.59 -3.31
N SER A 57 -0.45 -12.83 -2.31
CA SER A 57 0.05 -12.99 -0.95
C SER A 57 -0.99 -13.67 -0.06
N ASP A 58 -0.63 -13.89 1.19
CA ASP A 58 -1.54 -14.52 2.14
C ASP A 58 -2.08 -13.50 3.15
N SER A 59 -1.46 -12.33 3.16
CA SER A 59 -1.85 -11.27 4.09
C SER A 59 -1.21 -9.96 3.72
N ILE A 60 -1.96 -9.09 3.06
CA ILE A 60 -1.44 -7.79 2.65
C ILE A 60 -2.41 -6.68 3.01
N GLY A 61 -1.90 -5.62 3.62
CA GLY A 61 -2.73 -4.49 4.02
C GLY A 61 -1.91 -3.21 4.08
N CYS A 62 -2.58 -2.10 4.35
CA CYS A 62 -1.91 -0.81 4.43
C CYS A 62 -2.17 -0.14 5.77
N ARG A 63 -1.27 0.77 6.16
CA ARG A 63 -1.41 1.47 7.43
C ARG A 63 -0.55 2.73 7.43
N ILE A 64 -1.10 3.82 7.97
CA ILE A 64 -0.37 5.08 8.03
C ILE A 64 -0.33 5.63 9.45
N THR A 65 0.88 5.76 9.99
CA THR A 65 1.05 6.27 11.34
C THR A 65 1.84 7.58 11.31
N VAL A 66 1.29 8.60 11.96
CA VAL A 66 1.94 9.91 11.99
C VAL A 66 2.23 10.34 13.43
N ASP A 67 3.23 11.20 13.60
CA ASP A 67 3.59 11.69 14.92
C ASP A 67 3.97 10.51 15.84
N GLY A 68 4.19 9.35 15.23
CA GLY A 68 4.56 8.17 16.00
C GLY A 68 3.37 7.61 16.76
N LYS A 69 2.18 8.15 16.46
CA LYS A 69 0.97 7.71 17.13
C LYS A 69 0.01 7.08 16.12
N VAL A 70 -0.65 6.00 16.52
CA VAL A 70 -1.59 5.31 15.65
C VAL A 70 -2.84 6.17 15.44
N ARG A 71 -3.25 6.30 14.18
CA ARG A 71 -4.42 7.10 13.86
C ARG A 71 -5.39 6.31 12.97
N ALA A 72 -5.03 6.16 11.69
CA ALA A 72 -5.87 5.44 10.76
C ALA A 72 -5.07 4.34 10.07
N GLU A 73 -5.60 3.12 10.10
CA GLU A 73 -4.93 1.98 9.46
C GLU A 73 -5.96 0.97 8.96
N ARG A 74 -5.76 0.52 7.72
CA ARG A 74 -6.68 -0.45 7.12
C ARG A 74 -6.02 -1.83 7.07
N VAL A 75 -6.65 -2.81 7.73
CA VAL A 75 -6.11 -4.16 7.74
C VAL A 75 -7.04 -5.10 6.99
N SER A 76 -6.53 -5.67 5.89
CA SER A 76 -7.31 -6.61 5.09
C SER A 76 -6.47 -7.83 4.75
N ASN A 77 -6.90 -8.99 5.22
CA ASN A 77 -6.16 -10.22 4.96
C ASN A 77 -6.98 -11.17 4.10
N GLU A 78 -6.37 -11.67 3.02
CA GLU A 78 -7.07 -12.59 2.13
C GLU A 78 -6.05 -13.46 1.38
N VAL A 79 -6.29 -14.77 1.39
CA VAL A 79 -5.40 -15.70 0.72
C VAL A 79 -5.76 -15.83 -0.75
N ASN A 80 -4.75 -15.88 -1.61
CA ASN A 80 -4.97 -16.01 -3.05
C ASN A 80 -5.77 -14.82 -3.58
N ALA A 81 -5.41 -13.62 -3.11
CA ALA A 81 -6.09 -12.42 -3.55
C ALA A 81 -5.92 -12.21 -5.05
N TYR A 82 -6.88 -11.55 -5.67
CA TYR A 82 -6.82 -11.29 -7.11
C TYR A 82 -6.61 -12.59 -7.87
N THR A 83 -7.68 -13.09 -8.48
CA THR A 83 -7.60 -14.33 -9.25
C THR A 83 -8.83 -14.50 -10.15
N TYR A 84 -9.97 -14.77 -9.55
CA TYR A 84 -11.21 -14.94 -10.30
C TYR A 84 -10.98 -15.87 -11.49
N CYS A 85 -12.04 -16.07 -12.29
CA CYS A 85 -11.95 -16.92 -13.46
C CYS A 85 -12.01 -18.40 -13.04
N LEU A 86 -12.47 -18.65 -11.82
CA LEU A 86 -12.58 -20.02 -11.33
C LEU A 86 -11.39 -20.85 -11.78
N VAL A 87 -10.38 -20.95 -10.92
CA VAL A 87 -9.18 -21.72 -11.26
C VAL A 87 -8.62 -22.42 -10.02
N LYS A 88 -9.34 -22.32 -8.91
CA LYS A 88 -8.90 -22.95 -7.66
C LYS A 88 -7.50 -22.46 -7.29
N SER A 89 -6.51 -22.88 -8.07
CA SER A 89 -5.13 -22.50 -7.81
C SER A 89 -4.46 -22.05 -9.10
N ALA A 90 -3.16 -21.77 -9.03
CA ALA A 90 -2.41 -21.33 -10.20
C ALA A 90 -3.30 -20.50 -11.12
N MET A 1 4.49 13.55 12.12
CA MET A 1 4.39 14.60 11.07
C MET A 1 4.78 14.00 9.73
N HIS A 2 5.59 12.95 9.76
CA HIS A 2 6.01 12.29 8.53
C HIS A 2 5.14 11.08 8.24
N LEU A 3 4.44 11.11 7.11
CA LEU A 3 3.57 10.01 6.74
C LEU A 3 4.29 9.05 5.80
N THR A 4 4.50 7.83 6.26
CA THR A 4 5.16 6.81 5.46
C THR A 4 4.32 5.55 5.39
N TYR A 5 4.12 5.03 4.18
CA TYR A 5 3.34 3.81 4.01
C TYR A 5 4.19 2.73 3.35
N GLU A 6 3.91 1.48 3.69
CA GLU A 6 4.66 0.36 3.12
C GLU A 6 3.84 -0.92 3.16
N ILE A 7 3.87 -1.67 2.06
CA ILE A 7 3.15 -2.93 1.98
C ILE A 7 4.10 -4.09 2.25
N PHE A 8 3.54 -5.28 2.47
CA PHE A 8 4.38 -6.45 2.74
C PHE A 8 3.93 -7.65 1.90
N GLY A 9 4.80 -8.64 1.81
CA GLY A 9 4.50 -9.85 1.04
C GLY A 9 5.67 -10.82 1.08
N PRO A 10 5.40 -12.10 1.14
CA PRO A 10 6.46 -13.14 1.18
C PRO A 10 7.60 -12.83 0.21
N PRO A 11 8.76 -13.36 0.48
CA PRO A 11 9.97 -13.16 -0.38
C PRO A 11 9.84 -13.87 -1.73
N GLY A 12 10.20 -13.17 -2.80
CA GLY A 12 10.12 -13.74 -4.13
C GLY A 12 8.79 -13.41 -4.81
N THR A 13 7.91 -12.74 -4.05
CA THR A 13 6.61 -12.38 -4.59
C THR A 13 6.68 -11.04 -5.31
N VAL A 14 6.13 -11.00 -6.53
CA VAL A 14 6.13 -9.78 -7.32
C VAL A 14 4.75 -9.15 -7.33
N ALA A 15 4.68 -7.87 -6.95
CA ALA A 15 3.40 -7.17 -6.93
C ALA A 15 3.54 -5.77 -7.51
N ASP A 16 2.44 -5.24 -8.06
CA ASP A 16 2.46 -3.91 -8.64
C ASP A 16 1.73 -2.93 -7.74
N ILE A 17 2.46 -1.94 -7.23
CA ILE A 17 1.87 -0.94 -6.35
C ILE A 17 1.48 0.31 -7.12
N SER A 18 0.26 0.78 -6.90
CA SER A 18 -0.26 1.96 -7.58
C SER A 18 -0.95 2.88 -6.60
N TYR A 19 -0.52 4.12 -6.53
CA TYR A 19 -1.14 5.09 -5.62
C TYR A 19 -1.00 6.51 -6.18
N PHE A 20 -1.68 7.45 -5.54
CA PHE A 20 -1.64 8.84 -5.97
C PHE A 20 -0.48 9.57 -5.28
N ASP A 21 0.28 10.34 -6.05
CA ASP A 21 1.41 11.07 -5.51
C ASP A 21 1.13 12.57 -5.47
N VAL A 22 1.57 13.22 -4.41
CA VAL A 22 1.37 14.66 -4.28
C VAL A 22 1.86 15.39 -5.51
N ASN A 23 2.59 14.66 -6.37
CA ASN A 23 3.12 15.25 -7.59
C ASN A 23 2.07 15.22 -8.70
N SER A 24 0.88 14.71 -8.35
CA SER A 24 -0.20 14.64 -9.32
C SER A 24 -0.21 13.28 -10.03
N GLU A 25 0.73 13.10 -10.97
CA GLU A 25 0.82 11.86 -11.70
C GLU A 25 1.03 10.68 -10.75
N PRO A 26 0.32 9.59 -10.95
CA PRO A 26 0.45 8.38 -10.09
C PRO A 26 1.73 7.60 -10.37
N GLN A 27 2.33 7.04 -9.33
CA GLN A 27 3.55 6.27 -9.48
C GLN A 27 3.25 4.77 -9.37
N ARG A 28 3.84 3.99 -10.26
CA ARG A 28 3.63 2.54 -10.25
C ARG A 28 4.94 1.81 -10.47
N VAL A 29 5.24 0.89 -9.55
CA VAL A 29 6.48 0.10 -9.66
C VAL A 29 6.15 -1.34 -10.01
N ASP A 30 6.79 -1.85 -11.07
CA ASP A 30 6.56 -3.22 -11.50
C ASP A 30 7.87 -3.98 -11.61
N GLY A 31 7.80 -5.30 -11.39
CA GLY A 31 8.98 -6.14 -11.45
C GLY A 31 9.73 -6.15 -10.13
N ALA A 32 9.09 -5.63 -9.09
CA ALA A 32 9.71 -5.58 -7.77
C ALA A 32 9.48 -6.89 -7.03
N VAL A 33 10.50 -7.34 -6.30
CA VAL A 33 10.40 -8.58 -5.54
C VAL A 33 9.70 -8.33 -4.21
N LEU A 34 9.91 -7.15 -3.64
CA LEU A 34 9.30 -6.80 -2.38
C LEU A 34 8.86 -5.34 -2.38
N PRO A 35 7.85 -5.02 -1.62
CA PRO A 35 7.32 -3.63 -1.51
C PRO A 35 8.36 -2.66 -0.95
N TRP A 36 8.14 -1.37 -1.18
CA TRP A 36 9.06 -0.35 -0.70
C TRP A 36 8.33 0.66 0.17
N SER A 37 9.07 1.56 0.79
CA SER A 37 8.51 2.59 1.64
C SER A 37 8.75 3.97 1.07
N LEU A 38 7.79 4.87 1.25
CA LEU A 38 7.94 6.22 0.74
C LEU A 38 7.60 7.25 1.82
N HIS A 39 8.37 8.34 1.86
CA HIS A 39 8.15 9.38 2.85
C HIS A 39 7.58 10.62 2.17
N ILE A 40 6.41 11.07 2.64
CA ILE A 40 5.77 12.25 2.07
C ILE A 40 5.39 13.25 3.16
N THR A 41 5.88 14.48 3.02
CA THR A 41 5.58 15.52 3.99
C THR A 41 4.68 16.58 3.36
N THR A 42 3.52 16.82 3.98
CA THR A 42 2.58 17.81 3.47
C THR A 42 2.21 18.82 4.55
N ASN A 43 2.24 20.10 4.18
CA ASN A 43 1.90 21.16 5.12
C ASN A 43 2.47 20.88 6.50
N ASP A 44 3.61 20.21 6.54
CA ASP A 44 4.25 19.88 7.82
C ASP A 44 3.20 19.72 8.92
N ALA A 45 2.29 18.78 8.72
CA ALA A 45 1.23 18.54 9.70
C ALA A 45 0.94 17.04 9.80
N ALA A 46 -0.32 16.71 10.07
CA ALA A 46 -0.72 15.31 10.18
C ALA A 46 -1.77 14.97 9.14
N VAL A 47 -1.48 13.96 8.32
CA VAL A 47 -2.42 13.54 7.29
C VAL A 47 -2.10 12.12 6.83
N MET A 48 -3.15 11.34 6.61
CA MET A 48 -3.00 9.95 6.17
C MET A 48 -3.13 9.85 4.65
N GLY A 49 -2.94 8.64 4.13
CA GLY A 49 -3.04 8.43 2.69
C GLY A 49 -3.80 7.14 2.38
N ASN A 50 -4.27 7.02 1.14
CA ASN A 50 -5.01 5.83 0.73
C ASN A 50 -4.28 5.11 -0.40
N ILE A 51 -3.84 3.88 -0.13
CA ILE A 51 -3.14 3.09 -1.13
C ILE A 51 -3.69 1.67 -1.20
N VAL A 52 -3.76 1.13 -2.41
CA VAL A 52 -4.26 -0.23 -2.60
C VAL A 52 -3.20 -1.10 -3.28
N ALA A 53 -3.18 -2.38 -2.93
CA ALA A 53 -2.21 -3.30 -3.52
C ALA A 53 -2.84 -4.65 -3.81
N GLN A 54 -2.50 -5.21 -4.97
CA GLN A 54 -3.03 -6.51 -5.36
C GLN A 54 -1.90 -7.42 -5.83
N GLY A 55 -1.51 -8.35 -4.96
CA GLY A 55 -0.42 -9.28 -5.29
C GLY A 55 -0.82 -10.72 -4.98
N ASN A 56 -0.08 -11.67 -5.55
CA ASN A 56 -0.36 -13.08 -5.32
C ASN A 56 0.18 -13.52 -3.96
N SER A 57 0.41 -12.55 -3.08
CA SER A 57 0.91 -12.83 -1.75
C SER A 57 -0.14 -13.55 -0.90
N ASP A 58 0.14 -13.72 0.38
CA ASP A 58 -0.79 -14.39 1.27
C ASP A 58 -1.25 -13.44 2.38
N SER A 59 -0.89 -12.16 2.24
CA SER A 59 -1.25 -11.16 3.25
C SER A 59 -0.88 -9.77 2.78
N ILE A 60 -1.85 -8.99 2.37
CA ILE A 60 -1.59 -7.62 1.93
C ILE A 60 -2.47 -6.63 2.69
N GLY A 61 -1.88 -5.52 3.10
CA GLY A 61 -2.62 -4.51 3.84
C GLY A 61 -1.84 -3.21 3.92
N CYS A 62 -2.46 -2.18 4.50
CA CYS A 62 -1.80 -0.88 4.64
C CYS A 62 -1.82 -0.42 6.09
N ARG A 63 -1.04 0.62 6.38
CA ARG A 63 -0.97 1.15 7.74
C ARG A 63 -0.49 2.59 7.72
N ILE A 64 -1.09 3.42 8.57
CA ILE A 64 -0.71 4.82 8.64
C ILE A 64 -0.32 5.21 10.06
N THR A 65 0.95 5.57 10.25
CA THR A 65 1.45 5.95 11.56
C THR A 65 2.07 7.33 11.50
N VAL A 66 1.58 8.25 12.35
CA VAL A 66 2.11 9.61 12.37
C VAL A 66 2.32 10.07 13.81
N ASP A 67 3.28 10.97 14.00
CA ASP A 67 3.58 11.49 15.33
C ASP A 67 3.81 10.35 16.32
N GLY A 68 3.77 9.11 15.81
CA GLY A 68 3.98 7.95 16.66
C GLY A 68 2.66 7.46 17.27
N LYS A 69 1.56 8.03 16.79
CA LYS A 69 0.24 7.66 17.31
C LYS A 69 -0.66 7.20 16.16
N VAL A 70 -1.24 6.01 16.31
CA VAL A 70 -2.13 5.48 15.29
C VAL A 70 -3.53 6.10 15.40
N ARG A 71 -4.09 6.47 14.25
CA ARG A 71 -5.41 7.09 14.25
C ARG A 71 -6.40 6.24 13.44
N ALA A 72 -6.02 5.90 12.21
CA ALA A 72 -6.89 5.10 11.35
C ALA A 72 -6.06 4.28 10.37
N GLU A 73 -6.33 2.98 10.33
CA GLU A 73 -5.59 2.10 9.43
C GLU A 73 -6.45 0.89 9.03
N ARG A 74 -6.58 0.67 7.73
CA ARG A 74 -7.37 -0.45 7.23
C ARG A 74 -6.46 -1.64 6.93
N VAL A 75 -6.71 -2.75 7.63
CA VAL A 75 -5.91 -3.95 7.43
C VAL A 75 -6.78 -5.12 6.98
N SER A 76 -6.53 -5.62 5.78
CA SER A 76 -7.30 -6.74 5.25
C SER A 76 -6.36 -7.77 4.62
N ASN A 77 -6.33 -8.97 5.20
CA ASN A 77 -5.48 -10.03 4.68
C ASN A 77 -6.29 -11.00 3.83
N GLU A 78 -5.77 -11.34 2.66
CA GLU A 78 -6.45 -12.26 1.77
C GLU A 78 -5.46 -13.26 1.17
N VAL A 79 -5.88 -14.52 1.09
CA VAL A 79 -5.03 -15.57 0.54
C VAL A 79 -4.82 -15.35 -0.96
N ASN A 80 -5.52 -14.37 -1.52
CA ASN A 80 -5.40 -14.08 -2.94
C ASN A 80 -5.92 -12.68 -3.25
N ALA A 81 -5.02 -11.70 -3.24
CA ALA A 81 -5.40 -10.32 -3.51
C ALA A 81 -5.37 -10.05 -5.02
N TYR A 82 -4.40 -10.63 -5.70
CA TYR A 82 -4.27 -10.46 -7.14
C TYR A 82 -5.34 -11.25 -7.88
N THR A 83 -5.31 -11.20 -9.21
CA THR A 83 -6.28 -11.92 -10.01
C THR A 83 -5.59 -12.68 -11.15
N TYR A 84 -5.89 -12.29 -12.38
CA TYR A 84 -5.30 -12.94 -13.54
C TYR A 84 -5.54 -12.11 -14.80
N CYS A 85 -6.59 -11.31 -14.78
CA CYS A 85 -6.93 -10.46 -15.92
C CYS A 85 -5.72 -9.66 -16.38
N LEU A 86 -5.29 -9.89 -17.61
CA LEU A 86 -4.14 -9.18 -18.16
C LEU A 86 -4.35 -8.87 -19.64
N VAL A 87 -3.33 -8.34 -20.29
CA VAL A 87 -3.42 -8.01 -21.70
C VAL A 87 -2.05 -8.16 -22.38
N LYS A 88 -1.00 -8.24 -21.57
CA LYS A 88 0.35 -8.37 -22.10
C LYS A 88 0.35 -9.28 -23.33
N SER A 89 0.49 -8.67 -24.51
CA SER A 89 0.50 -9.43 -25.75
C SER A 89 -0.62 -10.47 -25.75
N ALA A 90 -1.68 -10.18 -26.51
CA ALA A 90 -2.81 -11.08 -26.58
C ALA A 90 -3.90 -10.51 -27.48
N MET A 1 4.65 13.69 11.90
CA MET A 1 5.45 14.62 11.06
C MET A 1 5.47 14.10 9.63
N HIS A 2 6.35 13.14 9.37
CA HIS A 2 6.47 12.57 8.03
C HIS A 2 5.59 11.33 7.89
N LEU A 3 4.78 11.30 6.84
CA LEU A 3 3.90 10.17 6.62
C LEU A 3 4.53 9.18 5.65
N THR A 4 4.75 7.96 6.13
CA THR A 4 5.36 6.92 5.32
C THR A 4 4.49 5.67 5.31
N TYR A 5 4.31 5.09 4.13
CA TYR A 5 3.50 3.88 4.01
C TYR A 5 4.33 2.74 3.42
N GLU A 6 4.01 1.51 3.83
CA GLU A 6 4.74 0.35 3.34
C GLU A 6 3.88 -0.90 3.44
N ILE A 7 3.94 -1.74 2.41
CA ILE A 7 3.17 -2.99 2.41
C ILE A 7 4.11 -4.17 2.65
N PHE A 8 3.54 -5.35 2.78
CA PHE A 8 4.33 -6.55 3.01
C PHE A 8 3.90 -7.69 2.09
N GLY A 9 4.66 -8.78 2.10
CA GLY A 9 4.35 -9.93 1.28
C GLY A 9 5.55 -10.89 1.20
N PRO A 10 5.29 -12.16 1.11
CA PRO A 10 6.35 -13.19 1.02
C PRO A 10 7.53 -12.74 0.15
N PRO A 11 8.70 -13.25 0.43
CA PRO A 11 9.93 -12.89 -0.33
C PRO A 11 9.88 -13.40 -1.77
N GLY A 12 10.05 -12.48 -2.71
CA GLY A 12 10.02 -12.83 -4.13
C GLY A 12 8.66 -12.53 -4.74
N THR A 13 7.70 -12.17 -3.89
CA THR A 13 6.35 -11.85 -4.36
C THR A 13 6.35 -10.54 -5.14
N VAL A 14 5.67 -10.54 -6.28
CA VAL A 14 5.60 -9.35 -7.12
C VAL A 14 4.18 -8.78 -7.12
N ALA A 15 4.06 -7.50 -6.78
CA ALA A 15 2.76 -6.84 -6.75
C ALA A 15 2.88 -5.41 -7.27
N ASP A 16 1.76 -4.88 -7.78
CA ASP A 16 1.76 -3.53 -8.31
C ASP A 16 1.21 -2.55 -7.28
N ILE A 17 2.01 -1.53 -6.95
CA ILE A 17 1.59 -0.53 -5.98
C ILE A 17 1.16 0.75 -6.69
N SER A 18 -0.07 1.20 -6.43
CA SER A 18 -0.61 2.41 -7.03
C SER A 18 -1.02 3.40 -5.98
N TYR A 19 -0.40 4.57 -5.96
CA TYR A 19 -0.74 5.60 -4.99
C TYR A 19 -0.64 6.99 -5.63
N PHE A 20 -1.33 7.96 -5.03
CA PHE A 20 -1.30 9.32 -5.55
C PHE A 20 -0.10 10.08 -5.00
N ASP A 21 0.58 10.79 -5.89
CA ASP A 21 1.75 11.57 -5.49
C ASP A 21 1.41 13.05 -5.41
N VAL A 22 1.69 13.66 -4.26
CA VAL A 22 1.42 15.08 -4.06
C VAL A 22 2.22 15.93 -5.05
N ASN A 23 3.10 15.27 -5.81
CA ASN A 23 3.93 15.98 -6.77
C ASN A 23 3.18 16.14 -8.10
N SER A 24 2.20 15.28 -8.33
CA SER A 24 1.41 15.34 -9.56
C SER A 24 0.99 13.93 -9.99
N GLU A 25 1.73 13.37 -10.94
CA GLU A 25 1.43 12.04 -11.43
C GLU A 25 1.62 10.99 -10.33
N PRO A 26 0.85 9.95 -10.35
CA PRO A 26 0.93 8.85 -9.34
C PRO A 26 2.16 7.97 -9.55
N GLN A 27 2.62 7.34 -8.48
CA GLN A 27 3.78 6.47 -8.55
C GLN A 27 3.35 5.04 -8.86
N ARG A 28 4.21 4.30 -9.56
CA ARG A 28 3.91 2.92 -9.92
C ARG A 28 5.19 2.10 -10.08
N VAL A 29 5.20 0.91 -9.48
CA VAL A 29 6.36 0.04 -9.56
C VAL A 29 6.00 -1.24 -10.30
N ASP A 30 6.90 -1.68 -11.19
CA ASP A 30 6.66 -2.90 -11.95
C ASP A 30 7.85 -3.85 -11.83
N GLY A 31 7.58 -5.06 -11.34
CA GLY A 31 8.64 -6.05 -11.17
C GLY A 31 9.34 -5.89 -9.84
N ALA A 32 8.63 -5.33 -8.86
CA ALA A 32 9.20 -5.13 -7.54
C ALA A 32 9.26 -6.44 -6.76
N VAL A 33 10.44 -6.75 -6.23
CA VAL A 33 10.61 -7.99 -5.47
C VAL A 33 9.83 -7.94 -4.17
N LEU A 34 9.70 -6.73 -3.61
CA LEU A 34 8.97 -6.56 -2.36
C LEU A 34 8.57 -5.09 -2.18
N PRO A 35 7.56 -4.84 -1.41
CA PRO A 35 7.05 -3.46 -1.14
C PRO A 35 8.13 -2.55 -0.58
N TRP A 36 8.03 -1.26 -0.88
CA TRP A 36 9.01 -0.28 -0.40
C TRP A 36 8.30 0.79 0.44
N SER A 37 9.06 1.76 0.90
CA SER A 37 8.53 2.84 1.72
C SER A 37 8.77 4.18 1.07
N LEU A 38 7.80 5.09 1.18
CA LEU A 38 7.94 6.42 0.61
C LEU A 38 7.61 7.47 1.67
N HIS A 39 8.39 8.55 1.69
CA HIS A 39 8.18 9.61 2.67
C HIS A 39 7.76 10.90 1.98
N ILE A 40 6.64 11.48 2.44
CA ILE A 40 6.14 12.72 1.88
C ILE A 40 5.91 13.74 2.99
N THR A 41 6.36 14.98 2.76
CA THR A 41 6.18 16.03 3.74
C THR A 41 5.06 16.98 3.34
N THR A 42 4.07 17.11 4.22
CA THR A 42 2.94 17.99 3.94
C THR A 42 2.71 18.96 5.10
N ASN A 43 2.49 20.23 4.76
CA ASN A 43 2.27 21.25 5.78
C ASN A 43 0.93 21.00 6.48
N ASP A 44 0.50 19.75 6.48
CA ASP A 44 -0.77 19.40 7.13
C ASP A 44 -0.52 18.48 8.31
N ALA A 45 0.75 18.17 8.57
CA ALA A 45 1.11 17.30 9.69
C ALA A 45 0.48 15.92 9.51
N ALA A 46 -0.77 15.79 9.94
CA ALA A 46 -1.47 14.51 9.83
C ALA A 46 -2.11 14.37 8.45
N VAL A 47 -1.61 13.42 7.66
CA VAL A 47 -2.13 13.20 6.32
C VAL A 47 -2.62 11.77 6.16
N MET A 48 -3.47 11.55 5.16
CA MET A 48 -4.01 10.22 4.90
C MET A 48 -3.84 9.85 3.44
N GLY A 49 -3.87 8.55 3.14
CA GLY A 49 -3.72 8.10 1.77
C GLY A 49 -4.33 6.71 1.58
N ASN A 50 -4.77 6.44 0.36
CA ASN A 50 -5.37 5.14 0.05
C ASN A 50 -4.46 4.33 -0.85
N ILE A 51 -4.00 3.18 -0.36
CA ILE A 51 -3.11 2.32 -1.13
C ILE A 51 -3.60 0.88 -1.08
N VAL A 52 -3.56 0.21 -2.23
CA VAL A 52 -4.00 -1.19 -2.30
C VAL A 52 -3.04 -2.00 -3.17
N ALA A 53 -2.92 -3.28 -2.86
CA ALA A 53 -2.03 -4.16 -3.61
C ALA A 53 -2.82 -5.32 -4.22
N GLN A 54 -2.35 -5.82 -5.36
CA GLN A 54 -3.02 -6.92 -6.04
C GLN A 54 -2.01 -7.95 -6.52
N GLY A 55 -1.55 -8.80 -5.59
CA GLY A 55 -0.59 -9.83 -5.91
C GLY A 55 -1.04 -11.18 -5.36
N ASN A 56 -0.48 -12.26 -5.89
CA ASN A 56 -0.82 -13.60 -5.44
C ASN A 56 -0.10 -13.92 -4.14
N SER A 57 0.20 -12.88 -3.36
CA SER A 57 0.90 -13.06 -2.09
C SER A 57 0.04 -13.89 -1.14
N ASP A 58 0.43 -13.90 0.13
CA ASP A 58 -0.29 -14.66 1.15
C ASP A 58 -0.92 -13.73 2.18
N SER A 59 -0.31 -12.57 2.37
CA SER A 59 -0.79 -11.59 3.35
C SER A 59 -0.64 -10.19 2.83
N ILE A 60 -1.72 -9.42 2.83
CA ILE A 60 -1.67 -8.03 2.38
C ILE A 60 -2.44 -7.13 3.34
N GLY A 61 -2.06 -5.86 3.38
CA GLY A 61 -2.73 -4.91 4.28
C GLY A 61 -2.05 -3.55 4.24
N CYS A 62 -2.78 -2.52 4.65
CA CYS A 62 -2.23 -1.17 4.66
C CYS A 62 -2.21 -0.62 6.09
N ARG A 63 -1.41 0.42 6.31
CA ARG A 63 -1.31 1.02 7.63
C ARG A 63 -0.72 2.43 7.54
N ILE A 64 -1.30 3.36 8.29
CA ILE A 64 -0.83 4.74 8.29
C ILE A 64 -0.56 5.21 9.71
N THR A 65 0.66 5.65 9.98
CA THR A 65 1.03 6.13 11.30
C THR A 65 1.48 7.58 11.24
N VAL A 66 1.07 8.37 12.23
CA VAL A 66 1.44 9.78 12.27
C VAL A 66 1.93 10.16 13.67
N ASP A 67 3.03 10.90 13.72
CA ASP A 67 3.58 11.33 14.99
C ASP A 67 3.81 10.13 15.91
N GLY A 68 4.08 8.98 15.33
CA GLY A 68 4.31 7.77 16.10
C GLY A 68 3.01 7.27 16.73
N LYS A 69 1.94 8.01 16.50
CA LYS A 69 0.63 7.62 17.04
C LYS A 69 -0.30 7.14 15.92
N VAL A 70 -1.00 6.05 16.18
CA VAL A 70 -1.92 5.50 15.19
C VAL A 70 -3.21 6.30 15.15
N ARG A 71 -3.60 6.71 13.94
CA ARG A 71 -4.83 7.49 13.77
C ARG A 71 -5.82 6.72 12.91
N ALA A 72 -5.45 6.48 11.66
CA ALA A 72 -6.31 5.75 10.74
C ALA A 72 -5.56 4.56 10.15
N GLU A 73 -6.14 3.37 10.24
CA GLU A 73 -5.50 2.18 9.70
C GLU A 73 -6.53 1.16 9.24
N ARG A 74 -6.34 0.64 8.04
CA ARG A 74 -7.24 -0.36 7.49
C ARG A 74 -6.48 -1.63 7.15
N VAL A 75 -6.81 -2.71 7.84
CA VAL A 75 -6.14 -3.99 7.62
C VAL A 75 -7.08 -5.00 6.97
N SER A 76 -6.64 -5.56 5.84
CA SER A 76 -7.44 -6.54 5.13
C SER A 76 -6.58 -7.75 4.78
N ASN A 77 -6.92 -8.90 5.35
CA ASN A 77 -6.18 -10.12 5.09
C ASN A 77 -6.90 -11.01 4.08
N GLU A 78 -6.18 -11.47 3.07
CA GLU A 78 -6.77 -12.33 2.06
C GLU A 78 -5.70 -13.17 1.37
N VAL A 79 -5.99 -14.44 1.17
CA VAL A 79 -5.04 -15.34 0.52
C VAL A 79 -5.23 -15.33 -0.99
N ASN A 80 -4.12 -15.37 -1.73
CA ASN A 80 -4.18 -15.35 -3.18
C ASN A 80 -5.14 -14.27 -3.66
N ALA A 81 -4.93 -13.04 -3.20
CA ALA A 81 -5.79 -11.94 -3.58
C ALA A 81 -5.63 -11.62 -5.07
N TYR A 82 -6.70 -11.86 -5.82
CA TYR A 82 -6.67 -11.60 -7.26
C TYR A 82 -5.69 -12.53 -7.96
N THR A 83 -6.21 -13.40 -8.82
CA THR A 83 -5.38 -14.34 -9.55
C THR A 83 -5.76 -14.36 -11.02
N TYR A 84 -4.93 -15.01 -11.85
CA TYR A 84 -5.21 -15.09 -13.27
C TYR A 84 -4.24 -16.06 -13.95
N CYS A 85 -4.44 -17.35 -13.72
CA CYS A 85 -3.59 -18.37 -14.32
C CYS A 85 -4.42 -19.44 -15.00
N LEU A 86 -3.78 -20.23 -15.85
CA LEU A 86 -4.48 -21.29 -16.57
C LEU A 86 -4.04 -22.67 -16.06
N VAL A 87 -4.91 -23.31 -15.29
CA VAL A 87 -4.60 -24.63 -14.75
C VAL A 87 -5.43 -25.70 -15.45
N LYS A 88 -5.30 -26.94 -14.99
CA LYS A 88 -6.04 -28.04 -15.59
C LYS A 88 -6.93 -28.71 -14.55
N SER A 89 -6.32 -29.33 -13.55
CA SER A 89 -7.08 -30.00 -12.50
C SER A 89 -8.35 -29.22 -12.18
N ALA A 90 -8.20 -28.10 -11.49
CA ALA A 90 -9.36 -27.27 -11.12
C ALA A 90 -8.91 -26.08 -10.28
N MET A 1 5.88 14.41 12.53
CA MET A 1 4.69 14.59 11.66
C MET A 1 5.01 14.12 10.25
N HIS A 2 5.53 12.90 10.14
CA HIS A 2 5.87 12.34 8.84
C HIS A 2 5.01 11.13 8.54
N LEU A 3 4.40 11.11 7.36
CA LEU A 3 3.54 10.00 6.98
C LEU A 3 4.32 9.01 6.12
N THR A 4 4.50 7.80 6.65
CA THR A 4 5.24 6.77 5.92
C THR A 4 4.41 5.49 5.86
N TYR A 5 4.27 4.91 4.66
CA TYR A 5 3.51 3.69 4.49
C TYR A 5 4.38 2.62 3.84
N GLU A 6 4.12 1.36 4.19
CA GLU A 6 4.89 0.25 3.63
C GLU A 6 4.09 -1.06 3.71
N ILE A 7 4.06 -1.79 2.61
CA ILE A 7 3.35 -3.06 2.57
C ILE A 7 4.32 -4.22 2.78
N PHE A 8 3.79 -5.36 3.22
CA PHE A 8 4.64 -6.53 3.46
C PHE A 8 4.04 -7.77 2.81
N GLY A 9 4.85 -8.82 2.72
CA GLY A 9 4.39 -10.08 2.14
C GLY A 9 5.57 -11.00 1.84
N PRO A 10 5.30 -12.26 1.63
CA PRO A 10 6.36 -13.27 1.33
C PRO A 10 7.33 -12.79 0.26
N PRO A 11 8.56 -12.49 0.64
CA PRO A 11 9.59 -12.01 -0.31
C PRO A 11 9.63 -12.84 -1.60
N GLY A 12 9.84 -12.17 -2.72
CA GLY A 12 9.89 -12.85 -4.01
C GLY A 12 8.58 -12.66 -4.78
N THR A 13 7.56 -12.17 -4.08
CA THR A 13 6.27 -11.93 -4.70
C THR A 13 6.25 -10.58 -5.43
N VAL A 14 5.67 -10.55 -6.62
CA VAL A 14 5.60 -9.32 -7.39
C VAL A 14 4.20 -8.72 -7.32
N ALA A 15 4.14 -7.41 -7.05
CA ALA A 15 2.87 -6.72 -6.96
C ALA A 15 2.99 -5.32 -7.55
N ASP A 16 1.86 -4.78 -8.03
CA ASP A 16 1.86 -3.45 -8.62
C ASP A 16 1.41 -2.41 -7.60
N ILE A 17 2.32 -1.51 -7.24
CA ILE A 17 2.01 -0.47 -6.27
C ILE A 17 1.41 0.74 -6.97
N SER A 18 0.22 1.13 -6.55
CA SER A 18 -0.48 2.27 -7.13
C SER A 18 -0.98 3.21 -6.06
N TYR A 19 -0.47 4.44 -6.03
CA TYR A 19 -0.90 5.40 -5.03
C TYR A 19 -0.82 6.82 -5.58
N PHE A 20 -1.69 7.69 -5.10
CA PHE A 20 -1.70 9.08 -5.56
C PHE A 20 -0.69 9.90 -4.76
N ASP A 21 0.14 10.65 -5.47
CA ASP A 21 1.15 11.49 -4.83
C ASP A 21 0.63 12.90 -4.62
N VAL A 22 1.05 13.52 -3.52
CA VAL A 22 0.64 14.89 -3.21
C VAL A 22 1.26 15.87 -4.19
N ASN A 23 2.47 15.58 -4.62
CA ASN A 23 3.17 16.44 -5.56
C ASN A 23 2.71 16.19 -6.98
N SER A 24 1.63 15.44 -7.13
CA SER A 24 1.08 15.11 -8.44
C SER A 24 2.10 14.33 -9.26
N GLU A 25 2.31 13.07 -8.89
CA GLU A 25 3.25 12.22 -9.59
C GLU A 25 3.28 10.83 -8.96
N PRO A 26 2.29 10.03 -9.27
CA PRO A 26 2.19 8.64 -8.73
C PRO A 26 3.38 7.78 -9.11
N GLN A 27 3.78 6.89 -8.20
CA GLN A 27 4.91 6.00 -8.45
C GLN A 27 4.42 4.57 -8.67
N ARG A 28 4.96 3.92 -9.70
CA ARG A 28 4.57 2.55 -10.00
C ARG A 28 5.80 1.68 -10.26
N VAL A 29 5.89 0.56 -9.55
CA VAL A 29 7.02 -0.35 -9.71
C VAL A 29 6.54 -1.69 -10.24
N ASP A 30 7.06 -2.07 -11.41
CA ASP A 30 6.68 -3.33 -12.03
C ASP A 30 7.84 -4.33 -11.96
N GLY A 31 7.59 -5.47 -11.33
CA GLY A 31 8.61 -6.50 -11.19
C GLY A 31 9.30 -6.41 -9.85
N ALA A 32 8.69 -5.67 -8.92
CA ALA A 32 9.25 -5.51 -7.59
C ALA A 32 9.25 -6.85 -6.83
N VAL A 33 10.39 -7.19 -6.26
CA VAL A 33 10.50 -8.44 -5.51
C VAL A 33 9.78 -8.32 -4.17
N LEU A 34 9.83 -7.13 -3.59
CA LEU A 34 9.17 -6.88 -2.31
C LEU A 34 8.72 -5.43 -2.21
N PRO A 35 7.75 -5.16 -1.37
CA PRO A 35 7.21 -3.79 -1.16
C PRO A 35 8.28 -2.83 -0.63
N TRP A 36 8.06 -1.54 -0.86
CA TRP A 36 8.99 -0.52 -0.40
C TRP A 36 8.26 0.57 0.38
N SER A 37 9.02 1.52 0.91
CA SER A 37 8.46 2.62 1.69
C SER A 37 8.65 3.93 0.98
N LEU A 38 7.86 4.94 1.39
CA LEU A 38 7.97 6.27 0.80
C LEU A 38 7.64 7.34 1.85
N HIS A 39 8.45 8.38 1.90
CA HIS A 39 8.23 9.46 2.86
C HIS A 39 7.75 10.72 2.15
N ILE A 40 6.63 11.27 2.61
CA ILE A 40 6.08 12.48 2.02
C ILE A 40 5.75 13.49 3.11
N THR A 41 6.08 14.75 2.87
CA THR A 41 5.82 15.81 3.84
C THR A 41 4.97 16.90 3.20
N THR A 42 3.89 17.27 3.90
CA THR A 42 3.00 18.32 3.39
C THR A 42 3.06 19.56 4.28
N ASN A 43 2.71 20.70 3.71
CA ASN A 43 2.72 21.96 4.45
C ASN A 43 2.47 21.72 5.94
N ASP A 44 3.53 21.39 6.67
CA ASP A 44 3.42 21.13 8.10
C ASP A 44 2.00 20.71 8.47
N ALA A 45 1.75 19.41 8.47
CA ALA A 45 0.43 18.89 8.81
C ALA A 45 0.36 17.39 8.55
N ALA A 46 -0.31 16.67 9.44
CA ALA A 46 -0.45 15.22 9.31
C ALA A 46 -1.60 14.90 8.36
N VAL A 47 -1.39 13.89 7.51
CA VAL A 47 -2.42 13.50 6.55
C VAL A 47 -2.32 12.01 6.23
N MET A 48 -3.48 11.37 6.06
CA MET A 48 -3.51 9.95 5.73
C MET A 48 -3.57 9.76 4.23
N GLY A 49 -3.22 8.56 3.76
CA GLY A 49 -3.24 8.27 2.34
C GLY A 49 -3.96 6.96 2.05
N ASN A 50 -4.49 6.85 0.82
CA ASN A 50 -5.21 5.64 0.41
C ASN A 50 -4.39 4.89 -0.63
N ILE A 51 -3.96 3.68 -0.28
CA ILE A 51 -3.17 2.87 -1.20
C ILE A 51 -3.70 1.44 -1.27
N VAL A 52 -3.66 0.87 -2.48
CA VAL A 52 -4.15 -0.49 -2.68
C VAL A 52 -3.22 -1.24 -3.64
N ALA A 53 -3.07 -2.54 -3.41
CA ALA A 53 -2.21 -3.35 -4.26
C ALA A 53 -2.80 -4.74 -4.46
N GLN A 54 -2.49 -5.36 -5.60
CA GLN A 54 -2.99 -6.70 -5.89
C GLN A 54 -1.85 -7.61 -6.31
N GLY A 55 -1.44 -8.49 -5.41
CA GLY A 55 -0.35 -9.42 -5.70
C GLY A 55 -0.74 -10.84 -5.29
N ASN A 56 -0.01 -11.82 -5.83
CA ASN A 56 -0.29 -13.22 -5.53
C ASN A 56 0.39 -13.62 -4.22
N SER A 57 0.11 -12.87 -3.15
CA SER A 57 0.69 -13.16 -1.85
C SER A 57 -0.32 -13.89 -0.97
N ASP A 58 -0.02 -13.97 0.32
CA ASP A 58 -0.90 -14.65 1.26
C ASP A 58 -1.40 -13.67 2.33
N SER A 59 -0.79 -12.49 2.36
CA SER A 59 -1.15 -11.48 3.35
C SER A 59 -0.82 -10.09 2.85
N ILE A 60 -1.81 -9.34 2.40
CA ILE A 60 -1.59 -7.99 1.90
C ILE A 60 -2.53 -7.01 2.60
N GLY A 61 -1.95 -5.96 3.17
CA GLY A 61 -2.75 -4.95 3.86
C GLY A 61 -2.02 -3.61 3.90
N CYS A 62 -2.72 -2.58 4.38
CA CYS A 62 -2.13 -1.25 4.46
C CYS A 62 -2.23 -0.70 5.89
N ARG A 63 -1.42 0.31 6.19
CA ARG A 63 -1.43 0.92 7.52
C ARG A 63 -0.89 2.34 7.46
N ILE A 64 -1.43 3.21 8.31
CA ILE A 64 -0.98 4.61 8.33
C ILE A 64 -0.45 4.97 9.71
N THR A 65 0.83 5.32 9.78
CA THR A 65 1.45 5.70 11.04
C THR A 65 2.05 7.10 10.93
N VAL A 66 1.72 7.96 11.88
CA VAL A 66 2.23 9.33 11.87
C VAL A 66 2.68 9.75 13.27
N ASP A 67 3.74 10.54 13.33
CA ASP A 67 4.27 11.03 14.60
C ASP A 67 4.35 9.89 15.62
N GLY A 68 4.20 8.66 15.14
CA GLY A 68 4.26 7.50 16.02
C GLY A 68 2.91 7.25 16.67
N LYS A 69 1.94 8.10 16.37
CA LYS A 69 0.60 7.96 16.94
C LYS A 69 -0.35 7.39 15.91
N VAL A 70 -1.02 6.30 16.26
CA VAL A 70 -1.97 5.65 15.35
C VAL A 70 -3.30 6.39 15.37
N ARG A 71 -3.91 6.52 14.19
CA ARG A 71 -5.20 7.20 14.09
C ARG A 71 -6.19 6.33 13.32
N ALA A 72 -5.76 5.82 12.17
CA ALA A 72 -6.62 4.98 11.35
C ALA A 72 -5.78 4.13 10.40
N GLU A 73 -6.14 2.85 10.29
CA GLU A 73 -5.42 1.94 9.42
C GLU A 73 -6.35 0.86 8.88
N ARG A 74 -5.99 0.29 7.74
CA ARG A 74 -6.80 -0.76 7.13
C ARG A 74 -5.96 -2.01 6.89
N VAL A 75 -6.33 -3.09 7.57
CA VAL A 75 -5.61 -4.36 7.42
C VAL A 75 -6.55 -5.46 6.94
N SER A 76 -6.28 -6.00 5.76
CA SER A 76 -7.11 -7.06 5.20
C SER A 76 -6.24 -8.22 4.73
N ASN A 77 -6.50 -9.40 5.28
CA ASN A 77 -5.74 -10.59 4.91
C ASN A 77 -6.47 -11.36 3.81
N GLU A 78 -5.75 -11.69 2.74
CA GLU A 78 -6.35 -12.42 1.64
C GLU A 78 -5.46 -13.59 1.22
N VAL A 79 -6.10 -14.72 0.92
CA VAL A 79 -5.38 -15.91 0.50
C VAL A 79 -4.85 -15.74 -0.92
N ASN A 80 -5.29 -14.68 -1.58
CA ASN A 80 -4.86 -14.41 -2.96
C ASN A 80 -5.52 -13.14 -3.48
N ALA A 81 -4.95 -11.99 -3.14
CA ALA A 81 -5.50 -10.71 -3.57
C ALA A 81 -5.38 -10.58 -5.09
N TYR A 82 -6.18 -11.34 -5.82
CA TYR A 82 -6.16 -11.29 -7.28
C TYR A 82 -7.29 -12.11 -7.87
N THR A 83 -8.19 -11.45 -8.58
CA THR A 83 -9.33 -12.13 -9.19
C THR A 83 -9.51 -11.68 -10.64
N TYR A 84 -10.24 -12.49 -11.41
CA TYR A 84 -10.47 -12.17 -12.81
C TYR A 84 -11.32 -10.90 -12.93
N CYS A 85 -10.65 -9.76 -13.02
CA CYS A 85 -11.35 -8.48 -13.13
C CYS A 85 -12.42 -8.55 -14.20
N LEU A 86 -13.05 -7.40 -14.47
CA LEU A 86 -14.11 -7.33 -15.47
C LEU A 86 -15.08 -8.49 -15.32
N VAL A 87 -16.10 -8.29 -14.50
CA VAL A 87 -17.11 -9.33 -14.27
C VAL A 87 -18.51 -8.73 -14.32
N LYS A 88 -19.05 -8.60 -15.52
CA LYS A 88 -20.39 -8.05 -15.70
C LYS A 88 -21.38 -9.14 -16.10
N SER A 89 -22.06 -9.70 -15.11
CA SER A 89 -23.04 -10.75 -15.37
C SER A 89 -23.84 -11.06 -14.11
N ALA A 90 -24.48 -10.05 -13.55
CA ALA A 90 -25.27 -10.22 -12.34
C ALA A 90 -26.54 -9.38 -12.41
N MET A 1 8.49 15.13 12.09
CA MET A 1 7.17 14.51 11.83
C MET A 1 7.09 14.08 10.36
N HIS A 2 7.59 12.88 10.07
CA HIS A 2 7.56 12.36 8.72
C HIS A 2 6.57 11.21 8.59
N LEU A 3 5.69 11.30 7.60
CA LEU A 3 4.70 10.26 7.39
C LEU A 3 5.20 9.27 6.35
N THR A 4 5.42 8.03 6.78
CA THR A 4 5.91 6.99 5.88
C THR A 4 5.01 5.76 5.94
N TYR A 5 4.69 5.20 4.78
CA TYR A 5 3.85 4.02 4.72
C TYR A 5 4.51 2.97 3.82
N GLU A 6 4.26 1.70 4.12
CA GLU A 6 4.85 0.62 3.34
C GLU A 6 4.02 -0.65 3.45
N ILE A 7 4.05 -1.46 2.40
CA ILE A 7 3.31 -2.72 2.38
C ILE A 7 4.28 -3.89 2.39
N PHE A 8 3.77 -5.08 2.73
CA PHE A 8 4.62 -6.26 2.78
C PHE A 8 3.90 -7.48 2.21
N GLY A 9 4.67 -8.53 1.93
CA GLY A 9 4.09 -9.75 1.38
C GLY A 9 5.18 -10.83 1.22
N PRO A 10 4.78 -12.02 0.91
CA PRO A 10 5.72 -13.17 0.73
C PRO A 10 6.90 -12.79 -0.18
N PRO A 11 8.09 -12.74 0.37
CA PRO A 11 9.32 -12.37 -0.40
C PRO A 11 9.38 -13.09 -1.75
N GLY A 12 9.95 -12.42 -2.75
CA GLY A 12 10.06 -13.00 -4.09
C GLY A 12 8.78 -12.79 -4.88
N THR A 13 7.72 -12.34 -4.19
CA THR A 13 6.44 -12.11 -4.85
C THR A 13 6.45 -10.79 -5.60
N VAL A 14 5.86 -10.77 -6.78
CA VAL A 14 5.81 -9.56 -7.60
C VAL A 14 4.42 -8.93 -7.51
N ALA A 15 4.38 -7.67 -7.09
CA ALA A 15 3.11 -6.96 -6.96
C ALA A 15 3.25 -5.52 -7.43
N ASP A 16 2.22 -5.02 -8.12
CA ASP A 16 2.25 -3.65 -8.62
C ASP A 16 1.42 -2.74 -7.72
N ILE A 17 2.08 -1.78 -7.08
CA ILE A 17 1.40 -0.85 -6.18
C ILE A 17 1.16 0.49 -6.86
N SER A 18 -0.01 1.05 -6.66
CA SER A 18 -0.38 2.33 -7.25
C SER A 18 -0.81 3.32 -6.19
N TYR A 19 -0.10 4.42 -6.06
CA TYR A 19 -0.44 5.44 -5.08
C TYR A 19 -0.54 6.81 -5.72
N PHE A 20 -1.11 7.76 -5.00
CA PHE A 20 -1.25 9.13 -5.51
C PHE A 20 -0.15 10.02 -4.97
N ASP A 21 0.45 10.82 -5.86
CA ASP A 21 1.52 11.71 -5.45
C ASP A 21 0.98 13.11 -5.17
N VAL A 22 1.48 13.73 -4.11
CA VAL A 22 1.05 15.07 -3.74
C VAL A 22 1.20 16.04 -4.92
N ASN A 23 2.18 15.77 -5.77
CA ASN A 23 2.42 16.61 -6.94
C ASN A 23 1.51 16.20 -8.09
N SER A 24 0.64 15.23 -7.83
CA SER A 24 -0.28 14.76 -8.86
C SER A 24 0.45 13.85 -9.85
N GLU A 25 1.68 13.49 -9.51
CA GLU A 25 2.48 12.62 -10.37
C GLU A 25 2.65 11.24 -9.74
N PRO A 26 1.77 10.33 -10.02
CA PRO A 26 1.81 8.96 -9.46
C PRO A 26 2.86 8.08 -10.15
N GLN A 27 3.56 7.27 -9.35
CA GLN A 27 4.58 6.38 -9.89
C GLN A 27 4.12 4.94 -9.86
N ARG A 28 4.73 4.10 -10.69
CA ARG A 28 4.37 2.69 -10.75
C ARG A 28 5.58 1.83 -11.04
N VAL A 29 5.83 0.84 -10.19
CA VAL A 29 6.98 -0.05 -10.36
C VAL A 29 6.50 -1.43 -10.81
N ASP A 30 7.20 -1.99 -11.80
CA ASP A 30 6.83 -3.32 -12.31
C ASP A 30 8.05 -4.23 -12.35
N GLY A 31 7.88 -5.45 -11.85
CA GLY A 31 8.98 -6.42 -11.83
C GLY A 31 9.73 -6.37 -10.51
N ALA A 32 9.10 -5.77 -9.51
CA ALA A 32 9.72 -5.66 -8.19
C ALA A 32 9.66 -6.99 -7.44
N VAL A 33 10.65 -7.23 -6.60
CA VAL A 33 10.70 -8.47 -5.82
C VAL A 33 9.94 -8.30 -4.52
N LEU A 34 10.14 -7.16 -3.88
CA LEU A 34 9.46 -6.87 -2.61
C LEU A 34 9.12 -5.39 -2.52
N PRO A 35 8.11 -5.06 -1.76
CA PRO A 35 7.65 -3.65 -1.59
C PRO A 35 8.61 -2.83 -0.74
N TRP A 36 8.71 -1.55 -1.04
CA TRP A 36 9.60 -0.65 -0.30
C TRP A 36 8.78 0.38 0.46
N SER A 37 9.43 1.45 0.89
CA SER A 37 8.77 2.52 1.63
C SER A 37 8.81 3.82 0.86
N LEU A 38 7.84 4.69 1.12
CA LEU A 38 7.79 5.99 0.46
C LEU A 38 7.65 7.11 1.48
N HIS A 39 8.34 8.22 1.23
CA HIS A 39 8.29 9.37 2.13
C HIS A 39 7.42 10.48 1.55
N ILE A 40 6.36 10.84 2.27
CA ILE A 40 5.46 11.89 1.81
C ILE A 40 5.29 12.95 2.89
N THR A 41 5.63 14.19 2.54
CA THR A 41 5.50 15.30 3.48
C THR A 41 4.30 16.17 3.11
N THR A 42 3.37 16.32 4.05
CA THR A 42 2.18 17.13 3.81
C THR A 42 2.07 18.25 4.83
N ASN A 43 1.49 19.37 4.42
CA ASN A 43 1.33 20.51 5.31
C ASN A 43 0.04 20.39 6.13
N ASP A 44 -0.35 19.15 6.41
CA ASP A 44 -1.56 18.90 7.19
C ASP A 44 -1.22 18.27 8.53
N ALA A 45 0.06 17.98 8.74
CA ALA A 45 0.50 17.38 9.99
C ALA A 45 0.04 15.93 10.09
N ALA A 46 -1.10 15.63 9.45
CA ALA A 46 -1.63 14.28 9.47
C ALA A 46 -2.53 14.03 8.27
N VAL A 47 -2.40 12.84 7.67
CA VAL A 47 -3.20 12.49 6.52
C VAL A 47 -2.95 11.04 6.12
N MET A 48 -3.99 10.37 5.64
CA MET A 48 -3.86 8.97 5.23
C MET A 48 -3.84 8.86 3.71
N GLY A 49 -3.22 7.79 3.21
CA GLY A 49 -3.14 7.58 1.77
C GLY A 49 -3.77 6.24 1.39
N ASN A 50 -4.14 6.10 0.12
CA ASN A 50 -4.75 4.85 -0.35
C ASN A 50 -3.82 4.14 -1.33
N ILE A 51 -3.47 2.90 -1.01
CA ILE A 51 -2.59 2.12 -1.86
C ILE A 51 -3.16 0.72 -2.07
N VAL A 52 -3.05 0.22 -3.30
CA VAL A 52 -3.56 -1.11 -3.62
C VAL A 52 -2.44 -1.97 -4.20
N ALA A 53 -2.63 -3.29 -4.14
CA ALA A 53 -1.63 -4.21 -4.66
C ALA A 53 -2.29 -5.25 -5.57
N GLN A 54 -1.51 -5.76 -6.51
CA GLN A 54 -2.01 -6.77 -7.45
C GLN A 54 -1.01 -7.91 -7.59
N GLY A 55 -0.79 -8.62 -6.50
CA GLY A 55 0.16 -9.73 -6.51
C GLY A 55 -0.46 -10.98 -5.87
N ASN A 56 0.16 -12.13 -6.11
CA ASN A 56 -0.34 -13.38 -5.56
C ASN A 56 0.06 -13.53 -4.10
N SER A 57 0.37 -12.39 -3.48
CA SER A 57 0.77 -12.40 -2.07
C SER A 57 -0.28 -13.10 -1.22
N ASP A 58 -0.11 -13.04 0.10
CA ASP A 58 -1.05 -13.69 1.01
C ASP A 58 -1.69 -12.65 1.94
N SER A 59 -0.91 -12.17 2.90
CA SER A 59 -1.38 -11.18 3.85
C SER A 59 -1.15 -9.78 3.34
N ILE A 60 -2.19 -9.00 3.22
CA ILE A 60 -2.06 -7.62 2.75
C ILE A 60 -2.80 -6.65 3.68
N GLY A 61 -2.17 -5.51 3.94
CA GLY A 61 -2.78 -4.51 4.82
C GLY A 61 -1.97 -3.22 4.80
N CYS A 62 -2.68 -2.09 4.89
CA CYS A 62 -2.02 -0.79 4.89
C CYS A 62 -2.28 -0.06 6.20
N ARG A 63 -1.40 0.88 6.54
CA ARG A 63 -1.54 1.64 7.78
C ARG A 63 -0.74 2.94 7.71
N ILE A 64 -1.28 3.98 8.35
CA ILE A 64 -0.62 5.29 8.37
C ILE A 64 -0.57 5.83 9.78
N THR A 65 0.63 6.11 10.27
CA THR A 65 0.80 6.64 11.63
C THR A 65 1.46 8.02 11.59
N VAL A 66 0.99 8.91 12.46
CA VAL A 66 1.53 10.26 12.52
C VAL A 66 2.02 10.58 13.93
N ASP A 67 3.10 11.34 14.02
CA ASP A 67 3.66 11.71 15.31
C ASP A 67 3.90 10.47 16.17
N GLY A 68 3.76 9.30 15.55
CA GLY A 68 3.97 8.04 16.27
C GLY A 68 2.68 7.57 16.92
N LYS A 69 1.59 8.28 16.65
CA LYS A 69 0.30 7.92 17.22
C LYS A 69 -0.60 7.30 16.16
N VAL A 70 -1.14 6.11 16.46
CA VAL A 70 -2.02 5.42 15.53
C VAL A 70 -3.36 6.14 15.42
N ARG A 71 -3.67 6.59 14.21
CA ARG A 71 -4.93 7.29 13.98
C ARG A 71 -5.94 6.38 13.29
N ALA A 72 -5.70 6.13 12.00
CA ALA A 72 -6.58 5.27 11.22
C ALA A 72 -5.76 4.30 10.38
N GLU A 73 -6.08 3.01 10.48
CA GLU A 73 -5.36 2.00 9.72
C GLU A 73 -6.29 0.85 9.35
N ARG A 74 -6.38 0.57 8.05
CA ARG A 74 -7.22 -0.51 7.57
C ARG A 74 -6.39 -1.75 7.27
N VAL A 75 -6.63 -2.82 8.03
CA VAL A 75 -5.89 -4.06 7.82
C VAL A 75 -6.84 -5.22 7.57
N SER A 76 -6.73 -5.81 6.38
CA SER A 76 -7.58 -6.93 6.01
C SER A 76 -6.75 -8.06 5.40
N ASN A 77 -6.83 -9.24 6.00
CA ASN A 77 -6.09 -10.38 5.51
C ASN A 77 -6.95 -11.22 4.56
N GLU A 78 -6.41 -11.52 3.39
CA GLU A 78 -7.15 -12.31 2.41
C GLU A 78 -6.19 -13.08 1.51
N VAL A 79 -6.45 -14.37 1.35
CA VAL A 79 -5.61 -15.22 0.51
C VAL A 79 -5.70 -14.78 -0.95
N ASN A 80 -4.65 -14.11 -1.42
CA ASN A 80 -4.62 -13.65 -2.80
C ASN A 80 -5.68 -12.57 -3.03
N ALA A 81 -5.35 -11.34 -2.66
CA ALA A 81 -6.28 -10.22 -2.81
C ALA A 81 -6.55 -9.96 -4.30
N TYR A 82 -7.67 -9.32 -4.59
CA TYR A 82 -8.04 -9.01 -5.96
C TYR A 82 -8.15 -10.29 -6.78
N THR A 83 -7.03 -10.73 -7.34
CA THR A 83 -7.01 -11.94 -8.15
C THR A 83 -7.92 -13.00 -7.55
N TYR A 84 -8.73 -13.63 -8.40
CA TYR A 84 -9.65 -14.67 -7.94
C TYR A 84 -9.43 -15.96 -8.73
N CYS A 85 -9.02 -15.82 -9.98
CA CYS A 85 -8.78 -16.98 -10.83
C CYS A 85 -7.80 -17.94 -10.16
N LEU A 86 -7.14 -18.76 -10.96
CA LEU A 86 -6.19 -19.73 -10.43
C LEU A 86 -4.92 -19.76 -11.29
N VAL A 87 -4.98 -19.11 -12.45
CA VAL A 87 -3.84 -19.07 -13.34
C VAL A 87 -3.78 -17.74 -14.10
N LYS A 88 -2.60 -17.13 -14.13
CA LYS A 88 -2.41 -15.86 -14.83
C LYS A 88 -2.98 -14.71 -13.98
N SER A 89 -2.92 -13.51 -14.54
CA SER A 89 -3.42 -12.33 -13.84
C SER A 89 -4.37 -11.54 -14.73
N ALA A 90 -4.68 -12.10 -15.89
CA ALA A 90 -5.58 -11.44 -16.84
C ALA A 90 -6.91 -11.12 -16.16
N MET A 1 4.15 13.79 11.82
CA MET A 1 4.95 14.79 11.05
C MET A 1 5.09 14.31 9.61
N HIS A 2 5.63 13.12 9.43
CA HIS A 2 5.82 12.55 8.10
C HIS A 2 4.94 11.33 7.91
N LEU A 3 4.17 11.31 6.83
CA LEU A 3 3.29 10.20 6.54
C LEU A 3 3.95 9.22 5.58
N THR A 4 4.21 8.01 6.06
CA THR A 4 4.86 6.99 5.23
C THR A 4 4.00 5.73 5.14
N TYR A 5 4.03 5.10 3.97
CA TYR A 5 3.26 3.88 3.75
C TYR A 5 4.19 2.72 3.43
N GLU A 6 3.80 1.52 3.81
CA GLU A 6 4.62 0.34 3.54
C GLU A 6 3.78 -0.92 3.50
N ILE A 7 4.05 -1.79 2.52
CA ILE A 7 3.33 -3.04 2.38
C ILE A 7 4.27 -4.22 2.57
N PHE A 8 3.72 -5.38 2.84
CA PHE A 8 4.54 -6.59 3.04
C PHE A 8 3.88 -7.81 2.41
N GLY A 9 4.70 -8.76 2.00
CA GLY A 9 4.20 -9.99 1.37
C GLY A 9 5.30 -11.05 1.30
N PRO A 10 4.93 -12.25 0.98
CA PRO A 10 5.90 -13.38 0.88
C PRO A 10 7.15 -12.98 0.09
N PRO A 11 8.29 -13.50 0.48
CA PRO A 11 9.58 -13.19 -0.20
C PRO A 11 9.60 -13.69 -1.64
N GLY A 12 9.79 -12.76 -2.58
CA GLY A 12 9.84 -13.12 -4.00
C GLY A 12 8.48 -12.89 -4.66
N THR A 13 7.53 -12.37 -3.90
CA THR A 13 6.19 -12.12 -4.44
C THR A 13 6.19 -10.83 -5.26
N VAL A 14 5.44 -10.85 -6.37
CA VAL A 14 5.35 -9.69 -7.24
C VAL A 14 4.04 -8.94 -7.01
N ALA A 15 4.15 -7.64 -6.78
CA ALA A 15 2.96 -6.81 -6.54
C ALA A 15 3.12 -5.44 -7.18
N ASP A 16 2.01 -4.90 -7.68
CA ASP A 16 2.02 -3.59 -8.32
C ASP A 16 1.48 -2.53 -7.36
N ILE A 17 2.34 -1.58 -6.99
CA ILE A 17 1.93 -0.52 -6.08
C ILE A 17 1.63 0.77 -6.83
N SER A 18 0.42 1.29 -6.62
CA SER A 18 -0.02 2.52 -7.27
C SER A 18 -0.72 3.42 -6.28
N TYR A 19 -0.25 4.66 -6.15
CA TYR A 19 -0.87 5.60 -5.22
C TYR A 19 -0.76 7.03 -5.76
N PHE A 20 -1.48 7.94 -5.11
CA PHE A 20 -1.47 9.34 -5.51
C PHE A 20 -0.32 10.08 -4.82
N ASP A 21 0.53 10.73 -5.61
CA ASP A 21 1.66 11.47 -5.06
C ASP A 21 1.27 12.92 -4.78
N VAL A 22 1.99 13.54 -3.84
CA VAL A 22 1.71 14.93 -3.49
C VAL A 22 1.68 15.80 -4.73
N ASN A 23 2.55 15.50 -5.68
CA ASN A 23 2.63 16.26 -6.92
C ASN A 23 1.61 15.73 -7.93
N SER A 24 0.72 14.87 -7.46
CA SER A 24 -0.30 14.29 -8.33
C SER A 24 0.28 13.11 -9.09
N GLU A 25 1.20 13.40 -10.01
CA GLU A 25 1.82 12.36 -10.81
C GLU A 25 1.94 11.07 -9.99
N PRO A 26 1.09 10.10 -10.27
CA PRO A 26 1.11 8.81 -9.52
C PRO A 26 2.24 7.89 -9.97
N GLN A 27 2.87 7.23 -9.01
CA GLN A 27 3.97 6.32 -9.30
C GLN A 27 3.47 4.88 -9.38
N ARG A 28 4.11 4.08 -10.22
CA ARG A 28 3.72 2.68 -10.38
C ARG A 28 4.95 1.82 -10.64
N VAL A 29 5.08 0.74 -9.88
CA VAL A 29 6.21 -0.16 -10.04
C VAL A 29 5.76 -1.49 -10.64
N ASP A 30 6.37 -1.88 -11.76
CA ASP A 30 6.01 -3.12 -12.42
C ASP A 30 7.20 -4.08 -12.43
N GLY A 31 7.02 -5.23 -11.79
CA GLY A 31 8.09 -6.23 -11.72
C GLY A 31 8.82 -6.16 -10.39
N ALA A 32 8.21 -5.50 -9.41
CA ALA A 32 8.82 -5.37 -8.10
C ALA A 32 8.81 -6.70 -7.36
N VAL A 33 9.94 -7.04 -6.74
CA VAL A 33 10.04 -8.28 -6.00
C VAL A 33 9.42 -8.16 -4.62
N LEU A 34 9.61 -7.01 -3.98
CA LEU A 34 9.06 -6.78 -2.66
C LEU A 34 8.70 -5.31 -2.47
N PRO A 35 7.81 -5.04 -1.56
CA PRO A 35 7.36 -3.64 -1.26
C PRO A 35 8.46 -2.81 -0.60
N TRP A 36 8.32 -1.50 -0.66
CA TRP A 36 9.31 -0.60 -0.06
C TRP A 36 8.61 0.48 0.77
N SER A 37 9.38 1.48 1.19
CA SER A 37 8.86 2.57 2.00
C SER A 37 9.33 3.91 1.48
N LEU A 38 8.48 4.92 1.57
CA LEU A 38 8.85 6.27 1.13
C LEU A 38 8.35 7.31 2.12
N HIS A 39 9.00 8.47 2.14
CA HIS A 39 8.62 9.54 3.05
C HIS A 39 8.13 10.76 2.28
N ILE A 40 7.02 11.33 2.75
CA ILE A 40 6.45 12.50 2.11
C ILE A 40 6.18 13.60 3.14
N THR A 41 6.64 14.80 2.86
CA THR A 41 6.45 15.92 3.79
C THR A 41 5.55 16.99 3.16
N THR A 42 4.53 17.39 3.91
CA THR A 42 3.60 18.42 3.43
C THR A 42 3.42 19.50 4.49
N ASN A 43 3.66 20.75 4.10
CA ASN A 43 3.53 21.87 5.02
C ASN A 43 3.73 21.41 6.46
N ASP A 44 2.64 21.30 7.20
CA ASP A 44 2.71 20.87 8.60
C ASP A 44 1.36 20.35 9.07
N ALA A 45 1.06 19.09 8.73
CA ALA A 45 -0.20 18.50 9.13
C ALA A 45 -0.17 16.99 8.90
N ALA A 46 -0.88 16.26 9.75
CA ALA A 46 -0.93 14.80 9.64
C ALA A 46 -2.01 14.39 8.65
N VAL A 47 -1.63 13.57 7.67
CA VAL A 47 -2.57 13.11 6.66
C VAL A 47 -2.33 11.64 6.32
N MET A 48 -3.40 10.95 5.93
CA MET A 48 -3.31 9.53 5.57
C MET A 48 -3.33 9.38 4.05
N GLY A 49 -3.09 8.16 3.59
CA GLY A 49 -3.09 7.89 2.15
C GLY A 49 -3.79 6.59 1.82
N ASN A 50 -4.18 6.43 0.57
CA ASN A 50 -4.85 5.21 0.13
C ASN A 50 -4.00 4.45 -0.87
N ILE A 51 -3.57 3.24 -0.48
CA ILE A 51 -2.74 2.43 -1.36
C ILE A 51 -3.29 1.00 -1.43
N VAL A 52 -3.23 0.41 -2.62
CA VAL A 52 -3.73 -0.94 -2.82
C VAL A 52 -2.70 -1.81 -3.51
N ALA A 53 -2.80 -3.12 -3.29
CA ALA A 53 -1.86 -4.06 -3.91
C ALA A 53 -2.60 -5.07 -4.77
N GLN A 54 -1.95 -5.51 -5.85
CA GLN A 54 -2.57 -6.48 -6.75
C GLN A 54 -1.58 -7.59 -7.11
N GLY A 55 -1.03 -8.23 -6.08
CA GLY A 55 -0.07 -9.31 -6.31
C GLY A 55 -0.49 -10.57 -5.55
N ASN A 56 0.09 -11.70 -5.94
CA ASN A 56 -0.23 -12.97 -5.30
C ASN A 56 0.50 -13.09 -3.97
N SER A 57 -0.13 -12.62 -2.90
CA SER A 57 0.48 -12.68 -1.57
C SER A 57 -0.35 -13.54 -0.63
N ASP A 58 0.13 -13.71 0.60
CA ASP A 58 -0.58 -14.51 1.59
C ASP A 58 -1.00 -13.64 2.77
N SER A 59 -0.67 -12.37 2.70
CA SER A 59 -0.99 -11.43 3.78
C SER A 59 -0.70 -10.01 3.36
N ILE A 60 -1.64 -9.37 2.69
CA ILE A 60 -1.45 -7.99 2.23
C ILE A 60 -2.35 -7.05 3.02
N GLY A 61 -1.75 -5.98 3.56
CA GLY A 61 -2.51 -5.00 4.32
C GLY A 61 -1.84 -3.63 4.26
N CYS A 62 -2.58 -2.60 4.64
CA CYS A 62 -2.05 -1.24 4.62
C CYS A 62 -2.18 -0.59 5.99
N ARG A 63 -1.29 0.37 6.27
CA ARG A 63 -1.32 1.06 7.55
C ARG A 63 -0.55 2.39 7.44
N ILE A 64 -1.04 3.40 8.15
CA ILE A 64 -0.40 4.71 8.12
C ILE A 64 -0.08 5.20 9.53
N THR A 65 1.14 5.70 9.71
CA THR A 65 1.56 6.20 11.01
C THR A 65 2.00 7.65 10.91
N VAL A 66 1.38 8.52 11.71
CA VAL A 66 1.72 9.94 11.68
C VAL A 66 1.93 10.46 13.11
N ASP A 67 2.81 11.44 13.25
CA ASP A 67 3.10 12.01 14.56
C ASP A 67 3.39 10.92 15.58
N GLY A 68 3.61 9.71 15.09
CA GLY A 68 3.91 8.58 15.97
C GLY A 68 2.63 7.95 16.49
N LYS A 69 1.49 8.50 16.09
CA LYS A 69 0.20 7.96 16.53
C LYS A 69 -0.58 7.39 15.34
N VAL A 70 -1.21 6.23 15.56
CA VAL A 70 -1.98 5.59 14.50
C VAL A 70 -3.39 6.17 14.45
N ARG A 71 -3.75 6.77 13.32
CA ARG A 71 -5.07 7.35 13.16
C ARG A 71 -6.03 6.32 12.57
N ALA A 72 -5.74 5.86 11.36
CA ALA A 72 -6.59 4.88 10.70
C ALA A 72 -5.84 3.56 10.52
N GLU A 73 -6.48 2.46 10.89
CA GLU A 73 -5.86 1.15 10.78
C GLU A 73 -6.79 0.17 10.06
N ARG A 74 -6.31 -0.38 8.94
CA ARG A 74 -7.10 -1.33 8.18
C ARG A 74 -6.30 -2.60 7.91
N VAL A 75 -6.83 -3.74 8.34
CA VAL A 75 -6.14 -5.01 8.14
C VAL A 75 -7.01 -5.98 7.36
N SER A 76 -6.52 -6.42 6.21
CA SER A 76 -7.26 -7.35 5.36
C SER A 76 -6.40 -8.54 4.98
N ASN A 77 -6.79 -9.72 5.44
CA ASN A 77 -6.04 -10.93 5.13
C ASN A 77 -6.64 -11.64 3.91
N GLU A 78 -5.79 -11.98 2.95
CA GLU A 78 -6.26 -12.64 1.75
C GLU A 78 -5.16 -13.55 1.17
N VAL A 79 -5.53 -14.79 0.88
CA VAL A 79 -4.59 -15.75 0.32
C VAL A 79 -4.64 -15.70 -1.21
N ASN A 80 -5.20 -14.61 -1.73
CA ASN A 80 -5.31 -14.45 -3.18
C ASN A 80 -5.97 -13.11 -3.51
N ALA A 81 -5.27 -12.03 -3.17
CA ALA A 81 -5.79 -10.70 -3.44
C ALA A 81 -5.65 -10.34 -4.92
N TYR A 82 -6.76 -10.00 -5.55
CA TYR A 82 -6.75 -9.64 -6.97
C TYR A 82 -8.05 -8.96 -7.36
N THR A 83 -9.11 -9.26 -6.62
CA THR A 83 -10.42 -8.67 -6.91
C THR A 83 -10.72 -7.54 -5.93
N TYR A 84 -11.99 -7.15 -5.86
CA TYR A 84 -12.39 -6.07 -4.97
C TYR A 84 -13.26 -6.60 -3.84
N CYS A 85 -12.84 -7.73 -3.26
CA CYS A 85 -13.59 -8.33 -2.16
C CYS A 85 -13.87 -7.29 -1.08
N LEU A 86 -14.94 -6.53 -1.26
CA LEU A 86 -15.30 -5.50 -0.29
C LEU A 86 -15.73 -6.14 1.03
N VAL A 87 -14.75 -6.48 1.86
CA VAL A 87 -15.03 -7.11 3.15
C VAL A 87 -14.24 -6.43 4.25
N LYS A 88 -14.73 -6.52 5.48
CA LYS A 88 -14.06 -5.90 6.62
C LYS A 88 -13.02 -6.85 7.20
N SER A 89 -13.45 -8.07 7.49
CA SER A 89 -12.56 -9.07 8.07
C SER A 89 -12.99 -10.47 7.66
N ALA A 90 -12.97 -11.39 8.62
CA ALA A 90 -13.36 -12.77 8.36
C ALA A 90 -14.81 -12.83 7.90
N MET A 1 5.93 14.11 12.25
CA MET A 1 5.00 14.87 11.37
C MET A 1 5.17 14.41 9.93
N HIS A 2 5.82 13.26 9.75
CA HIS A 2 6.05 12.73 8.42
C HIS A 2 5.15 11.52 8.17
N LEU A 3 4.43 11.54 7.06
CA LEU A 3 3.53 10.44 6.71
C LEU A 3 4.22 9.48 5.75
N THR A 4 4.44 8.25 6.21
CA THR A 4 5.09 7.25 5.38
C THR A 4 4.25 5.98 5.31
N TYR A 5 4.04 5.49 4.09
CA TYR A 5 3.25 4.27 3.89
C TYR A 5 4.09 3.20 3.22
N GLU A 6 3.80 1.94 3.52
CA GLU A 6 4.56 0.85 2.93
C GLU A 6 3.73 -0.45 2.94
N ILE A 7 3.93 -1.27 1.91
CA ILE A 7 3.22 -2.53 1.81
C ILE A 7 4.22 -3.69 1.92
N PHE A 8 3.71 -4.87 2.25
CA PHE A 8 4.59 -6.04 2.39
C PHE A 8 3.93 -7.28 1.82
N GLY A 9 4.76 -8.26 1.45
CA GLY A 9 4.27 -9.51 0.90
C GLY A 9 5.33 -10.60 1.01
N PRO A 10 4.99 -11.81 0.65
CA PRO A 10 5.93 -12.97 0.70
C PRO A 10 7.26 -12.65 0.02
N PRO A 11 8.30 -13.37 0.38
CA PRO A 11 9.66 -13.17 -0.21
C PRO A 11 9.76 -13.73 -1.62
N GLY A 12 10.05 -12.85 -2.58
CA GLY A 12 10.17 -13.26 -3.97
C GLY A 12 8.87 -13.02 -4.74
N THR A 13 7.95 -12.31 -4.11
CA THR A 13 6.67 -12.01 -4.74
C THR A 13 6.79 -10.80 -5.64
N VAL A 14 5.97 -10.75 -6.69
CA VAL A 14 6.01 -9.62 -7.62
C VAL A 14 4.62 -9.02 -7.78
N ALA A 15 4.51 -7.73 -7.48
CA ALA A 15 3.23 -7.03 -7.59
C ALA A 15 3.44 -5.60 -8.08
N ASP A 16 2.42 -5.05 -8.73
CA ASP A 16 2.51 -3.68 -9.23
C ASP A 16 1.88 -2.70 -8.25
N ILE A 17 2.72 -1.81 -7.69
CA ILE A 17 2.23 -0.83 -6.72
C ILE A 17 1.85 0.47 -7.42
N SER A 18 0.68 0.99 -7.08
CA SER A 18 0.17 2.22 -7.66
C SER A 18 -0.41 3.13 -6.59
N TYR A 19 0.03 4.37 -6.54
CA TYR A 19 -0.50 5.30 -5.54
C TYR A 19 -0.45 6.73 -6.08
N PHE A 20 -1.29 7.61 -5.52
CA PHE A 20 -1.32 9.00 -5.95
C PHE A 20 -0.30 9.82 -5.17
N ASP A 21 0.58 10.50 -5.90
CA ASP A 21 1.61 11.32 -5.27
C ASP A 21 1.06 12.70 -4.92
N VAL A 22 1.69 13.36 -3.95
CA VAL A 22 1.24 14.68 -3.54
C VAL A 22 1.30 15.66 -4.71
N ASN A 23 2.24 15.42 -5.63
CA ASN A 23 2.38 16.28 -6.79
C ASN A 23 1.63 15.68 -7.98
N SER A 24 0.82 14.67 -7.71
CA SER A 24 0.05 14.01 -8.77
C SER A 24 0.90 12.93 -9.43
N GLU A 25 1.92 13.35 -10.17
CA GLU A 25 2.80 12.40 -10.85
C GLU A 25 2.88 11.09 -10.08
N PRO A 26 2.07 10.13 -10.44
CA PRO A 26 2.05 8.80 -9.75
C PRO A 26 3.22 7.93 -10.18
N GLN A 27 3.78 7.19 -9.22
CA GLN A 27 4.91 6.32 -9.51
C GLN A 27 4.50 4.85 -9.49
N ARG A 28 5.05 4.08 -10.43
CA ARG A 28 4.74 2.66 -10.51
C ARG A 28 6.03 1.86 -10.74
N VAL A 29 6.19 0.77 -9.98
CA VAL A 29 7.38 -0.05 -10.10
C VAL A 29 7.09 -1.29 -10.95
N ASP A 30 8.02 -1.61 -11.85
CA ASP A 30 7.86 -2.76 -12.72
C ASP A 30 8.89 -3.83 -12.39
N GLY A 31 8.44 -4.88 -11.70
CA GLY A 31 9.35 -5.97 -11.32
C GLY A 31 9.80 -5.82 -9.88
N ALA A 32 8.92 -5.30 -9.04
CA ALA A 32 9.25 -5.09 -7.63
C ALA A 32 9.35 -6.44 -6.92
N VAL A 33 10.22 -6.51 -5.91
CA VAL A 33 10.41 -7.74 -5.15
C VAL A 33 9.80 -7.60 -3.76
N LEU A 34 9.60 -6.36 -3.34
CA LEU A 34 9.02 -6.09 -2.02
C LEU A 34 8.80 -4.59 -1.84
N PRO A 35 7.56 -4.16 -1.73
CA PRO A 35 7.25 -2.71 -1.54
C PRO A 35 7.97 -2.12 -0.33
N TRP A 36 8.40 -0.87 -0.46
CA TRP A 36 9.10 -0.19 0.63
C TRP A 36 8.24 0.92 1.21
N SER A 37 8.89 2.01 1.61
CA SER A 37 8.19 3.15 2.21
C SER A 37 8.67 4.45 1.61
N LEU A 38 7.84 5.47 1.66
CA LEU A 38 8.20 6.78 1.13
C LEU A 38 7.94 7.87 2.16
N HIS A 39 8.71 8.95 2.10
CA HIS A 39 8.55 10.05 3.04
C HIS A 39 7.89 11.24 2.36
N ILE A 40 6.72 11.63 2.87
CA ILE A 40 5.98 12.75 2.31
C ILE A 40 5.65 13.77 3.40
N THR A 41 5.81 15.05 3.08
CA THR A 41 5.52 16.12 4.04
C THR A 41 4.18 16.78 3.71
N THR A 42 3.33 16.91 4.72
CA THR A 42 2.02 17.53 4.53
C THR A 42 1.91 18.81 5.35
N ASN A 43 1.29 19.83 4.77
CA ASN A 43 1.11 21.10 5.46
C ASN A 43 0.55 20.89 6.86
N ASP A 44 1.41 20.51 7.79
CA ASP A 44 0.98 20.27 9.17
C ASP A 44 -0.42 19.69 9.19
N ALA A 45 -0.53 18.39 8.94
CA ALA A 45 -1.82 17.73 8.94
C ALA A 45 -1.65 16.22 8.89
N ALA A 46 -2.55 15.50 9.56
CA ALA A 46 -2.48 14.04 9.58
C ALA A 46 -3.60 13.45 8.74
N VAL A 47 -3.23 12.79 7.64
CA VAL A 47 -4.22 12.18 6.76
C VAL A 47 -3.79 10.76 6.38
N MET A 48 -4.77 9.94 6.00
CA MET A 48 -4.49 8.57 5.61
C MET A 48 -4.65 8.40 4.10
N GLY A 49 -3.56 8.05 3.43
CA GLY A 49 -3.58 7.84 1.99
C GLY A 49 -4.30 6.54 1.64
N ASN A 50 -4.72 6.42 0.38
CA ASN A 50 -5.42 5.23 -0.07
C ASN A 50 -4.58 4.46 -1.08
N ILE A 51 -4.16 3.25 -0.70
CA ILE A 51 -3.35 2.42 -1.59
C ILE A 51 -3.92 1.02 -1.69
N VAL A 52 -3.91 0.45 -2.90
CA VAL A 52 -4.43 -0.89 -3.12
C VAL A 52 -3.41 -1.73 -3.89
N ALA A 53 -3.49 -3.04 -3.73
CA ALA A 53 -2.58 -3.94 -4.43
C ALA A 53 -3.31 -5.19 -4.91
N GLN A 54 -2.75 -5.84 -5.92
CA GLN A 54 -3.35 -7.05 -6.46
C GLN A 54 -2.29 -8.11 -6.73
N GLY A 55 -1.78 -8.72 -5.66
CA GLY A 55 -0.76 -9.75 -5.79
C GLY A 55 -1.14 -11.00 -5.02
N ASN A 56 -0.47 -12.11 -5.32
CA ASN A 56 -0.76 -13.37 -4.65
C ASN A 56 -0.09 -13.40 -3.28
N SER A 57 -0.90 -13.27 -2.23
CA SER A 57 -0.38 -13.30 -0.87
C SER A 57 -1.32 -14.06 0.05
N ASP A 58 -1.06 -14.00 1.35
CA ASP A 58 -1.88 -14.69 2.33
C ASP A 58 -2.21 -13.76 3.50
N SER A 59 -1.80 -12.51 3.38
CA SER A 59 -2.02 -11.53 4.44
C SER A 59 -1.56 -10.16 4.02
N ILE A 60 -2.18 -9.61 2.99
CA ILE A 60 -1.81 -8.29 2.50
C ILE A 60 -2.76 -7.23 3.03
N GLY A 61 -2.21 -6.16 3.59
CA GLY A 61 -3.03 -5.09 4.14
C GLY A 61 -2.32 -3.75 4.03
N CYS A 62 -3.04 -2.68 4.36
CA CYS A 62 -2.48 -1.34 4.31
C CYS A 62 -2.50 -0.69 5.69
N ARG A 63 -1.63 0.29 5.89
CA ARG A 63 -1.57 0.98 7.18
C ARG A 63 -0.85 2.31 7.03
N ILE A 64 -1.34 3.32 7.76
CA ILE A 64 -0.74 4.64 7.70
C ILE A 64 -0.20 5.05 9.07
N THR A 65 1.04 5.52 9.09
CA THR A 65 1.66 5.94 10.35
C THR A 65 1.83 7.46 10.38
N VAL A 66 1.44 8.07 11.49
CA VAL A 66 1.54 9.52 11.63
C VAL A 66 1.96 9.89 13.05
N ASP A 67 2.67 11.01 13.19
CA ASP A 67 3.12 11.46 14.49
C ASP A 67 3.82 10.34 15.25
N GLY A 68 4.27 9.32 14.51
CA GLY A 68 4.96 8.19 15.11
C GLY A 68 3.98 7.30 15.87
N LYS A 69 2.72 7.73 15.94
CA LYS A 69 1.70 6.97 16.64
C LYS A 69 0.56 6.61 15.68
N VAL A 70 0.17 5.34 15.70
CA VAL A 70 -0.91 4.88 14.82
C VAL A 70 -2.26 5.36 15.34
N ARG A 71 -3.09 5.87 14.45
CA ARG A 71 -4.42 6.36 14.83
C ARG A 71 -5.51 5.62 14.06
N ALA A 72 -5.33 5.51 12.76
CA ALA A 72 -6.30 4.83 11.92
C ALA A 72 -5.63 4.14 10.73
N GLU A 73 -5.95 2.87 10.53
CA GLU A 73 -5.37 2.11 9.43
C GLU A 73 -6.33 1.03 8.95
N ARG A 74 -6.18 0.62 7.71
CA ARG A 74 -7.04 -0.41 7.14
C ARG A 74 -6.23 -1.66 6.78
N VAL A 75 -6.54 -2.76 7.46
CA VAL A 75 -5.84 -4.02 7.20
C VAL A 75 -6.82 -5.12 6.85
N SER A 76 -6.57 -5.81 5.75
CA SER A 76 -7.45 -6.89 5.31
C SER A 76 -6.64 -8.16 5.03
N ASN A 77 -7.09 -9.28 5.59
CA ASN A 77 -6.39 -10.55 5.39
C ASN A 77 -7.09 -11.37 4.31
N GLU A 78 -6.30 -11.99 3.45
CA GLU A 78 -6.85 -12.80 2.38
C GLU A 78 -5.93 -14.00 2.10
N VAL A 79 -6.46 -14.97 1.34
CA VAL A 79 -5.69 -16.15 1.00
C VAL A 79 -5.06 -16.00 -0.39
N ASN A 80 -5.38 -14.90 -1.06
CA ASN A 80 -4.86 -14.64 -2.39
C ASN A 80 -5.52 -13.41 -2.99
N ALA A 81 -5.05 -12.23 -2.59
CA ALA A 81 -5.60 -10.98 -3.09
C ALA A 81 -5.36 -10.86 -4.59
N TYR A 82 -6.15 -11.60 -5.37
CA TYR A 82 -6.01 -11.56 -6.82
C TYR A 82 -7.30 -11.04 -7.46
N THR A 83 -8.34 -11.85 -7.41
CA THR A 83 -9.63 -11.47 -7.99
C THR A 83 -10.11 -10.15 -7.40
N TYR A 84 -9.70 -9.88 -6.16
CA TYR A 84 -10.09 -8.65 -5.50
C TYR A 84 -11.61 -8.54 -5.39
N CYS A 85 -12.11 -8.25 -4.20
CA CYS A 85 -13.54 -8.13 -3.98
C CYS A 85 -14.15 -7.15 -4.97
N LEU A 86 -14.41 -7.62 -6.19
CA LEU A 86 -14.99 -6.77 -7.21
C LEU A 86 -16.45 -7.14 -7.47
N VAL A 87 -17.05 -7.81 -6.48
CA VAL A 87 -18.44 -8.23 -6.60
C VAL A 87 -18.60 -9.25 -7.72
N LYS A 88 -19.67 -10.05 -7.65
CA LYS A 88 -19.92 -11.07 -8.65
C LYS A 88 -18.95 -12.24 -8.50
N SER A 89 -18.92 -13.12 -9.49
CA SER A 89 -18.04 -14.28 -9.45
C SER A 89 -18.53 -15.28 -8.41
N ALA A 90 -19.75 -15.09 -7.93
CA ALA A 90 -20.31 -15.98 -6.93
C ALA A 90 -19.32 -16.23 -5.80
#